data_2WFO
# 
_entry.id   2WFO 
# 
_audit_conform.dict_name       mmcif_pdbx.dic 
_audit_conform.dict_version    5.398 
_audit_conform.dict_location   http://mmcif.pdb.org/dictionaries/ascii/mmcif_pdbx.dic 
# 
loop_
_database_2.database_id 
_database_2.database_code 
_database_2.pdbx_database_accession 
_database_2.pdbx_DOI 
PDB   2WFO         pdb_00002wfo 10.2210/pdb2wfo/pdb 
PDBE  EBI-39436    ?            ?                   
WWPDB D_1290039436 ?            ?                   
# 
loop_
_pdbx_audit_revision_history.ordinal 
_pdbx_audit_revision_history.data_content_type 
_pdbx_audit_revision_history.major_revision 
_pdbx_audit_revision_history.minor_revision 
_pdbx_audit_revision_history.revision_date 
1 'Structure model' 1 0 2009-06-16 
2 'Structure model' 1 1 2011-05-08 
3 'Structure model' 1 2 2011-07-13 
4 'Structure model' 1 3 2018-02-28 
5 'Structure model' 2 0 2020-07-29 
6 'Structure model' 2 1 2024-11-13 
# 
loop_
_pdbx_audit_revision_details.ordinal 
_pdbx_audit_revision_details.revision_ordinal 
_pdbx_audit_revision_details.data_content_type 
_pdbx_audit_revision_details.provider 
_pdbx_audit_revision_details.type 
_pdbx_audit_revision_details.description 
_pdbx_audit_revision_details.details 
1 1 'Structure model' repository 'Initial release' ?                          ? 
2 5 'Structure model' repository Remediation       'Carbohydrate remediation' ? 
# 
loop_
_pdbx_audit_revision_group.ordinal 
_pdbx_audit_revision_group.revision_ordinal 
_pdbx_audit_revision_group.data_content_type 
_pdbx_audit_revision_group.group 
1  2 'Structure model' 'Version format compliance' 
2  3 'Structure model' 'Version format compliance' 
3  4 'Structure model' 'Source and taxonomy'       
4  5 'Structure model' 'Atomic model'              
5  5 'Structure model' 'Data collection'           
6  5 'Structure model' 'Derived calculations'      
7  5 'Structure model' Other                       
8  5 'Structure model' 'Structure summary'         
9  6 'Structure model' 'Data collection'           
10 6 'Structure model' 'Database references'       
11 6 'Structure model' 'Structure summary'         
# 
loop_
_pdbx_audit_revision_category.ordinal 
_pdbx_audit_revision_category.revision_ordinal 
_pdbx_audit_revision_category.data_content_type 
_pdbx_audit_revision_category.category 
1  4 'Structure model' entity_src_gen                
2  5 'Structure model' atom_site                     
3  5 'Structure model' chem_comp                     
4  5 'Structure model' entity                        
5  5 'Structure model' pdbx_branch_scheme            
6  5 'Structure model' pdbx_chem_comp_identifier     
7  5 'Structure model' pdbx_database_status          
8  5 'Structure model' pdbx_entity_branch            
9  5 'Structure model' pdbx_entity_branch_descriptor 
10 5 'Structure model' pdbx_entity_branch_link       
11 5 'Structure model' pdbx_entity_branch_list       
12 5 'Structure model' pdbx_entity_nonpoly           
13 5 'Structure model' pdbx_nonpoly_scheme           
14 5 'Structure model' pdbx_struct_assembly_gen      
15 5 'Structure model' struct_asym                   
16 5 'Structure model' struct_conn                   
17 5 'Structure model' struct_site                   
18 5 'Structure model' struct_site_gen               
19 6 'Structure model' chem_comp                     
20 6 'Structure model' chem_comp_atom                
21 6 'Structure model' chem_comp_bond                
22 6 'Structure model' database_2                    
23 6 'Structure model' pdbx_entry_details            
24 6 'Structure model' pdbx_modification_feature     
# 
loop_
_pdbx_audit_revision_item.ordinal 
_pdbx_audit_revision_item.revision_ordinal 
_pdbx_audit_revision_item.data_content_type 
_pdbx_audit_revision_item.item 
1  4 'Structure model' '_entity_src_gen.host_org_common_name'          
2  4 'Structure model' '_entity_src_gen.pdbx_gene_src_scientific_name' 
3  4 'Structure model' '_entity_src_gen.pdbx_host_org_cell_line'       
4  4 'Structure model' '_entity_src_gen.pdbx_host_org_scientific_name' 
5  4 'Structure model' '_entity_src_gen.pdbx_host_org_strain'          
6  5 'Structure model' '_atom_site.B_iso_or_equiv'                     
7  5 'Structure model' '_atom_site.Cartn_x'                            
8  5 'Structure model' '_atom_site.Cartn_y'                            
9  5 'Structure model' '_atom_site.Cartn_z'                            
10 5 'Structure model' '_atom_site.auth_asym_id'                       
11 5 'Structure model' '_atom_site.auth_seq_id'                        
12 5 'Structure model' '_atom_site.label_asym_id'                      
13 5 'Structure model' '_atom_site.label_entity_id'                    
14 5 'Structure model' '_chem_comp.name'                               
15 5 'Structure model' '_chem_comp.type'                               
16 5 'Structure model' '_pdbx_database_status.status_code_sf'          
17 5 'Structure model' '_pdbx_entity_nonpoly.entity_id'                
18 5 'Structure model' '_pdbx_entity_nonpoly.name'                     
19 5 'Structure model' '_pdbx_struct_assembly_gen.asym_id_list'        
20 5 'Structure model' '_struct_conn.pdbx_leaving_atom_flag'           
21 5 'Structure model' '_struct_conn.pdbx_role'                        
22 5 'Structure model' '_struct_conn.ptnr1_auth_asym_id'               
23 5 'Structure model' '_struct_conn.ptnr1_auth_seq_id'                
24 5 'Structure model' '_struct_conn.ptnr1_label_asym_id'              
25 5 'Structure model' '_struct_conn.ptnr2_auth_asym_id'               
26 5 'Structure model' '_struct_conn.ptnr2_auth_seq_id'                
27 5 'Structure model' '_struct_conn.ptnr2_label_asym_id'              
28 6 'Structure model' '_chem_comp.pdbx_synonyms'                      
29 6 'Structure model' '_database_2.pdbx_DOI'                          
30 6 'Structure model' '_database_2.pdbx_database_accession'           
# 
_pdbx_database_status.status_code                     REL 
_pdbx_database_status.entry_id                        2WFO 
_pdbx_database_status.deposit_site                    PDBE 
_pdbx_database_status.process_site                    PDBE 
_pdbx_database_status.SG_entry                        . 
_pdbx_database_status.recvd_initial_deposition_date   2009-04-09 
_pdbx_database_status.pdb_format_compatible           Y 
_pdbx_database_status.status_code_sf                  REL 
_pdbx_database_status.status_code_mr                  ? 
_pdbx_database_status.status_code_cs                  ? 
_pdbx_database_status.methods_development_category    ? 
_pdbx_database_status.status_code_nmr_data            ? 
# 
loop_
_audit_author.name 
_audit_author.pdbx_ordinal 
'Bowden, T.A.' 1 
'Crispin, M.'  2 
'Graham, S.C.' 3 
'Harvey, D.J.' 4 
'Grimes, J.M.' 5 
'Jones, E.Y.'  6 
'Stuart, D.I.' 7 
# 
_citation.id                        primary 
_citation.title                     'Unusual Molecular Architecture of the Machupo Virus Attachment Glycoprotein.' 
_citation.journal_abbrev            J.Virol. 
_citation.journal_volume            83 
_citation.page_first                8259 
_citation.page_last                 ? 
_citation.year                      2009 
_citation.journal_id_ASTM           JOVIAM 
_citation.country                   US 
_citation.journal_id_ISSN           0022-538X 
_citation.journal_id_CSD            0825 
_citation.book_publisher            ? 
_citation.pdbx_database_id_PubMed   19494008 
_citation.pdbx_database_id_DOI      10.1128/JVI.00761-09 
# 
loop_
_citation_author.citation_id 
_citation_author.name 
_citation_author.ordinal 
_citation_author.identifier_ORCID 
primary 'Bowden, T.A.' 1 ? 
primary 'Crispin, M.'  2 ? 
primary 'Graham, S.C.' 3 ? 
primary 'Harvey, D.J.' 4 ? 
primary 'Grimes, J.M.' 5 ? 
primary 'Jones, E.Y.'  6 ? 
primary 'Stuart, D.I.' 7 ? 
# 
loop_
_entity.id 
_entity.type 
_entity.src_method 
_entity.pdbx_description 
_entity.formula_weight 
_entity.pdbx_number_of_molecules 
_entity.pdbx_ec 
_entity.pdbx_mutation 
_entity.pdbx_fragment 
_entity.details 
1 polymer     man 'GLYCOPROTEIN 1'                                                                          21050.939 1   ? ? 
'TFR1 RECEPTOR BINDING DOMAIN, RESIDUES 87-257' 
'N-ACETYLGLUCOSAMINE LINKAGES OBSERVED IN STRUCTURE ASN95, ASN137, ASN166, AND ASN178' 
2 branched    man '2-acetamido-2-deoxy-beta-D-glucopyranose-(1-4)-2-acetamido-2-deoxy-beta-D-glucopyranose' 424.401   1   ? ? ? ? 
3 non-polymer man 2-acetamido-2-deoxy-beta-D-glucopyranose                                                  221.208   3   ? ? ? ? 
4 water       nat water                                                                                     18.015    198 ? ? ? ? 
# 
_entity_name_com.entity_id   1 
_entity_name_com.name        MACV-GP1 
# 
_entity_poly.entity_id                      1 
_entity_poly.type                           'polypeptide(L)' 
_entity_poly.nstd_linkage                   no 
_entity_poly.nstd_monomer                   no 
_entity_poly.pdbx_seq_one_letter_code       
;ELPSLCMLNNSFYYMKGGANIFLIRVSDVSVLMKEYDVSVYEPEDLGNCLNKSDSSWAIHWFSIALGHDWLMDPPMLCRN
KTKKEGSNIQFNISKADESRVYGKKIRNGMRHLFRGFYDPCEEGKVCYVTINQCGDPSSFEYCGTNYLSKCQFDHVNTLH
FLVRSKTHLNFGTGTKHHHHHH
;
_entity_poly.pdbx_seq_one_letter_code_can   
;ELPSLCMLNNSFYYMKGGANIFLIRVSDVSVLMKEYDVSVYEPEDLGNCLNKSDSSWAIHWFSIALGHDWLMDPPMLCRN
KTKKEGSNIQFNISKADESRVYGKKIRNGMRHLFRGFYDPCEEGKVCYVTINQCGDPSSFEYCGTNYLSKCQFDHVNTLH
FLVRSKTHLNFGTGTKHHHHHH
;
_entity_poly.pdbx_strand_id                 A 
_entity_poly.pdbx_target_identifier         ? 
# 
loop_
_pdbx_entity_nonpoly.entity_id 
_pdbx_entity_nonpoly.name 
_pdbx_entity_nonpoly.comp_id 
3 2-acetamido-2-deoxy-beta-D-glucopyranose NAG 
4 water                                    HOH 
# 
loop_
_entity_poly_seq.entity_id 
_entity_poly_seq.num 
_entity_poly_seq.mon_id 
_entity_poly_seq.hetero 
1 1   GLU n 
1 2   LEU n 
1 3   PRO n 
1 4   SER n 
1 5   LEU n 
1 6   CYS n 
1 7   MET n 
1 8   LEU n 
1 9   ASN n 
1 10  ASN n 
1 11  SER n 
1 12  PHE n 
1 13  TYR n 
1 14  TYR n 
1 15  MET n 
1 16  LYS n 
1 17  GLY n 
1 18  GLY n 
1 19  ALA n 
1 20  ASN n 
1 21  ILE n 
1 22  PHE n 
1 23  LEU n 
1 24  ILE n 
1 25  ARG n 
1 26  VAL n 
1 27  SER n 
1 28  ASP n 
1 29  VAL n 
1 30  SER n 
1 31  VAL n 
1 32  LEU n 
1 33  MET n 
1 34  LYS n 
1 35  GLU n 
1 36  TYR n 
1 37  ASP n 
1 38  VAL n 
1 39  SER n 
1 40  VAL n 
1 41  TYR n 
1 42  GLU n 
1 43  PRO n 
1 44  GLU n 
1 45  ASP n 
1 46  LEU n 
1 47  GLY n 
1 48  ASN n 
1 49  CYS n 
1 50  LEU n 
1 51  ASN n 
1 52  LYS n 
1 53  SER n 
1 54  ASP n 
1 55  SER n 
1 56  SER n 
1 57  TRP n 
1 58  ALA n 
1 59  ILE n 
1 60  HIS n 
1 61  TRP n 
1 62  PHE n 
1 63  SER n 
1 64  ILE n 
1 65  ALA n 
1 66  LEU n 
1 67  GLY n 
1 68  HIS n 
1 69  ASP n 
1 70  TRP n 
1 71  LEU n 
1 72  MET n 
1 73  ASP n 
1 74  PRO n 
1 75  PRO n 
1 76  MET n 
1 77  LEU n 
1 78  CYS n 
1 79  ARG n 
1 80  ASN n 
1 81  LYS n 
1 82  THR n 
1 83  LYS n 
1 84  LYS n 
1 85  GLU n 
1 86  GLY n 
1 87  SER n 
1 88  ASN n 
1 89  ILE n 
1 90  GLN n 
1 91  PHE n 
1 92  ASN n 
1 93  ILE n 
1 94  SER n 
1 95  LYS n 
1 96  ALA n 
1 97  ASP n 
1 98  GLU n 
1 99  SER n 
1 100 ARG n 
1 101 VAL n 
1 102 TYR n 
1 103 GLY n 
1 104 LYS n 
1 105 LYS n 
1 106 ILE n 
1 107 ARG n 
1 108 ASN n 
1 109 GLY n 
1 110 MET n 
1 111 ARG n 
1 112 HIS n 
1 113 LEU n 
1 114 PHE n 
1 115 ARG n 
1 116 GLY n 
1 117 PHE n 
1 118 TYR n 
1 119 ASP n 
1 120 PRO n 
1 121 CYS n 
1 122 GLU n 
1 123 GLU n 
1 124 GLY n 
1 125 LYS n 
1 126 VAL n 
1 127 CYS n 
1 128 TYR n 
1 129 VAL n 
1 130 THR n 
1 131 ILE n 
1 132 ASN n 
1 133 GLN n 
1 134 CYS n 
1 135 GLY n 
1 136 ASP n 
1 137 PRO n 
1 138 SER n 
1 139 SER n 
1 140 PHE n 
1 141 GLU n 
1 142 TYR n 
1 143 CYS n 
1 144 GLY n 
1 145 THR n 
1 146 ASN n 
1 147 TYR n 
1 148 LEU n 
1 149 SER n 
1 150 LYS n 
1 151 CYS n 
1 152 GLN n 
1 153 PHE n 
1 154 ASP n 
1 155 HIS n 
1 156 VAL n 
1 157 ASN n 
1 158 THR n 
1 159 LEU n 
1 160 HIS n 
1 161 PHE n 
1 162 LEU n 
1 163 VAL n 
1 164 ARG n 
1 165 SER n 
1 166 LYS n 
1 167 THR n 
1 168 HIS n 
1 169 LEU n 
1 170 ASN n 
1 171 PHE n 
1 172 GLY n 
1 173 THR n 
1 174 GLY n 
1 175 THR n 
1 176 LYS n 
1 177 HIS n 
1 178 HIS n 
1 179 HIS n 
1 180 HIS n 
1 181 HIS n 
1 182 HIS n 
# 
_entity_src_gen.entity_id                          1 
_entity_src_gen.pdbx_src_id                        1 
_entity_src_gen.pdbx_alt_source_flag               sample 
_entity_src_gen.pdbx_seq_type                      ? 
_entity_src_gen.pdbx_beg_seq_num                   ? 
_entity_src_gen.pdbx_end_seq_num                   ? 
_entity_src_gen.gene_src_common_name               ? 
_entity_src_gen.gene_src_genus                     ? 
_entity_src_gen.pdbx_gene_src_gene                 ? 
_entity_src_gen.gene_src_species                   ? 
_entity_src_gen.gene_src_strain                    ? 
_entity_src_gen.gene_src_tissue                    ? 
_entity_src_gen.gene_src_tissue_fraction           ? 
_entity_src_gen.gene_src_details                   ? 
_entity_src_gen.pdbx_gene_src_fragment             ? 
_entity_src_gen.pdbx_gene_src_scientific_name      'Machupo virus' 
_entity_src_gen.pdbx_gene_src_ncbi_taxonomy_id     11628 
_entity_src_gen.pdbx_gene_src_variant              ? 
_entity_src_gen.pdbx_gene_src_cell_line            ? 
_entity_src_gen.pdbx_gene_src_atcc                 ? 
_entity_src_gen.pdbx_gene_src_organ                ? 
_entity_src_gen.pdbx_gene_src_organelle            ? 
_entity_src_gen.pdbx_gene_src_cell                 ? 
_entity_src_gen.pdbx_gene_src_cellular_location    ? 
_entity_src_gen.host_org_common_name               Human 
_entity_src_gen.pdbx_host_org_scientific_name      'Homo sapiens' 
_entity_src_gen.pdbx_host_org_ncbi_taxonomy_id     9606 
_entity_src_gen.host_org_genus                     ? 
_entity_src_gen.pdbx_host_org_gene                 ? 
_entity_src_gen.pdbx_host_org_organ                ? 
_entity_src_gen.host_org_species                   ? 
_entity_src_gen.pdbx_host_org_tissue               ? 
_entity_src_gen.pdbx_host_org_tissue_fraction      ? 
_entity_src_gen.pdbx_host_org_strain               ? 
_entity_src_gen.pdbx_host_org_variant              ? 
_entity_src_gen.pdbx_host_org_cell_line            HEK293T 
_entity_src_gen.pdbx_host_org_atcc                 ? 
_entity_src_gen.pdbx_host_org_culture_collection   ? 
_entity_src_gen.pdbx_host_org_cell                 ? 
_entity_src_gen.pdbx_host_org_organelle            ? 
_entity_src_gen.pdbx_host_org_cellular_location    ? 
_entity_src_gen.pdbx_host_org_vector_type          ? 
_entity_src_gen.pdbx_host_org_vector               ? 
_entity_src_gen.host_org_details                   ? 
_entity_src_gen.expression_system_id               ? 
_entity_src_gen.plasmid_name                       PHLSEC 
_entity_src_gen.plasmid_details                    ? 
_entity_src_gen.pdbx_description                   'SYNTHETICALLY OPTIMIZED CDNA (CODON DEVICES)' 
# 
_pdbx_entity_branch.entity_id   2 
_pdbx_entity_branch.type        oligosaccharide 
# 
loop_
_pdbx_entity_branch_descriptor.ordinal 
_pdbx_entity_branch_descriptor.entity_id 
_pdbx_entity_branch_descriptor.descriptor 
_pdbx_entity_branch_descriptor.type 
_pdbx_entity_branch_descriptor.program 
_pdbx_entity_branch_descriptor.program_version 
1 2 DGlcpNAcb1-4DGlcpNAcb1-                               'Glycam Condensed Sequence' GMML       1.0   
2 2 'WURCS=2.0/1,2,1/[a2122h-1b_1-5_2*NCC/3=O]/1-1/a4-b1' WURCS                       PDB2Glycan 1.1.0 
3 2 '[]{[(4+1)][b-D-GlcpNAc]{[(4+1)][b-D-GlcpNAc]{}}}'    LINUCS                      PDB-CARE   ?     
# 
_pdbx_entity_branch_link.link_id                    1 
_pdbx_entity_branch_link.entity_id                  2 
_pdbx_entity_branch_link.entity_branch_list_num_1   2 
_pdbx_entity_branch_link.comp_id_1                  NAG 
_pdbx_entity_branch_link.atom_id_1                  C1 
_pdbx_entity_branch_link.leaving_atom_id_1          O1 
_pdbx_entity_branch_link.entity_branch_list_num_2   1 
_pdbx_entity_branch_link.comp_id_2                  NAG 
_pdbx_entity_branch_link.atom_id_2                  O4 
_pdbx_entity_branch_link.leaving_atom_id_2          HO4 
_pdbx_entity_branch_link.value_order                sing 
_pdbx_entity_branch_link.details                    ? 
# 
loop_
_chem_comp.id 
_chem_comp.type 
_chem_comp.mon_nstd_flag 
_chem_comp.name 
_chem_comp.pdbx_synonyms 
_chem_comp.formula 
_chem_comp.formula_weight 
ALA 'L-peptide linking'          y ALANINE                                  ? 'C3 H7 N O2'     89.093  
ARG 'L-peptide linking'          y ARGININE                                 ? 'C6 H15 N4 O2 1' 175.209 
ASN 'L-peptide linking'          y ASPARAGINE                               ? 'C4 H8 N2 O3'    132.118 
ASP 'L-peptide linking'          y 'ASPARTIC ACID'                          ? 'C4 H7 N O4'     133.103 
CYS 'L-peptide linking'          y CYSTEINE                                 ? 'C3 H7 N O2 S'   121.158 
GLN 'L-peptide linking'          y GLUTAMINE                                ? 'C5 H10 N2 O3'   146.144 
GLU 'L-peptide linking'          y 'GLUTAMIC ACID'                          ? 'C5 H9 N O4'     147.129 
GLY 'peptide linking'            y GLYCINE                                  ? 'C2 H5 N O2'     75.067  
HIS 'L-peptide linking'          y HISTIDINE                                ? 'C6 H10 N3 O2 1' 156.162 
HOH non-polymer                  . WATER                                    ? 'H2 O'           18.015  
ILE 'L-peptide linking'          y ISOLEUCINE                               ? 'C6 H13 N O2'    131.173 
LEU 'L-peptide linking'          y LEUCINE                                  ? 'C6 H13 N O2'    131.173 
LYS 'L-peptide linking'          y LYSINE                                   ? 'C6 H15 N2 O2 1' 147.195 
MET 'L-peptide linking'          y METHIONINE                               ? 'C5 H11 N O2 S'  149.211 
NAG 'D-saccharide, beta linking' . 2-acetamido-2-deoxy-beta-D-glucopyranose 
;N-acetyl-beta-D-glucosamine; 2-acetamido-2-deoxy-beta-D-glucose; 2-acetamido-2-deoxy-D-glucose; 2-acetamido-2-deoxy-glucose; N-ACETYL-D-GLUCOSAMINE
;
'C8 H15 N O6'    221.208 
PHE 'L-peptide linking'          y PHENYLALANINE                            ? 'C9 H11 N O2'    165.189 
PRO 'L-peptide linking'          y PROLINE                                  ? 'C5 H9 N O2'     115.130 
SER 'L-peptide linking'          y SERINE                                   ? 'C3 H7 N O3'     105.093 
THR 'L-peptide linking'          y THREONINE                                ? 'C4 H9 N O3'     119.119 
TRP 'L-peptide linking'          y TRYPTOPHAN                               ? 'C11 H12 N2 O2'  204.225 
TYR 'L-peptide linking'          y TYROSINE                                 ? 'C9 H11 N O3'    181.189 
VAL 'L-peptide linking'          y VALINE                                   ? 'C5 H11 N O2'    117.146 
# 
loop_
_pdbx_chem_comp_identifier.comp_id 
_pdbx_chem_comp_identifier.type 
_pdbx_chem_comp_identifier.program 
_pdbx_chem_comp_identifier.program_version 
_pdbx_chem_comp_identifier.identifier 
NAG 'CONDENSED IUPAC CARBOHYDRATE SYMBOL' GMML     1.0 DGlcpNAcb                      
NAG 'COMMON NAME'                         GMML     1.0 N-acetyl-b-D-glucopyranosamine 
NAG 'IUPAC CARBOHYDRATE SYMBOL'           PDB-CARE 1.0 b-D-GlcpNAc                    
NAG 'SNFG CARBOHYDRATE SYMBOL'            GMML     1.0 GlcNAc                         
# 
loop_
_pdbx_poly_seq_scheme.asym_id 
_pdbx_poly_seq_scheme.entity_id 
_pdbx_poly_seq_scheme.seq_id 
_pdbx_poly_seq_scheme.mon_id 
_pdbx_poly_seq_scheme.ndb_seq_num 
_pdbx_poly_seq_scheme.pdb_seq_num 
_pdbx_poly_seq_scheme.auth_seq_num 
_pdbx_poly_seq_scheme.pdb_mon_id 
_pdbx_poly_seq_scheme.auth_mon_id 
_pdbx_poly_seq_scheme.pdb_strand_id 
_pdbx_poly_seq_scheme.pdb_ins_code 
_pdbx_poly_seq_scheme.hetero 
A 1 1   GLU 1   87  87  GLU GLU A . n 
A 1 2   LEU 2   88  88  LEU LEU A . n 
A 1 3   PRO 3   89  89  PRO PRO A . n 
A 1 4   SER 4   90  90  SER SER A . n 
A 1 5   LEU 5   91  91  LEU LEU A . n 
A 1 6   CYS 6   92  92  CYS CYS A . n 
A 1 7   MET 7   93  93  MET MET A . n 
A 1 8   LEU 8   94  94  LEU LEU A . n 
A 1 9   ASN 9   95  95  ASN ASN A . n 
A 1 10  ASN 10  96  96  ASN ASN A . n 
A 1 11  SER 11  97  97  SER SER A . n 
A 1 12  PHE 12  98  98  PHE PHE A . n 
A 1 13  TYR 13  99  99  TYR TYR A . n 
A 1 14  TYR 14  100 100 TYR TYR A . n 
A 1 15  MET 15  101 101 MET MET A . n 
A 1 16  LYS 16  102 102 LYS LYS A . n 
A 1 17  GLY 17  103 103 GLY GLY A . n 
A 1 18  GLY 18  104 104 GLY GLY A . n 
A 1 19  ALA 19  105 105 ALA ALA A . n 
A 1 20  ASN 20  106 106 ASN ASN A . n 
A 1 21  ILE 21  107 107 ILE ILE A . n 
A 1 22  PHE 22  108 108 PHE PHE A . n 
A 1 23  LEU 23  109 109 LEU LEU A . n 
A 1 24  ILE 24  110 110 ILE ILE A . n 
A 1 25  ARG 25  111 111 ARG ARG A . n 
A 1 26  VAL 26  112 112 VAL VAL A . n 
A 1 27  SER 27  113 113 SER SER A . n 
A 1 28  ASP 28  114 114 ASP ASP A . n 
A 1 29  VAL 29  115 115 VAL VAL A . n 
A 1 30  SER 30  116 116 SER SER A . n 
A 1 31  VAL 31  117 117 VAL VAL A . n 
A 1 32  LEU 32  118 118 LEU LEU A . n 
A 1 33  MET 33  119 119 MET MET A . n 
A 1 34  LYS 34  120 120 LYS LYS A . n 
A 1 35  GLU 35  121 121 GLU GLU A . n 
A 1 36  TYR 36  122 122 TYR TYR A . n 
A 1 37  ASP 37  123 123 ASP ASP A . n 
A 1 38  VAL 38  124 124 VAL VAL A . n 
A 1 39  SER 39  125 125 SER SER A . n 
A 1 40  VAL 40  126 126 VAL VAL A . n 
A 1 41  TYR 41  127 127 TYR TYR A . n 
A 1 42  GLU 42  128 128 GLU GLU A . n 
A 1 43  PRO 43  129 129 PRO PRO A . n 
A 1 44  GLU 44  130 130 GLU GLU A . n 
A 1 45  ASP 45  131 131 ASP ASP A . n 
A 1 46  LEU 46  132 132 LEU LEU A . n 
A 1 47  GLY 47  133 133 GLY GLY A . n 
A 1 48  ASN 48  134 134 ASN ASN A . n 
A 1 49  CYS 49  135 135 CYS CYS A . n 
A 1 50  LEU 50  136 136 LEU LEU A . n 
A 1 51  ASN 51  137 137 ASN ASN A . n 
A 1 52  LYS 52  138 138 LYS LYS A . n 
A 1 53  SER 53  139 139 SER SER A . n 
A 1 54  ASP 54  140 140 ASP ASP A . n 
A 1 55  SER 55  141 141 SER SER A . n 
A 1 56  SER 56  142 142 SER SER A . n 
A 1 57  TRP 57  143 143 TRP TRP A . n 
A 1 58  ALA 58  144 144 ALA ALA A . n 
A 1 59  ILE 59  145 145 ILE ILE A . n 
A 1 60  HIS 60  146 146 HIS HIS A . n 
A 1 61  TRP 61  147 147 TRP TRP A . n 
A 1 62  PHE 62  148 148 PHE PHE A . n 
A 1 63  SER 63  149 149 SER SER A . n 
A 1 64  ILE 64  150 150 ILE ILE A . n 
A 1 65  ALA 65  151 151 ALA ALA A . n 
A 1 66  LEU 66  152 152 LEU LEU A . n 
A 1 67  GLY 67  153 153 GLY GLY A . n 
A 1 68  HIS 68  154 154 HIS HIS A . n 
A 1 69  ASP 69  155 155 ASP ASP A . n 
A 1 70  TRP 70  156 156 TRP TRP A . n 
A 1 71  LEU 71  157 157 LEU LEU A . n 
A 1 72  MET 72  158 158 MET MET A . n 
A 1 73  ASP 73  159 159 ASP ASP A . n 
A 1 74  PRO 74  160 160 PRO PRO A . n 
A 1 75  PRO 75  161 161 PRO PRO A . n 
A 1 76  MET 76  162 162 MET MET A . n 
A 1 77  LEU 77  163 163 LEU LEU A . n 
A 1 78  CYS 78  164 164 CYS CYS A . n 
A 1 79  ARG 79  165 165 ARG ARG A . n 
A 1 80  ASN 80  166 166 ASN ASN A . n 
A 1 81  LYS 81  167 167 LYS LYS A . n 
A 1 82  THR 82  168 168 THR THR A . n 
A 1 83  LYS 83  169 169 LYS LYS A . n 
A 1 84  LYS 84  170 170 LYS LYS A . n 
A 1 85  GLU 85  171 171 GLU GLU A . n 
A 1 86  GLY 86  172 172 GLY GLY A . n 
A 1 87  SER 87  173 173 SER SER A . n 
A 1 88  ASN 88  174 174 ASN ASN A . n 
A 1 89  ILE 89  175 175 ILE ILE A . n 
A 1 90  GLN 90  176 176 GLN GLN A . n 
A 1 91  PHE 91  177 177 PHE PHE A . n 
A 1 92  ASN 92  178 178 ASN ASN A . n 
A 1 93  ILE 93  179 179 ILE ILE A . n 
A 1 94  SER 94  180 180 SER SER A . n 
A 1 95  LYS 95  181 181 LYS LYS A . n 
A 1 96  ALA 96  182 182 ALA ALA A . n 
A 1 97  ASP 97  183 183 ASP ASP A . n 
A 1 98  GLU 98  184 184 GLU GLU A . n 
A 1 99  SER 99  185 185 SER SER A . n 
A 1 100 ARG 100 186 186 ARG ARG A . n 
A 1 101 VAL 101 187 187 VAL VAL A . n 
A 1 102 TYR 102 188 188 TYR TYR A . n 
A 1 103 GLY 103 189 189 GLY GLY A . n 
A 1 104 LYS 104 190 190 LYS LYS A . n 
A 1 105 LYS 105 191 191 LYS LYS A . n 
A 1 106 ILE 106 192 192 ILE ILE A . n 
A 1 107 ARG 107 193 193 ARG ARG A . n 
A 1 108 ASN 108 194 194 ASN ASN A . n 
A 1 109 GLY 109 195 195 GLY GLY A . n 
A 1 110 MET 110 196 196 MET MET A . n 
A 1 111 ARG 111 197 197 ARG ARG A . n 
A 1 112 HIS 112 198 198 HIS HIS A . n 
A 1 113 LEU 113 199 199 LEU LEU A . n 
A 1 114 PHE 114 200 200 PHE PHE A . n 
A 1 115 ARG 115 201 201 ARG ARG A . n 
A 1 116 GLY 116 202 202 GLY GLY A . n 
A 1 117 PHE 117 203 203 PHE PHE A . n 
A 1 118 TYR 118 204 204 TYR TYR A . n 
A 1 119 ASP 119 205 205 ASP ASP A . n 
A 1 120 PRO 120 206 206 PRO PRO A . n 
A 1 121 CYS 121 207 207 CYS CYS A . n 
A 1 122 GLU 122 208 208 GLU GLU A . n 
A 1 123 GLU 123 209 209 GLU GLU A . n 
A 1 124 GLY 124 210 210 GLY GLY A . n 
A 1 125 LYS 125 211 211 LYS LYS A . n 
A 1 126 VAL 126 212 212 VAL VAL A . n 
A 1 127 CYS 127 213 213 CYS CYS A . n 
A 1 128 TYR 128 214 214 TYR TYR A . n 
A 1 129 VAL 129 215 215 VAL VAL A . n 
A 1 130 THR 130 216 216 THR THR A . n 
A 1 131 ILE 131 217 217 ILE ILE A . n 
A 1 132 ASN 132 218 218 ASN ASN A . n 
A 1 133 GLN 133 219 219 GLN GLN A . n 
A 1 134 CYS 134 220 220 CYS CYS A . n 
A 1 135 GLY 135 221 221 GLY GLY A . n 
A 1 136 ASP 136 222 222 ASP ASP A . n 
A 1 137 PRO 137 223 223 PRO PRO A . n 
A 1 138 SER 138 224 224 SER SER A . n 
A 1 139 SER 139 225 225 SER SER A . n 
A 1 140 PHE 140 226 226 PHE PHE A . n 
A 1 141 GLU 141 227 227 GLU GLU A . n 
A 1 142 TYR 142 228 228 TYR TYR A . n 
A 1 143 CYS 143 229 229 CYS CYS A . n 
A 1 144 GLY 144 230 230 GLY GLY A . n 
A 1 145 THR 145 231 231 THR THR A . n 
A 1 146 ASN 146 232 232 ASN ASN A . n 
A 1 147 TYR 147 233 233 TYR TYR A . n 
A 1 148 LEU 148 234 234 LEU LEU A . n 
A 1 149 SER 149 235 235 SER SER A . n 
A 1 150 LYS 150 236 236 LYS LYS A . n 
A 1 151 CYS 151 237 237 CYS CYS A . n 
A 1 152 GLN 152 238 238 GLN GLN A . n 
A 1 153 PHE 153 239 239 PHE PHE A . n 
A 1 154 ASP 154 240 ?   ?   ?   A . n 
A 1 155 HIS 155 241 ?   ?   ?   A . n 
A 1 156 VAL 156 242 ?   ?   ?   A . n 
A 1 157 ASN 157 243 ?   ?   ?   A . n 
A 1 158 THR 158 244 ?   ?   ?   A . n 
A 1 159 LEU 159 245 ?   ?   ?   A . n 
A 1 160 HIS 160 246 ?   ?   ?   A . n 
A 1 161 PHE 161 247 ?   ?   ?   A . n 
A 1 162 LEU 162 248 ?   ?   ?   A . n 
A 1 163 VAL 163 249 ?   ?   ?   A . n 
A 1 164 ARG 164 250 ?   ?   ?   A . n 
A 1 165 SER 165 251 ?   ?   ?   A . n 
A 1 166 LYS 166 252 ?   ?   ?   A . n 
A 1 167 THR 167 253 ?   ?   ?   A . n 
A 1 168 HIS 168 254 ?   ?   ?   A . n 
A 1 169 LEU 169 255 ?   ?   ?   A . n 
A 1 170 ASN 170 256 ?   ?   ?   A . n 
A 1 171 PHE 171 257 ?   ?   ?   A . n 
A 1 172 GLY 172 258 ?   ?   ?   A . n 
A 1 173 THR 173 259 ?   ?   ?   A . n 
A 1 174 GLY 174 260 ?   ?   ?   A . n 
A 1 175 THR 175 261 ?   ?   ?   A . n 
A 1 176 LYS 176 262 ?   ?   ?   A . n 
A 1 177 HIS 177 263 ?   ?   ?   A . n 
A 1 178 HIS 178 264 ?   ?   ?   A . n 
A 1 179 HIS 179 265 ?   ?   ?   A . n 
A 1 180 HIS 180 266 ?   ?   ?   A . n 
A 1 181 HIS 181 267 ?   ?   ?   A . n 
A 1 182 HIS 182 268 ?   ?   ?   A . n 
# 
loop_
_pdbx_branch_scheme.asym_id 
_pdbx_branch_scheme.entity_id 
_pdbx_branch_scheme.mon_id 
_pdbx_branch_scheme.num 
_pdbx_branch_scheme.pdb_asym_id 
_pdbx_branch_scheme.pdb_mon_id 
_pdbx_branch_scheme.pdb_seq_num 
_pdbx_branch_scheme.auth_asym_id 
_pdbx_branch_scheme.auth_mon_id 
_pdbx_branch_scheme.auth_seq_num 
_pdbx_branch_scheme.hetero 
B 2 NAG 1 B NAG 1 A NAG 1242 n 
B 2 NAG 2 B NAG 2 A NAG 1244 n 
# 
loop_
_pdbx_nonpoly_scheme.asym_id 
_pdbx_nonpoly_scheme.entity_id 
_pdbx_nonpoly_scheme.mon_id 
_pdbx_nonpoly_scheme.ndb_seq_num 
_pdbx_nonpoly_scheme.pdb_seq_num 
_pdbx_nonpoly_scheme.auth_seq_num 
_pdbx_nonpoly_scheme.pdb_mon_id 
_pdbx_nonpoly_scheme.auth_mon_id 
_pdbx_nonpoly_scheme.pdb_strand_id 
_pdbx_nonpoly_scheme.pdb_ins_code 
C 3 NAG 1   1240 1240 NAG NAG A . 
D 3 NAG 1   1241 1241 NAG NAG A . 
E 3 NAG 1   1243 1243 NAG NAG A . 
F 4 HOH 1   2001 2001 HOH HOH A . 
F 4 HOH 2   2002 2002 HOH HOH A . 
F 4 HOH 3   2003 2003 HOH HOH A . 
F 4 HOH 4   2004 2004 HOH HOH A . 
F 4 HOH 5   2005 2005 HOH HOH A . 
F 4 HOH 6   2006 2006 HOH HOH A . 
F 4 HOH 7   2007 2007 HOH HOH A . 
F 4 HOH 8   2008 2008 HOH HOH A . 
F 4 HOH 9   2009 2009 HOH HOH A . 
F 4 HOH 10  2010 2010 HOH HOH A . 
F 4 HOH 11  2011 2011 HOH HOH A . 
F 4 HOH 12  2012 2012 HOH HOH A . 
F 4 HOH 13  2013 2013 HOH HOH A . 
F 4 HOH 14  2014 2014 HOH HOH A . 
F 4 HOH 15  2015 2015 HOH HOH A . 
F 4 HOH 16  2016 2016 HOH HOH A . 
F 4 HOH 17  2017 2017 HOH HOH A . 
F 4 HOH 18  2018 2018 HOH HOH A . 
F 4 HOH 19  2019 2019 HOH HOH A . 
F 4 HOH 20  2020 2020 HOH HOH A . 
F 4 HOH 21  2021 2021 HOH HOH A . 
F 4 HOH 22  2022 2022 HOH HOH A . 
F 4 HOH 23  2023 2023 HOH HOH A . 
F 4 HOH 24  2024 2024 HOH HOH A . 
F 4 HOH 25  2025 2025 HOH HOH A . 
F 4 HOH 26  2026 2026 HOH HOH A . 
F 4 HOH 27  2027 2027 HOH HOH A . 
F 4 HOH 28  2028 2028 HOH HOH A . 
F 4 HOH 29  2029 2029 HOH HOH A . 
F 4 HOH 30  2030 2030 HOH HOH A . 
F 4 HOH 31  2031 2031 HOH HOH A . 
F 4 HOH 32  2032 2032 HOH HOH A . 
F 4 HOH 33  2033 2033 HOH HOH A . 
F 4 HOH 34  2034 2034 HOH HOH A . 
F 4 HOH 35  2035 2035 HOH HOH A . 
F 4 HOH 36  2036 2036 HOH HOH A . 
F 4 HOH 37  2037 2037 HOH HOH A . 
F 4 HOH 38  2038 2038 HOH HOH A . 
F 4 HOH 39  2039 2039 HOH HOH A . 
F 4 HOH 40  2040 2040 HOH HOH A . 
F 4 HOH 41  2041 2041 HOH HOH A . 
F 4 HOH 42  2042 2042 HOH HOH A . 
F 4 HOH 43  2043 2043 HOH HOH A . 
F 4 HOH 44  2044 2044 HOH HOH A . 
F 4 HOH 45  2045 2045 HOH HOH A . 
F 4 HOH 46  2046 2046 HOH HOH A . 
F 4 HOH 47  2047 2047 HOH HOH A . 
F 4 HOH 48  2048 2048 HOH HOH A . 
F 4 HOH 49  2049 2049 HOH HOH A . 
F 4 HOH 50  2050 2050 HOH HOH A . 
F 4 HOH 51  2051 2051 HOH HOH A . 
F 4 HOH 52  2052 2052 HOH HOH A . 
F 4 HOH 53  2053 2053 HOH HOH A . 
F 4 HOH 54  2054 2054 HOH HOH A . 
F 4 HOH 55  2055 2055 HOH HOH A . 
F 4 HOH 56  2056 2056 HOH HOH A . 
F 4 HOH 57  2057 2057 HOH HOH A . 
F 4 HOH 58  2058 2058 HOH HOH A . 
F 4 HOH 59  2059 2059 HOH HOH A . 
F 4 HOH 60  2060 2060 HOH HOH A . 
F 4 HOH 61  2061 2061 HOH HOH A . 
F 4 HOH 62  2062 2062 HOH HOH A . 
F 4 HOH 63  2063 2063 HOH HOH A . 
F 4 HOH 64  2064 2064 HOH HOH A . 
F 4 HOH 65  2065 2065 HOH HOH A . 
F 4 HOH 66  2066 2066 HOH HOH A . 
F 4 HOH 67  2067 2067 HOH HOH A . 
F 4 HOH 68  2068 2068 HOH HOH A . 
F 4 HOH 69  2069 2069 HOH HOH A . 
F 4 HOH 70  2070 2070 HOH HOH A . 
F 4 HOH 71  2071 2071 HOH HOH A . 
F 4 HOH 72  2072 2072 HOH HOH A . 
F 4 HOH 73  2073 2073 HOH HOH A . 
F 4 HOH 74  2074 2074 HOH HOH A . 
F 4 HOH 75  2075 2075 HOH HOH A . 
F 4 HOH 76  2076 2076 HOH HOH A . 
F 4 HOH 77  2077 2077 HOH HOH A . 
F 4 HOH 78  2078 2078 HOH HOH A . 
F 4 HOH 79  2079 2079 HOH HOH A . 
F 4 HOH 80  2080 2080 HOH HOH A . 
F 4 HOH 81  2081 2081 HOH HOH A . 
F 4 HOH 82  2082 2082 HOH HOH A . 
F 4 HOH 83  2083 2083 HOH HOH A . 
F 4 HOH 84  2084 2084 HOH HOH A . 
F 4 HOH 85  2085 2085 HOH HOH A . 
F 4 HOH 86  2086 2086 HOH HOH A . 
F 4 HOH 87  2087 2087 HOH HOH A . 
F 4 HOH 88  2088 2088 HOH HOH A . 
F 4 HOH 89  2089 2089 HOH HOH A . 
F 4 HOH 90  2090 2090 HOH HOH A . 
F 4 HOH 91  2091 2091 HOH HOH A . 
F 4 HOH 92  2092 2092 HOH HOH A . 
F 4 HOH 93  2093 2093 HOH HOH A . 
F 4 HOH 94  2094 2094 HOH HOH A . 
F 4 HOH 95  2095 2095 HOH HOH A . 
F 4 HOH 96  2096 2096 HOH HOH A . 
F 4 HOH 97  2097 2097 HOH HOH A . 
F 4 HOH 98  2098 2098 HOH HOH A . 
F 4 HOH 99  2099 2099 HOH HOH A . 
F 4 HOH 100 2100 2100 HOH HOH A . 
F 4 HOH 101 2101 2101 HOH HOH A . 
F 4 HOH 102 2102 2102 HOH HOH A . 
F 4 HOH 103 2103 2103 HOH HOH A . 
F 4 HOH 104 2104 2104 HOH HOH A . 
F 4 HOH 105 2105 2105 HOH HOH A . 
F 4 HOH 106 2106 2106 HOH HOH A . 
F 4 HOH 107 2107 2107 HOH HOH A . 
F 4 HOH 108 2108 2108 HOH HOH A . 
F 4 HOH 109 2109 2109 HOH HOH A . 
F 4 HOH 110 2110 2110 HOH HOH A . 
F 4 HOH 111 2111 2111 HOH HOH A . 
F 4 HOH 112 2112 2112 HOH HOH A . 
F 4 HOH 113 2113 2113 HOH HOH A . 
F 4 HOH 114 2114 2114 HOH HOH A . 
F 4 HOH 115 2115 2115 HOH HOH A . 
F 4 HOH 116 2116 2116 HOH HOH A . 
F 4 HOH 117 2117 2117 HOH HOH A . 
F 4 HOH 118 2118 2118 HOH HOH A . 
F 4 HOH 119 2119 2119 HOH HOH A . 
F 4 HOH 120 2120 2120 HOH HOH A . 
F 4 HOH 121 2121 2121 HOH HOH A . 
F 4 HOH 122 2122 2122 HOH HOH A . 
F 4 HOH 123 2123 2123 HOH HOH A . 
F 4 HOH 124 2124 2124 HOH HOH A . 
F 4 HOH 125 2125 2125 HOH HOH A . 
F 4 HOH 126 2126 2126 HOH HOH A . 
F 4 HOH 127 2127 2127 HOH HOH A . 
F 4 HOH 128 2128 2128 HOH HOH A . 
F 4 HOH 129 2129 2129 HOH HOH A . 
F 4 HOH 130 2130 2130 HOH HOH A . 
F 4 HOH 131 2131 2131 HOH HOH A . 
F 4 HOH 132 2132 2132 HOH HOH A . 
F 4 HOH 133 2133 2133 HOH HOH A . 
F 4 HOH 134 2134 2134 HOH HOH A . 
F 4 HOH 135 2135 2135 HOH HOH A . 
F 4 HOH 136 2136 2136 HOH HOH A . 
F 4 HOH 137 2137 2137 HOH HOH A . 
F 4 HOH 138 2138 2138 HOH HOH A . 
F 4 HOH 139 2139 2139 HOH HOH A . 
F 4 HOH 140 2140 2140 HOH HOH A . 
F 4 HOH 141 2141 2141 HOH HOH A . 
F 4 HOH 142 2142 2142 HOH HOH A . 
F 4 HOH 143 2143 2143 HOH HOH A . 
F 4 HOH 144 2144 2144 HOH HOH A . 
F 4 HOH 145 2145 2145 HOH HOH A . 
F 4 HOH 146 2146 2146 HOH HOH A . 
F 4 HOH 147 2147 2147 HOH HOH A . 
F 4 HOH 148 2148 2148 HOH HOH A . 
F 4 HOH 149 2149 2149 HOH HOH A . 
F 4 HOH 150 2150 2150 HOH HOH A . 
F 4 HOH 151 2151 2151 HOH HOH A . 
F 4 HOH 152 2152 2152 HOH HOH A . 
F 4 HOH 153 2153 2153 HOH HOH A . 
F 4 HOH 154 2154 2154 HOH HOH A . 
F 4 HOH 155 2155 2155 HOH HOH A . 
F 4 HOH 156 2156 2156 HOH HOH A . 
F 4 HOH 157 2157 2157 HOH HOH A . 
F 4 HOH 158 2158 2158 HOH HOH A . 
F 4 HOH 159 2159 2159 HOH HOH A . 
F 4 HOH 160 2160 2160 HOH HOH A . 
F 4 HOH 161 2161 2161 HOH HOH A . 
F 4 HOH 162 2162 2162 HOH HOH A . 
F 4 HOH 163 2163 2163 HOH HOH A . 
F 4 HOH 164 2164 2164 HOH HOH A . 
F 4 HOH 165 2165 2165 HOH HOH A . 
F 4 HOH 166 2166 2166 HOH HOH A . 
F 4 HOH 167 2167 2167 HOH HOH A . 
F 4 HOH 168 2168 2168 HOH HOH A . 
F 4 HOH 169 2169 2169 HOH HOH A . 
F 4 HOH 170 2170 2170 HOH HOH A . 
F 4 HOH 171 2171 2171 HOH HOH A . 
F 4 HOH 172 2172 2172 HOH HOH A . 
F 4 HOH 173 2173 2173 HOH HOH A . 
F 4 HOH 174 2174 2174 HOH HOH A . 
F 4 HOH 175 2175 2175 HOH HOH A . 
F 4 HOH 176 2176 2176 HOH HOH A . 
F 4 HOH 177 2177 2177 HOH HOH A . 
F 4 HOH 178 2178 2178 HOH HOH A . 
F 4 HOH 179 2179 2179 HOH HOH A . 
F 4 HOH 180 2180 2180 HOH HOH A . 
F 4 HOH 181 2181 2181 HOH HOH A . 
F 4 HOH 182 2182 2182 HOH HOH A . 
F 4 HOH 183 2183 2183 HOH HOH A . 
F 4 HOH 184 2184 2184 HOH HOH A . 
F 4 HOH 185 2185 2185 HOH HOH A . 
F 4 HOH 186 2186 2186 HOH HOH A . 
F 4 HOH 187 2187 2187 HOH HOH A . 
F 4 HOH 188 2188 2188 HOH HOH A . 
F 4 HOH 189 2189 2189 HOH HOH A . 
F 4 HOH 190 2190 2190 HOH HOH A . 
F 4 HOH 191 2191 2191 HOH HOH A . 
F 4 HOH 192 2192 2192 HOH HOH A . 
F 4 HOH 193 2193 2193 HOH HOH A . 
F 4 HOH 194 2194 2194 HOH HOH A . 
F 4 HOH 195 2195 2195 HOH HOH A . 
F 4 HOH 196 2196 2196 HOH HOH A . 
F 4 HOH 197 2197 2197 HOH HOH A . 
F 4 HOH 198 2198 2198 HOH HOH A . 
# 
loop_
_software.name 
_software.classification 
_software.version 
_software.citation_id 
_software.pdbx_ordinal 
REFMAC    refinement       5.5.0088 ? 1 
HKL-2000  'data reduction' .        ? 2 
SCALEPACK 'data scaling'   .        ? 3 
SHARP     phasing          .        ? 4 
# 
_cell.entry_id           2WFO 
_cell.length_a           51.523 
_cell.length_b           55.070 
_cell.length_c           61.327 
_cell.angle_alpha        90.00 
_cell.angle_beta         90.00 
_cell.angle_gamma        90.00 
_cell.Z_PDB              4 
_cell.pdbx_unique_axis   ? 
# 
_symmetry.entry_id                         2WFO 
_symmetry.space_group_name_H-M             'P 21 21 21' 
_symmetry.pdbx_full_space_group_name_H-M   ? 
_symmetry.cell_setting                     ? 
_symmetry.Int_Tables_number                19 
# 
_exptl.entry_id          2WFO 
_exptl.method            'X-RAY DIFFRACTION' 
_exptl.crystals_number   1 
# 
_exptl_crystal.id                    1 
_exptl_crystal.density_meas          ? 
_exptl_crystal.density_Matthews      2.5 
_exptl_crystal.density_percent_sol   50.4 
_exptl_crystal.description           NONE 
# 
_exptl_crystal_grow.crystal_id      1 
_exptl_crystal_grow.method          ? 
_exptl_crystal_grow.temp            ? 
_exptl_crystal_grow.temp_details    ? 
_exptl_crystal_grow.pH              5.5 
_exptl_crystal_grow.pdbx_pH_range   ? 
_exptl_crystal_grow.pdbx_details    '25% (W/V) PEG 3350, 0.2 M NACL, AND 0.1 M BIS-TRIS (PH 5.5)' 
# 
_diffrn.id                     1 
_diffrn.ambient_temp           100 
_diffrn.ambient_temp_details   ? 
_diffrn.crystal_id             1 
# 
_diffrn_detector.diffrn_id              1 
_diffrn_detector.detector               CCD 
_diffrn_detector.type                   'ADSC CCD' 
_diffrn_detector.pdbx_collection_date   ? 
_diffrn_detector.details                'VERTICALLY BENDED MULTILAYER' 
# 
_diffrn_radiation.diffrn_id                        1 
_diffrn_radiation.wavelength_id                    1 
_diffrn_radiation.pdbx_monochromatic_or_laue_m_l   M 
_diffrn_radiation.monochromator                    'DIAMOND (111)' 
_diffrn_radiation.pdbx_diffrn_protocol             MAD 
_diffrn_radiation.pdbx_scattering_type             x-ray 
# 
_diffrn_radiation_wavelength.id           1 
_diffrn_radiation_wavelength.wavelength   0.9334 
_diffrn_radiation_wavelength.wt           1.0 
# 
_diffrn_source.diffrn_id                   1 
_diffrn_source.source                      SYNCHROTRON 
_diffrn_source.type                        'ESRF BEAMLINE ID14-1' 
_diffrn_source.pdbx_synchrotron_site       ESRF 
_diffrn_source.pdbx_synchrotron_beamline   ID14-1 
_diffrn_source.pdbx_wavelength             0.9334 
_diffrn_source.pdbx_wavelength_list        ? 
# 
_reflns.pdbx_diffrn_id               1 
_reflns.pdbx_ordinal                 1 
_reflns.entry_id                     2WFO 
_reflns.observed_criterion_sigma_I   -3.0 
_reflns.observed_criterion_sigma_F   ? 
_reflns.d_resolution_low             50.00 
_reflns.d_resolution_high            1.73 
_reflns.number_obs                   18458 
_reflns.number_all                   ? 
_reflns.percent_possible_obs         98.2 
_reflns.pdbx_Rmerge_I_obs            0.11 
_reflns.pdbx_Rsym_value              ? 
_reflns.pdbx_netI_over_sigmaI        18.40 
_reflns.B_iso_Wilson_estimate        ? 
_reflns.pdbx_redundancy              14.1 
# 
_reflns_shell.pdbx_diffrn_id         1 
_reflns_shell.pdbx_ordinal           1 
_reflns_shell.d_res_high             1.73 
_reflns_shell.d_res_low              1.76 
_reflns_shell.percent_possible_all   90.5 
_reflns_shell.Rmerge_I_obs           0.71 
_reflns_shell.pdbx_Rsym_value        ? 
_reflns_shell.meanI_over_sigI_obs    3.50 
_reflns_shell.pdbx_redundancy        11.4 
# 
_refine.pdbx_refine_id                           'X-RAY DIFFRACTION' 
_refine.entry_id                                 2WFO 
_refine.pdbx_diffrn_id                           1 
_refine.pdbx_TLS_residual_ADP_flag               ? 
_refine.ls_number_reflns_obs                     17465 
_refine.ls_number_reflns_all                     ? 
_refine.pdbx_ls_sigma_I                          ? 
_refine.pdbx_ls_sigma_F                          ? 
_refine.pdbx_data_cutoff_high_absF               ? 
_refine.pdbx_data_cutoff_low_absF                ? 
_refine.pdbx_data_cutoff_high_rms_absF           ? 
_refine.ls_d_res_low                             32.07 
_refine.ls_d_res_high                            1.73 
_refine.ls_percent_reflns_obs                    98.1 
_refine.ls_R_factor_obs                          0.174 
_refine.ls_R_factor_all                          ? 
_refine.ls_R_factor_R_work                       0.172 
_refine.ls_R_factor_R_free                       0.213 
_refine.ls_R_factor_R_free_error                 ? 
_refine.ls_R_factor_R_free_error_details         ? 
_refine.ls_percent_reflns_R_free                 5.100 
_refine.ls_number_reflns_R_free                  943 
_refine.ls_number_parameters                     ? 
_refine.ls_number_restraints                     ? 
_refine.occupancy_min                            ? 
_refine.occupancy_max                            ? 
_refine.correlation_coeff_Fo_to_Fc               0.958 
_refine.correlation_coeff_Fo_to_Fc_free          0.930 
_refine.B_iso_mean                               17.54 
_refine.aniso_B[1][1]                            -0.68000 
_refine.aniso_B[2][2]                            0.67000 
_refine.aniso_B[3][3]                            0.00000 
_refine.aniso_B[1][2]                            0.00000 
_refine.aniso_B[1][3]                            0.00000 
_refine.aniso_B[2][3]                            0.00000 
_refine.solvent_model_details                    MASK 
_refine.solvent_model_param_ksol                 ? 
_refine.solvent_model_param_bsol                 ? 
_refine.pdbx_solvent_vdw_probe_radii             1.20 
_refine.pdbx_solvent_ion_probe_radii             0.80 
_refine.pdbx_solvent_shrinkage_radii             0.80 
_refine.pdbx_ls_cross_valid_method               THROUGHOUT 
_refine.details                                  
'HYDROGENS HAVE BEEN ADDED IN THE RIDING POSITIONS. U VALUES CONTAIN TLS CONTRIBUTION.' 
_refine.pdbx_starting_model                      NONE 
_refine.pdbx_method_to_determine_struct          MAD 
_refine.pdbx_isotropic_thermal_model             ? 
_refine.pdbx_stereochemistry_target_values       'MAXIMUM LIKELIHOOD' 
_refine.pdbx_stereochem_target_val_spec_case     ? 
_refine.pdbx_R_Free_selection_details            RANDOM 
_refine.pdbx_overall_ESU_R                       0.111 
_refine.pdbx_overall_ESU_R_Free                  0.111 
_refine.overall_SU_ML                            0.071 
_refine.pdbx_overall_phase_error                 ? 
_refine.overall_SU_B                             4.738 
_refine.overall_SU_R_Cruickshank_DPI             ? 
_refine.pdbx_overall_SU_R_free_Cruickshank_DPI   ? 
_refine.pdbx_overall_SU_R_Blow_DPI               ? 
_refine.pdbx_overall_SU_R_free_Blow_DPI          ? 
# 
_refine_hist.pdbx_refine_id                   'X-RAY DIFFRACTION' 
_refine_hist.cycle_id                         LAST 
_refine_hist.pdbx_number_atoms_protein        1230 
_refine_hist.pdbx_number_atoms_nucleic_acid   0 
_refine_hist.pdbx_number_atoms_ligand         70 
_refine_hist.number_atoms_solvent             198 
_refine_hist.number_atoms_total               1498 
_refine_hist.d_res_high                       1.73 
_refine_hist.d_res_low                        32.07 
# 
loop_
_refine_ls_restr.type 
_refine_ls_restr.dev_ideal 
_refine_ls_restr.dev_ideal_target 
_refine_ls_restr.weight 
_refine_ls_restr.number 
_refine_ls_restr.pdbx_refine_id 
_refine_ls_restr.pdbx_restraint_function 
r_bond_refined_d             0.012  0.022  ? 1350 'X-RAY DIFFRACTION' ? 
r_bond_other_d               0.001  0.020  ? 921  'X-RAY DIFFRACTION' ? 
r_angle_refined_deg          1.380  2.008  ? 1828 'X-RAY DIFFRACTION' ? 
r_angle_other_deg            0.870  3.000  ? 2221 'X-RAY DIFFRACTION' ? 
r_dihedral_angle_1_deg       6.669  5.000  ? 154  'X-RAY DIFFRACTION' ? 
r_dihedral_angle_2_deg       30.857 24.355 ? 62   'X-RAY DIFFRACTION' ? 
r_dihedral_angle_3_deg       13.157 15.000 ? 223  'X-RAY DIFFRACTION' ? 
r_dihedral_angle_4_deg       26.166 15.000 ? 6    'X-RAY DIFFRACTION' ? 
r_chiral_restr               0.088  0.200  ? 195  'X-RAY DIFFRACTION' ? 
r_gen_planes_refined         0.006  0.020  ? 1467 'X-RAY DIFFRACTION' ? 
r_gen_planes_other           0.001  0.020  ? 274  'X-RAY DIFFRACTION' ? 
r_nbd_refined                ?      ?      ? ?    'X-RAY DIFFRACTION' ? 
r_nbd_other                  ?      ?      ? ?    'X-RAY DIFFRACTION' ? 
r_nbtor_refined              ?      ?      ? ?    'X-RAY DIFFRACTION' ? 
r_nbtor_other                ?      ?      ? ?    'X-RAY DIFFRACTION' ? 
r_xyhbond_nbd_refined        ?      ?      ? ?    'X-RAY DIFFRACTION' ? 
r_xyhbond_nbd_other          ?      ?      ? ?    'X-RAY DIFFRACTION' ? 
r_metal_ion_refined          ?      ?      ? ?    'X-RAY DIFFRACTION' ? 
r_metal_ion_other            ?      ?      ? ?    'X-RAY DIFFRACTION' ? 
r_symmetry_vdw_refined       ?      ?      ? ?    'X-RAY DIFFRACTION' ? 
r_symmetry_vdw_other         ?      ?      ? ?    'X-RAY DIFFRACTION' ? 
r_symmetry_hbond_refined     ?      ?      ? ?    'X-RAY DIFFRACTION' ? 
r_symmetry_hbond_other       ?      ?      ? ?    'X-RAY DIFFRACTION' ? 
r_symmetry_metal_ion_refined ?      ?      ? ?    'X-RAY DIFFRACTION' ? 
r_symmetry_metal_ion_other   ?      ?      ? ?    'X-RAY DIFFRACTION' ? 
r_mcbond_it                  0.760  1.500  ? 765  'X-RAY DIFFRACTION' ? 
r_mcbond_other               0.184  1.500  ? 312  'X-RAY DIFFRACTION' ? 
r_mcangle_it                 1.467  2.000  ? 1232 'X-RAY DIFFRACTION' ? 
r_mcangle_other              ?      ?      ? ?    'X-RAY DIFFRACTION' ? 
r_scbond_it                  2.211  3.000  ? 585  'X-RAY DIFFRACTION' ? 
r_scbond_other               ?      ?      ? ?    'X-RAY DIFFRACTION' ? 
r_scangle_it                 3.558  4.500  ? 596  'X-RAY DIFFRACTION' ? 
r_scangle_other              ?      ?      ? ?    'X-RAY DIFFRACTION' ? 
r_long_range_B_refined       ?      ?      ? ?    'X-RAY DIFFRACTION' ? 
r_long_range_B_other         ?      ?      ? ?    'X-RAY DIFFRACTION' ? 
r_rigid_bond_restr           ?      ?      ? ?    'X-RAY DIFFRACTION' ? 
r_sphericity_free            ?      ?      ? ?    'X-RAY DIFFRACTION' ? 
r_sphericity_bonded          ?      ?      ? ?    'X-RAY DIFFRACTION' ? 
# 
_refine_ls_shell.pdbx_refine_id                   'X-RAY DIFFRACTION' 
_refine_ls_shell.pdbx_total_number_of_bins_used   20 
_refine_ls_shell.d_res_high                       1.73 
_refine_ls_shell.d_res_low                        1.78 
_refine_ls_shell.number_reflns_R_work             1163 
_refine_ls_shell.R_factor_R_work                  0.2300 
_refine_ls_shell.percent_reflns_obs               90.12 
_refine_ls_shell.R_factor_R_free                  0.3050 
_refine_ls_shell.R_factor_R_free_error            ? 
_refine_ls_shell.percent_reflns_R_free            ? 
_refine_ls_shell.number_reflns_R_free             69 
_refine_ls_shell.number_reflns_all                ? 
_refine_ls_shell.R_factor_all                     ? 
# 
_struct.entry_id                  2WFO 
_struct.title                     'Crystal structure of Machupo virus envelope glycoprotein GP1' 
_struct.pdbx_model_details        ? 
_struct.pdbx_CASP_flag            ? 
_struct.pdbx_model_type_details   ? 
# 
_struct_keywords.entry_id        2WFO 
_struct_keywords.pdbx_keywords   'VIRAL PROTEIN' 
_struct_keywords.text            
;GLYCOPROTEIN, ARENAVIRUS, NEW WORLD ARENAVIRUS, HEMORRHAGIC FEVER VIRUS, ENVELOPE PROTEIN, MACHUPO, JUNIN, GUANARITO, SABIA, CHAPARE, VIRION, MACV, GP1, VIRAL ATTACHMENT, TRANSFERRIN RECEPTOR, VIRAL PROTEIN
;
# 
loop_
_struct_asym.id 
_struct_asym.pdbx_blank_PDB_chainid_flag 
_struct_asym.pdbx_modified 
_struct_asym.entity_id 
_struct_asym.details 
A N N 1 ? 
B N N 2 ? 
C N N 3 ? 
D N N 3 ? 
E N N 3 ? 
F N N 4 ? 
# 
loop_
_struct_ref.id 
_struct_ref.db_name 
_struct_ref.db_code 
_struct_ref.entity_id 
_struct_ref.pdbx_seq_one_letter_code 
_struct_ref.pdbx_align_begin 
_struct_ref.pdbx_db_accession 
_struct_ref.pdbx_db_isoform 
1 UNP Q6PXS3_MACHU 1 ? ? Q6PXS3 ? 
2 PDB 2WFO         1 ? ? 2WFO   ? 
# 
loop_
_struct_ref_seq.align_id 
_struct_ref_seq.ref_id 
_struct_ref_seq.pdbx_PDB_id_code 
_struct_ref_seq.pdbx_strand_id 
_struct_ref_seq.seq_align_beg 
_struct_ref_seq.pdbx_seq_align_beg_ins_code 
_struct_ref_seq.seq_align_end 
_struct_ref_seq.pdbx_seq_align_end_ins_code 
_struct_ref_seq.pdbx_db_accession 
_struct_ref_seq.db_align_beg 
_struct_ref_seq.pdbx_db_align_beg_ins_code 
_struct_ref_seq.db_align_end 
_struct_ref_seq.pdbx_db_align_end_ins_code 
_struct_ref_seq.pdbx_auth_seq_align_beg 
_struct_ref_seq.pdbx_auth_seq_align_end 
1 1 2WFO A 1   ? 171 ? Q6PXS3 87  ? 257 ? 87  257 
2 2 2WFO A 172 ? 182 ? 2WFO   258 ? 268 ? 258 268 
# 
_pdbx_struct_assembly.id                   1 
_pdbx_struct_assembly.details              author_and_software_defined_assembly 
_pdbx_struct_assembly.method_details       PQS 
_pdbx_struct_assembly.oligomeric_details   monomeric 
_pdbx_struct_assembly.oligomeric_count     1 
# 
_pdbx_struct_assembly_gen.assembly_id       1 
_pdbx_struct_assembly_gen.oper_expression   1 
_pdbx_struct_assembly_gen.asym_id_list      A,B,C,D,E,F 
# 
_pdbx_struct_oper_list.id                   1 
_pdbx_struct_oper_list.type                 'identity operation' 
_pdbx_struct_oper_list.name                 1_555 
_pdbx_struct_oper_list.symmetry_operation   x,y,z 
_pdbx_struct_oper_list.matrix[1][1]         1.0000000000 
_pdbx_struct_oper_list.matrix[1][2]         0.0000000000 
_pdbx_struct_oper_list.matrix[1][3]         0.0000000000 
_pdbx_struct_oper_list.vector[1]            0.0000000000 
_pdbx_struct_oper_list.matrix[2][1]         0.0000000000 
_pdbx_struct_oper_list.matrix[2][2]         1.0000000000 
_pdbx_struct_oper_list.matrix[2][3]         0.0000000000 
_pdbx_struct_oper_list.vector[2]            0.0000000000 
_pdbx_struct_oper_list.matrix[3][1]         0.0000000000 
_pdbx_struct_oper_list.matrix[3][2]         0.0000000000 
_pdbx_struct_oper_list.matrix[3][3]         1.0000000000 
_pdbx_struct_oper_list.vector[3]            0.0000000000 
# 
loop_
_struct_conf.conf_type_id 
_struct_conf.id 
_struct_conf.pdbx_PDB_helix_id 
_struct_conf.beg_label_comp_id 
_struct_conf.beg_label_asym_id 
_struct_conf.beg_label_seq_id 
_struct_conf.pdbx_beg_PDB_ins_code 
_struct_conf.end_label_comp_id 
_struct_conf.end_label_asym_id 
_struct_conf.end_label_seq_id 
_struct_conf.pdbx_end_PDB_ins_code 
_struct_conf.beg_auth_comp_id 
_struct_conf.beg_auth_asym_id 
_struct_conf.beg_auth_seq_id 
_struct_conf.end_auth_comp_id 
_struct_conf.end_auth_asym_id 
_struct_conf.end_auth_seq_id 
_struct_conf.pdbx_PDB_helix_class 
_struct_conf.details 
_struct_conf.pdbx_PDB_helix_length 
HELX_P HELX_P1 1 GLU A 42  ? CYS A 49  ? GLU A 128 CYS A 135 5 ? 8  
HELX_P HELX_P2 2 LYS A 52  ? ASP A 54  ? LYS A 138 ASP A 140 5 ? 3  
HELX_P HELX_P3 3 SER A 55  ? GLY A 67  ? SER A 141 GLY A 153 1 ? 13 
HELX_P HELX_P4 4 SER A 99  ? PHE A 114 ? SER A 185 PHE A 200 1 ? 16 
HELX_P HELX_P5 5 ASP A 136 ? PHE A 140 ? ASP A 222 PHE A 226 5 ? 5  
HELX_P HELX_P6 6 GLY A 144 ? SER A 149 ? GLY A 230 SER A 235 1 ? 6  
# 
_struct_conf_type.id          HELX_P 
_struct_conf_type.criteria    ? 
_struct_conf_type.reference   ? 
# 
loop_
_struct_conn.id 
_struct_conn.conn_type_id 
_struct_conn.pdbx_leaving_atom_flag 
_struct_conn.pdbx_PDB_id 
_struct_conn.ptnr1_label_asym_id 
_struct_conn.ptnr1_label_comp_id 
_struct_conn.ptnr1_label_seq_id 
_struct_conn.ptnr1_label_atom_id 
_struct_conn.pdbx_ptnr1_label_alt_id 
_struct_conn.pdbx_ptnr1_PDB_ins_code 
_struct_conn.pdbx_ptnr1_standard_comp_id 
_struct_conn.ptnr1_symmetry 
_struct_conn.ptnr2_label_asym_id 
_struct_conn.ptnr2_label_comp_id 
_struct_conn.ptnr2_label_seq_id 
_struct_conn.ptnr2_label_atom_id 
_struct_conn.pdbx_ptnr2_label_alt_id 
_struct_conn.pdbx_ptnr2_PDB_ins_code 
_struct_conn.ptnr1_auth_asym_id 
_struct_conn.ptnr1_auth_comp_id 
_struct_conn.ptnr1_auth_seq_id 
_struct_conn.ptnr2_auth_asym_id 
_struct_conn.ptnr2_auth_comp_id 
_struct_conn.ptnr2_auth_seq_id 
_struct_conn.ptnr2_symmetry 
_struct_conn.pdbx_ptnr3_label_atom_id 
_struct_conn.pdbx_ptnr3_label_seq_id 
_struct_conn.pdbx_ptnr3_label_comp_id 
_struct_conn.pdbx_ptnr3_label_asym_id 
_struct_conn.pdbx_ptnr3_label_alt_id 
_struct_conn.pdbx_ptnr3_PDB_ins_code 
_struct_conn.details 
_struct_conn.pdbx_dist_value 
_struct_conn.pdbx_value_order 
_struct_conn.pdbx_role 
disulf1 disulf ?    ? A CYS 6   SG  ? ? ? 1_555 A CYS 151 SG ? ? A CYS 92  A CYS 237  1_555 ? ? ? ? ? ? ? 2.044 ? ?               
disulf2 disulf ?    ? A CYS 49  SG  ? ? ? 1_555 A CYS 78  SG ? ? A CYS 135 A CYS 164  1_555 ? ? ? ? ? ? ? 2.035 ? ?               
disulf3 disulf ?    ? A CYS 121 SG  ? ? ? 1_555 A CYS 127 SG ? ? A CYS 207 A CYS 213  1_555 ? ? ? ? ? ? ? 2.087 ? ?               
disulf4 disulf ?    ? A CYS 134 SG  ? ? ? 1_555 A CYS 143 SG ? ? A CYS 220 A CYS 229  1_555 ? ? ? ? ? ? ? 2.034 ? ?               
covale1 covale one  ? A ASN 9   ND2 ? ? ? 1_555 D NAG .   C1 ? ? A ASN 95  A NAG 1241 1_555 ? ? ? ? ? ? ? 1.436 ? N-Glycosylation 
covale2 covale one  ? A ASN 51  ND2 ? ? ? 1_555 E NAG .   C1 ? ? A ASN 137 A NAG 1243 1_555 ? ? ? ? ? ? ? 1.444 ? N-Glycosylation 
covale3 covale one  ? A ASN 80  ND2 ? ? ? 1_555 C NAG .   C1 ? ? A ASN 166 A NAG 1240 1_555 ? ? ? ? ? ? ? 1.442 ? N-Glycosylation 
covale4 covale one  ? A ASN 92  ND2 ? ? ? 1_555 B NAG .   C1 ? ? A ASN 178 B NAG 1    1_555 ? ? ? ? ? ? ? 1.444 ? N-Glycosylation 
covale5 covale both ? B NAG .   O4  ? ? ? 1_555 B NAG .   C1 ? ? B NAG 1   B NAG 2    1_555 ? ? ? ? ? ? ? 1.444 ? ?               
# 
loop_
_struct_conn_type.id 
_struct_conn_type.criteria 
_struct_conn_type.reference 
disulf ? ? 
covale ? ? 
# 
loop_
_pdbx_modification_feature.ordinal 
_pdbx_modification_feature.label_comp_id 
_pdbx_modification_feature.label_asym_id 
_pdbx_modification_feature.label_seq_id 
_pdbx_modification_feature.label_alt_id 
_pdbx_modification_feature.modified_residue_label_comp_id 
_pdbx_modification_feature.modified_residue_label_asym_id 
_pdbx_modification_feature.modified_residue_label_seq_id 
_pdbx_modification_feature.modified_residue_label_alt_id 
_pdbx_modification_feature.auth_comp_id 
_pdbx_modification_feature.auth_asym_id 
_pdbx_modification_feature.auth_seq_id 
_pdbx_modification_feature.PDB_ins_code 
_pdbx_modification_feature.symmetry 
_pdbx_modification_feature.modified_residue_auth_comp_id 
_pdbx_modification_feature.modified_residue_auth_asym_id 
_pdbx_modification_feature.modified_residue_auth_seq_id 
_pdbx_modification_feature.modified_residue_PDB_ins_code 
_pdbx_modification_feature.modified_residue_symmetry 
_pdbx_modification_feature.comp_id_linking_atom 
_pdbx_modification_feature.modified_residue_id_linking_atom 
_pdbx_modification_feature.modified_residue_id 
_pdbx_modification_feature.ref_pcm_id 
_pdbx_modification_feature.ref_comp_id 
_pdbx_modification_feature.type 
_pdbx_modification_feature.category 
1 NAG B .   ? ASN A 92  ? NAG B 1    ? 1_555 ASN A 178 ? 1_555 C1 ND2 ASN 1 NAG N-Glycosylation Carbohydrate       
2 NAG C .   ? ASN A 80  ? NAG A 1240 ? 1_555 ASN A 166 ? 1_555 C1 ND2 ASN 1 NAG N-Glycosylation Carbohydrate       
3 NAG D .   ? ASN A 9   ? NAG A 1241 ? 1_555 ASN A 95  ? 1_555 C1 ND2 ASN 1 NAG N-Glycosylation Carbohydrate       
4 NAG E .   ? ASN A 51  ? NAG A 1243 ? 1_555 ASN A 137 ? 1_555 C1 ND2 ASN 1 NAG N-Glycosylation Carbohydrate       
5 CYS A 6   ? CYS A 151 ? CYS A 92   ? 1_555 CYS A 237 ? 1_555 SG SG  .   . .   None            'Disulfide bridge' 
6 CYS A 49  ? CYS A 78  ? CYS A 135  ? 1_555 CYS A 164 ? 1_555 SG SG  .   . .   None            'Disulfide bridge' 
7 CYS A 121 ? CYS A 127 ? CYS A 207  ? 1_555 CYS A 213 ? 1_555 SG SG  .   . .   None            'Disulfide bridge' 
8 CYS A 134 ? CYS A 143 ? CYS A 220  ? 1_555 CYS A 229 ? 1_555 SG SG  .   . .   None            'Disulfide bridge' 
# 
_struct_sheet.id               AA 
_struct_sheet.type             ? 
_struct_sheet.number_strands   7 
_struct_sheet.details          ? 
# 
loop_
_struct_sheet_order.sheet_id 
_struct_sheet_order.range_id_1 
_struct_sheet_order.range_id_2 
_struct_sheet_order.offset 
_struct_sheet_order.sense 
AA 1 2 ? anti-parallel 
AA 2 3 ? anti-parallel 
AA 3 4 ? anti-parallel 
AA 4 5 ? anti-parallel 
AA 5 6 ? anti-parallel 
AA 6 7 ? anti-parallel 
# 
loop_
_struct_sheet_range.sheet_id 
_struct_sheet_range.id 
_struct_sheet_range.beg_label_comp_id 
_struct_sheet_range.beg_label_asym_id 
_struct_sheet_range.beg_label_seq_id 
_struct_sheet_range.pdbx_beg_PDB_ins_code 
_struct_sheet_range.end_label_comp_id 
_struct_sheet_range.end_label_asym_id 
_struct_sheet_range.end_label_seq_id 
_struct_sheet_range.pdbx_end_PDB_ins_code 
_struct_sheet_range.beg_auth_comp_id 
_struct_sheet_range.beg_auth_asym_id 
_struct_sheet_range.beg_auth_seq_id 
_struct_sheet_range.end_auth_comp_id 
_struct_sheet_range.end_auth_asym_id 
_struct_sheet_range.end_auth_seq_id 
AA 1 SER A 4   ? MET A 7   ? SER A 90  MET A 93  
AA 2 PHE A 12  ? GLY A 17  ? PHE A 98  GLY A 103 
AA 3 ASN A 20  ? SER A 27  ? ASN A 106 SER A 113 
AA 4 TYR A 128 ? GLN A 133 ? TYR A 214 GLN A 219 
AA 5 ILE A 89  ? ASN A 92  ? ILE A 175 ASN A 178 
AA 6 MET A 76  ? CYS A 78  ? MET A 162 CYS A 164 
AA 7 VAL A 38  ? VAL A 40  ? VAL A 124 VAL A 126 
# 
loop_
_pdbx_struct_sheet_hbond.sheet_id 
_pdbx_struct_sheet_hbond.range_id_1 
_pdbx_struct_sheet_hbond.range_id_2 
_pdbx_struct_sheet_hbond.range_1_label_atom_id 
_pdbx_struct_sheet_hbond.range_1_label_comp_id 
_pdbx_struct_sheet_hbond.range_1_label_asym_id 
_pdbx_struct_sheet_hbond.range_1_label_seq_id 
_pdbx_struct_sheet_hbond.range_1_PDB_ins_code 
_pdbx_struct_sheet_hbond.range_1_auth_atom_id 
_pdbx_struct_sheet_hbond.range_1_auth_comp_id 
_pdbx_struct_sheet_hbond.range_1_auth_asym_id 
_pdbx_struct_sheet_hbond.range_1_auth_seq_id 
_pdbx_struct_sheet_hbond.range_2_label_atom_id 
_pdbx_struct_sheet_hbond.range_2_label_comp_id 
_pdbx_struct_sheet_hbond.range_2_label_asym_id 
_pdbx_struct_sheet_hbond.range_2_label_seq_id 
_pdbx_struct_sheet_hbond.range_2_PDB_ins_code 
_pdbx_struct_sheet_hbond.range_2_auth_atom_id 
_pdbx_struct_sheet_hbond.range_2_auth_comp_id 
_pdbx_struct_sheet_hbond.range_2_auth_asym_id 
_pdbx_struct_sheet_hbond.range_2_auth_seq_id 
AA 1 2 N CYS A 6   ? N CYS A 92  O TYR A 14  ? O TYR A 100 
AA 2 3 N GLY A 17  ? N GLY A 103 O ASN A 20  ? O ASN A 106 
AA 3 4 N SER A 27  ? N SER A 113 O TYR A 128 ? O TYR A 214 
AA 4 5 N ILE A 131 ? N ILE A 217 O ILE A 89  ? O ILE A 175 
AA 5 6 N GLN A 90  ? N GLN A 176 O LEU A 77  ? O LEU A 163 
AA 6 7 N CYS A 78  ? N CYS A 164 O VAL A 38  ? O VAL A 124 
# 
_pdbx_entry_details.entry_id                   2WFO 
_pdbx_entry_details.compound_details           ? 
_pdbx_entry_details.source_details             ? 
_pdbx_entry_details.nonpolymer_details         ? 
_pdbx_entry_details.sequence_details           ? 
_pdbx_entry_details.has_ligand_of_interest     ? 
_pdbx_entry_details.has_protein_modification   Y 
# 
_pdbx_validate_close_contact.id               1 
_pdbx_validate_close_contact.PDB_model_num    1 
_pdbx_validate_close_contact.auth_atom_id_1   O 
_pdbx_validate_close_contact.auth_asym_id_1   A 
_pdbx_validate_close_contact.auth_comp_id_1   HOH 
_pdbx_validate_close_contact.auth_seq_id_1    2070 
_pdbx_validate_close_contact.PDB_ins_code_1   ? 
_pdbx_validate_close_contact.label_alt_id_1   ? 
_pdbx_validate_close_contact.auth_atom_id_2   O 
_pdbx_validate_close_contact.auth_asym_id_2   A 
_pdbx_validate_close_contact.auth_comp_id_2   HOH 
_pdbx_validate_close_contact.auth_seq_id_2    2103 
_pdbx_validate_close_contact.PDB_ins_code_2   ? 
_pdbx_validate_close_contact.label_alt_id_2   ? 
_pdbx_validate_close_contact.dist             2.17 
# 
loop_
_pdbx_validate_torsion.id 
_pdbx_validate_torsion.PDB_model_num 
_pdbx_validate_torsion.auth_comp_id 
_pdbx_validate_torsion.auth_asym_id 
_pdbx_validate_torsion.auth_seq_id 
_pdbx_validate_torsion.PDB_ins_code 
_pdbx_validate_torsion.label_alt_id 
_pdbx_validate_torsion.phi 
_pdbx_validate_torsion.psi 
1 1 ASN A 95  ? ? -164.16 -169.41 
2 1 PHE A 226 ? ? 44.56   -128.32 
# 
loop_
_pdbx_struct_mod_residue.id 
_pdbx_struct_mod_residue.label_asym_id 
_pdbx_struct_mod_residue.label_comp_id 
_pdbx_struct_mod_residue.label_seq_id 
_pdbx_struct_mod_residue.auth_asym_id 
_pdbx_struct_mod_residue.auth_comp_id 
_pdbx_struct_mod_residue.auth_seq_id 
_pdbx_struct_mod_residue.PDB_ins_code 
_pdbx_struct_mod_residue.parent_comp_id 
_pdbx_struct_mod_residue.details 
1 A ASN 9  A ASN 95  ? ASN 'GLYCOSYLATION SITE' 
2 A ASN 51 A ASN 137 ? ASN 'GLYCOSYLATION SITE' 
3 A ASN 80 A ASN 166 ? ASN 'GLYCOSYLATION SITE' 
4 A ASN 92 A ASN 178 ? ASN 'GLYCOSYLATION SITE' 
# 
_pdbx_refine_tls.pdbx_refine_id   'X-RAY DIFFRACTION' 
_pdbx_refine_tls.id               1 
_pdbx_refine_tls.details          ? 
_pdbx_refine_tls.method           refined 
_pdbx_refine_tls.origin_x         -0.1430 
_pdbx_refine_tls.origin_y         -0.3802 
_pdbx_refine_tls.origin_z         -0.2398 
_pdbx_refine_tls.T[1][1]          0.0160 
_pdbx_refine_tls.T[2][2]          0.0040 
_pdbx_refine_tls.T[3][3]          0.0320 
_pdbx_refine_tls.T[1][2]          0.0051 
_pdbx_refine_tls.T[1][3]          0.0017 
_pdbx_refine_tls.T[2][3]          0.0043 
_pdbx_refine_tls.L[1][1]          0.8145 
_pdbx_refine_tls.L[2][2]          0.4456 
_pdbx_refine_tls.L[3][3]          0.6496 
_pdbx_refine_tls.L[1][2]          -0.0903 
_pdbx_refine_tls.L[1][3]          0.0171 
_pdbx_refine_tls.L[2][3]          0.0346 
_pdbx_refine_tls.S[1][1]          -0.0133 
_pdbx_refine_tls.S[1][2]          0.0194 
_pdbx_refine_tls.S[1][3]          0.0385 
_pdbx_refine_tls.S[2][1]          -0.0155 
_pdbx_refine_tls.S[2][2]          0.0070 
_pdbx_refine_tls.S[2][3]          -0.0165 
_pdbx_refine_tls.S[3][1]          -0.0143 
_pdbx_refine_tls.S[3][2]          -0.0239 
_pdbx_refine_tls.S[3][3]          0.0063 
# 
_pdbx_refine_tls_group.pdbx_refine_id      'X-RAY DIFFRACTION' 
_pdbx_refine_tls_group.id                  1 
_pdbx_refine_tls_group.refine_tls_id       1 
_pdbx_refine_tls_group.beg_auth_asym_id    A 
_pdbx_refine_tls_group.beg_auth_seq_id     87 
_pdbx_refine_tls_group.beg_label_asym_id   ? 
_pdbx_refine_tls_group.beg_label_seq_id    ? 
_pdbx_refine_tls_group.end_auth_asym_id    A 
_pdbx_refine_tls_group.end_auth_seq_id     239 
_pdbx_refine_tls_group.end_label_asym_id   ? 
_pdbx_refine_tls_group.end_label_seq_id    ? 
_pdbx_refine_tls_group.selection           ? 
_pdbx_refine_tls_group.selection_details   ? 
# 
_pdbx_distant_solvent_atoms.id                                1 
_pdbx_distant_solvent_atoms.PDB_model_num                     1 
_pdbx_distant_solvent_atoms.auth_atom_id                      O 
_pdbx_distant_solvent_atoms.label_alt_id                      ? 
_pdbx_distant_solvent_atoms.auth_asym_id                      A 
_pdbx_distant_solvent_atoms.auth_comp_id                      HOH 
_pdbx_distant_solvent_atoms.auth_seq_id                       2056 
_pdbx_distant_solvent_atoms.PDB_ins_code                      ? 
_pdbx_distant_solvent_atoms.neighbor_macromolecule_distance   5.84 
_pdbx_distant_solvent_atoms.neighbor_ligand_distance          . 
# 
loop_
_pdbx_unobs_or_zero_occ_residues.id 
_pdbx_unobs_or_zero_occ_residues.PDB_model_num 
_pdbx_unobs_or_zero_occ_residues.polymer_flag 
_pdbx_unobs_or_zero_occ_residues.occupancy_flag 
_pdbx_unobs_or_zero_occ_residues.auth_asym_id 
_pdbx_unobs_or_zero_occ_residues.auth_comp_id 
_pdbx_unobs_or_zero_occ_residues.auth_seq_id 
_pdbx_unobs_or_zero_occ_residues.PDB_ins_code 
_pdbx_unobs_or_zero_occ_residues.label_asym_id 
_pdbx_unobs_or_zero_occ_residues.label_comp_id 
_pdbx_unobs_or_zero_occ_residues.label_seq_id 
1  1 Y 1 A ASP 240 ? A ASP 154 
2  1 Y 1 A HIS 241 ? A HIS 155 
3  1 Y 1 A VAL 242 ? A VAL 156 
4  1 Y 1 A ASN 243 ? A ASN 157 
5  1 Y 1 A THR 244 ? A THR 158 
6  1 Y 1 A LEU 245 ? A LEU 159 
7  1 Y 1 A HIS 246 ? A HIS 160 
8  1 Y 1 A PHE 247 ? A PHE 161 
9  1 Y 1 A LEU 248 ? A LEU 162 
10 1 Y 1 A VAL 249 ? A VAL 163 
11 1 Y 1 A ARG 250 ? A ARG 164 
12 1 Y 1 A SER 251 ? A SER 165 
13 1 Y 1 A LYS 252 ? A LYS 166 
14 1 Y 1 A THR 253 ? A THR 167 
15 1 Y 1 A HIS 254 ? A HIS 168 
16 1 Y 1 A LEU 255 ? A LEU 169 
17 1 Y 1 A ASN 256 ? A ASN 170 
18 1 Y 1 A PHE 257 ? A PHE 171 
19 1 Y 1 A GLY 258 ? A GLY 172 
20 1 Y 1 A THR 259 ? A THR 173 
21 1 Y 1 A GLY 260 ? A GLY 174 
22 1 Y 1 A THR 261 ? A THR 175 
23 1 Y 1 A LYS 262 ? A LYS 176 
24 1 Y 1 A HIS 263 ? A HIS 177 
25 1 Y 1 A HIS 264 ? A HIS 178 
26 1 Y 1 A HIS 265 ? A HIS 179 
27 1 Y 1 A HIS 266 ? A HIS 180 
28 1 Y 1 A HIS 267 ? A HIS 181 
29 1 Y 1 A HIS 268 ? A HIS 182 
# 
loop_
_chem_comp_atom.comp_id 
_chem_comp_atom.atom_id 
_chem_comp_atom.type_symbol 
_chem_comp_atom.pdbx_aromatic_flag 
_chem_comp_atom.pdbx_stereo_config 
_chem_comp_atom.pdbx_ordinal 
ALA N    N N N 1   
ALA CA   C N S 2   
ALA C    C N N 3   
ALA O    O N N 4   
ALA CB   C N N 5   
ALA OXT  O N N 6   
ALA H    H N N 7   
ALA H2   H N N 8   
ALA HA   H N N 9   
ALA HB1  H N N 10  
ALA HB2  H N N 11  
ALA HB3  H N N 12  
ALA HXT  H N N 13  
ARG N    N N N 14  
ARG CA   C N S 15  
ARG C    C N N 16  
ARG O    O N N 17  
ARG CB   C N N 18  
ARG CG   C N N 19  
ARG CD   C N N 20  
ARG NE   N N N 21  
ARG CZ   C N N 22  
ARG NH1  N N N 23  
ARG NH2  N N N 24  
ARG OXT  O N N 25  
ARG H    H N N 26  
ARG H2   H N N 27  
ARG HA   H N N 28  
ARG HB2  H N N 29  
ARG HB3  H N N 30  
ARG HG2  H N N 31  
ARG HG3  H N N 32  
ARG HD2  H N N 33  
ARG HD3  H N N 34  
ARG HE   H N N 35  
ARG HH11 H N N 36  
ARG HH12 H N N 37  
ARG HH21 H N N 38  
ARG HH22 H N N 39  
ARG HXT  H N N 40  
ASN N    N N N 41  
ASN CA   C N S 42  
ASN C    C N N 43  
ASN O    O N N 44  
ASN CB   C N N 45  
ASN CG   C N N 46  
ASN OD1  O N N 47  
ASN ND2  N N N 48  
ASN OXT  O N N 49  
ASN H    H N N 50  
ASN H2   H N N 51  
ASN HA   H N N 52  
ASN HB2  H N N 53  
ASN HB3  H N N 54  
ASN HD21 H N N 55  
ASN HD22 H N N 56  
ASN HXT  H N N 57  
ASP N    N N N 58  
ASP CA   C N S 59  
ASP C    C N N 60  
ASP O    O N N 61  
ASP CB   C N N 62  
ASP CG   C N N 63  
ASP OD1  O N N 64  
ASP OD2  O N N 65  
ASP OXT  O N N 66  
ASP H    H N N 67  
ASP H2   H N N 68  
ASP HA   H N N 69  
ASP HB2  H N N 70  
ASP HB3  H N N 71  
ASP HD2  H N N 72  
ASP HXT  H N N 73  
CYS N    N N N 74  
CYS CA   C N R 75  
CYS C    C N N 76  
CYS O    O N N 77  
CYS CB   C N N 78  
CYS SG   S N N 79  
CYS OXT  O N N 80  
CYS H    H N N 81  
CYS H2   H N N 82  
CYS HA   H N N 83  
CYS HB2  H N N 84  
CYS HB3  H N N 85  
CYS HG   H N N 86  
CYS HXT  H N N 87  
GLN N    N N N 88  
GLN CA   C N S 89  
GLN C    C N N 90  
GLN O    O N N 91  
GLN CB   C N N 92  
GLN CG   C N N 93  
GLN CD   C N N 94  
GLN OE1  O N N 95  
GLN NE2  N N N 96  
GLN OXT  O N N 97  
GLN H    H N N 98  
GLN H2   H N N 99  
GLN HA   H N N 100 
GLN HB2  H N N 101 
GLN HB3  H N N 102 
GLN HG2  H N N 103 
GLN HG3  H N N 104 
GLN HE21 H N N 105 
GLN HE22 H N N 106 
GLN HXT  H N N 107 
GLU N    N N N 108 
GLU CA   C N S 109 
GLU C    C N N 110 
GLU O    O N N 111 
GLU CB   C N N 112 
GLU CG   C N N 113 
GLU CD   C N N 114 
GLU OE1  O N N 115 
GLU OE2  O N N 116 
GLU OXT  O N N 117 
GLU H    H N N 118 
GLU H2   H N N 119 
GLU HA   H N N 120 
GLU HB2  H N N 121 
GLU HB3  H N N 122 
GLU HG2  H N N 123 
GLU HG3  H N N 124 
GLU HE2  H N N 125 
GLU HXT  H N N 126 
GLY N    N N N 127 
GLY CA   C N N 128 
GLY C    C N N 129 
GLY O    O N N 130 
GLY OXT  O N N 131 
GLY H    H N N 132 
GLY H2   H N N 133 
GLY HA2  H N N 134 
GLY HA3  H N N 135 
GLY HXT  H N N 136 
HIS N    N N N 137 
HIS CA   C N S 138 
HIS C    C N N 139 
HIS O    O N N 140 
HIS CB   C N N 141 
HIS CG   C Y N 142 
HIS ND1  N Y N 143 
HIS CD2  C Y N 144 
HIS CE1  C Y N 145 
HIS NE2  N Y N 146 
HIS OXT  O N N 147 
HIS H    H N N 148 
HIS H2   H N N 149 
HIS HA   H N N 150 
HIS HB2  H N N 151 
HIS HB3  H N N 152 
HIS HD1  H N N 153 
HIS HD2  H N N 154 
HIS HE1  H N N 155 
HIS HE2  H N N 156 
HIS HXT  H N N 157 
HOH O    O N N 158 
HOH H1   H N N 159 
HOH H2   H N N 160 
ILE N    N N N 161 
ILE CA   C N S 162 
ILE C    C N N 163 
ILE O    O N N 164 
ILE CB   C N S 165 
ILE CG1  C N N 166 
ILE CG2  C N N 167 
ILE CD1  C N N 168 
ILE OXT  O N N 169 
ILE H    H N N 170 
ILE H2   H N N 171 
ILE HA   H N N 172 
ILE HB   H N N 173 
ILE HG12 H N N 174 
ILE HG13 H N N 175 
ILE HG21 H N N 176 
ILE HG22 H N N 177 
ILE HG23 H N N 178 
ILE HD11 H N N 179 
ILE HD12 H N N 180 
ILE HD13 H N N 181 
ILE HXT  H N N 182 
LEU N    N N N 183 
LEU CA   C N S 184 
LEU C    C N N 185 
LEU O    O N N 186 
LEU CB   C N N 187 
LEU CG   C N N 188 
LEU CD1  C N N 189 
LEU CD2  C N N 190 
LEU OXT  O N N 191 
LEU H    H N N 192 
LEU H2   H N N 193 
LEU HA   H N N 194 
LEU HB2  H N N 195 
LEU HB3  H N N 196 
LEU HG   H N N 197 
LEU HD11 H N N 198 
LEU HD12 H N N 199 
LEU HD13 H N N 200 
LEU HD21 H N N 201 
LEU HD22 H N N 202 
LEU HD23 H N N 203 
LEU HXT  H N N 204 
LYS N    N N N 205 
LYS CA   C N S 206 
LYS C    C N N 207 
LYS O    O N N 208 
LYS CB   C N N 209 
LYS CG   C N N 210 
LYS CD   C N N 211 
LYS CE   C N N 212 
LYS NZ   N N N 213 
LYS OXT  O N N 214 
LYS H    H N N 215 
LYS H2   H N N 216 
LYS HA   H N N 217 
LYS HB2  H N N 218 
LYS HB3  H N N 219 
LYS HG2  H N N 220 
LYS HG3  H N N 221 
LYS HD2  H N N 222 
LYS HD3  H N N 223 
LYS HE2  H N N 224 
LYS HE3  H N N 225 
LYS HZ1  H N N 226 
LYS HZ2  H N N 227 
LYS HZ3  H N N 228 
LYS HXT  H N N 229 
MET N    N N N 230 
MET CA   C N S 231 
MET C    C N N 232 
MET O    O N N 233 
MET CB   C N N 234 
MET CG   C N N 235 
MET SD   S N N 236 
MET CE   C N N 237 
MET OXT  O N N 238 
MET H    H N N 239 
MET H2   H N N 240 
MET HA   H N N 241 
MET HB2  H N N 242 
MET HB3  H N N 243 
MET HG2  H N N 244 
MET HG3  H N N 245 
MET HE1  H N N 246 
MET HE2  H N N 247 
MET HE3  H N N 248 
MET HXT  H N N 249 
NAG C1   C N R 250 
NAG C2   C N R 251 
NAG C3   C N R 252 
NAG C4   C N S 253 
NAG C5   C N R 254 
NAG C6   C N N 255 
NAG C7   C N N 256 
NAG C8   C N N 257 
NAG N2   N N N 258 
NAG O1   O N N 259 
NAG O3   O N N 260 
NAG O4   O N N 261 
NAG O5   O N N 262 
NAG O6   O N N 263 
NAG O7   O N N 264 
NAG H1   H N N 265 
NAG H2   H N N 266 
NAG H3   H N N 267 
NAG H4   H N N 268 
NAG H5   H N N 269 
NAG H61  H N N 270 
NAG H62  H N N 271 
NAG H81  H N N 272 
NAG H82  H N N 273 
NAG H83  H N N 274 
NAG HN2  H N N 275 
NAG HO1  H N N 276 
NAG HO3  H N N 277 
NAG HO4  H N N 278 
NAG HO6  H N N 279 
PHE N    N N N 280 
PHE CA   C N S 281 
PHE C    C N N 282 
PHE O    O N N 283 
PHE CB   C N N 284 
PHE CG   C Y N 285 
PHE CD1  C Y N 286 
PHE CD2  C Y N 287 
PHE CE1  C Y N 288 
PHE CE2  C Y N 289 
PHE CZ   C Y N 290 
PHE OXT  O N N 291 
PHE H    H N N 292 
PHE H2   H N N 293 
PHE HA   H N N 294 
PHE HB2  H N N 295 
PHE HB3  H N N 296 
PHE HD1  H N N 297 
PHE HD2  H N N 298 
PHE HE1  H N N 299 
PHE HE2  H N N 300 
PHE HZ   H N N 301 
PHE HXT  H N N 302 
PRO N    N N N 303 
PRO CA   C N S 304 
PRO C    C N N 305 
PRO O    O N N 306 
PRO CB   C N N 307 
PRO CG   C N N 308 
PRO CD   C N N 309 
PRO OXT  O N N 310 
PRO H    H N N 311 
PRO HA   H N N 312 
PRO HB2  H N N 313 
PRO HB3  H N N 314 
PRO HG2  H N N 315 
PRO HG3  H N N 316 
PRO HD2  H N N 317 
PRO HD3  H N N 318 
PRO HXT  H N N 319 
SER N    N N N 320 
SER CA   C N S 321 
SER C    C N N 322 
SER O    O N N 323 
SER CB   C N N 324 
SER OG   O N N 325 
SER OXT  O N N 326 
SER H    H N N 327 
SER H2   H N N 328 
SER HA   H N N 329 
SER HB2  H N N 330 
SER HB3  H N N 331 
SER HG   H N N 332 
SER HXT  H N N 333 
THR N    N N N 334 
THR CA   C N S 335 
THR C    C N N 336 
THR O    O N N 337 
THR CB   C N R 338 
THR OG1  O N N 339 
THR CG2  C N N 340 
THR OXT  O N N 341 
THR H    H N N 342 
THR H2   H N N 343 
THR HA   H N N 344 
THR HB   H N N 345 
THR HG1  H N N 346 
THR HG21 H N N 347 
THR HG22 H N N 348 
THR HG23 H N N 349 
THR HXT  H N N 350 
TRP N    N N N 351 
TRP CA   C N S 352 
TRP C    C N N 353 
TRP O    O N N 354 
TRP CB   C N N 355 
TRP CG   C Y N 356 
TRP CD1  C Y N 357 
TRP CD2  C Y N 358 
TRP NE1  N Y N 359 
TRP CE2  C Y N 360 
TRP CE3  C Y N 361 
TRP CZ2  C Y N 362 
TRP CZ3  C Y N 363 
TRP CH2  C Y N 364 
TRP OXT  O N N 365 
TRP H    H N N 366 
TRP H2   H N N 367 
TRP HA   H N N 368 
TRP HB2  H N N 369 
TRP HB3  H N N 370 
TRP HD1  H N N 371 
TRP HE1  H N N 372 
TRP HE3  H N N 373 
TRP HZ2  H N N 374 
TRP HZ3  H N N 375 
TRP HH2  H N N 376 
TRP HXT  H N N 377 
TYR N    N N N 378 
TYR CA   C N S 379 
TYR C    C N N 380 
TYR O    O N N 381 
TYR CB   C N N 382 
TYR CG   C Y N 383 
TYR CD1  C Y N 384 
TYR CD2  C Y N 385 
TYR CE1  C Y N 386 
TYR CE2  C Y N 387 
TYR CZ   C Y N 388 
TYR OH   O N N 389 
TYR OXT  O N N 390 
TYR H    H N N 391 
TYR H2   H N N 392 
TYR HA   H N N 393 
TYR HB2  H N N 394 
TYR HB3  H N N 395 
TYR HD1  H N N 396 
TYR HD2  H N N 397 
TYR HE1  H N N 398 
TYR HE2  H N N 399 
TYR HH   H N N 400 
TYR HXT  H N N 401 
VAL N    N N N 402 
VAL CA   C N S 403 
VAL C    C N N 404 
VAL O    O N N 405 
VAL CB   C N N 406 
VAL CG1  C N N 407 
VAL CG2  C N N 408 
VAL OXT  O N N 409 
VAL H    H N N 410 
VAL H2   H N N 411 
VAL HA   H N N 412 
VAL HB   H N N 413 
VAL HG11 H N N 414 
VAL HG12 H N N 415 
VAL HG13 H N N 416 
VAL HG21 H N N 417 
VAL HG22 H N N 418 
VAL HG23 H N N 419 
VAL HXT  H N N 420 
# 
loop_
_chem_comp_bond.comp_id 
_chem_comp_bond.atom_id_1 
_chem_comp_bond.atom_id_2 
_chem_comp_bond.value_order 
_chem_comp_bond.pdbx_aromatic_flag 
_chem_comp_bond.pdbx_stereo_config 
_chem_comp_bond.pdbx_ordinal 
ALA N   CA   sing N N 1   
ALA N   H    sing N N 2   
ALA N   H2   sing N N 3   
ALA CA  C    sing N N 4   
ALA CA  CB   sing N N 5   
ALA CA  HA   sing N N 6   
ALA C   O    doub N N 7   
ALA C   OXT  sing N N 8   
ALA CB  HB1  sing N N 9   
ALA CB  HB2  sing N N 10  
ALA CB  HB3  sing N N 11  
ALA OXT HXT  sing N N 12  
ARG N   CA   sing N N 13  
ARG N   H    sing N N 14  
ARG N   H2   sing N N 15  
ARG CA  C    sing N N 16  
ARG CA  CB   sing N N 17  
ARG CA  HA   sing N N 18  
ARG C   O    doub N N 19  
ARG C   OXT  sing N N 20  
ARG CB  CG   sing N N 21  
ARG CB  HB2  sing N N 22  
ARG CB  HB3  sing N N 23  
ARG CG  CD   sing N N 24  
ARG CG  HG2  sing N N 25  
ARG CG  HG3  sing N N 26  
ARG CD  NE   sing N N 27  
ARG CD  HD2  sing N N 28  
ARG CD  HD3  sing N N 29  
ARG NE  CZ   sing N N 30  
ARG NE  HE   sing N N 31  
ARG CZ  NH1  sing N N 32  
ARG CZ  NH2  doub N N 33  
ARG NH1 HH11 sing N N 34  
ARG NH1 HH12 sing N N 35  
ARG NH2 HH21 sing N N 36  
ARG NH2 HH22 sing N N 37  
ARG OXT HXT  sing N N 38  
ASN N   CA   sing N N 39  
ASN N   H    sing N N 40  
ASN N   H2   sing N N 41  
ASN CA  C    sing N N 42  
ASN CA  CB   sing N N 43  
ASN CA  HA   sing N N 44  
ASN C   O    doub N N 45  
ASN C   OXT  sing N N 46  
ASN CB  CG   sing N N 47  
ASN CB  HB2  sing N N 48  
ASN CB  HB3  sing N N 49  
ASN CG  OD1  doub N N 50  
ASN CG  ND2  sing N N 51  
ASN ND2 HD21 sing N N 52  
ASN ND2 HD22 sing N N 53  
ASN OXT HXT  sing N N 54  
ASP N   CA   sing N N 55  
ASP N   H    sing N N 56  
ASP N   H2   sing N N 57  
ASP CA  C    sing N N 58  
ASP CA  CB   sing N N 59  
ASP CA  HA   sing N N 60  
ASP C   O    doub N N 61  
ASP C   OXT  sing N N 62  
ASP CB  CG   sing N N 63  
ASP CB  HB2  sing N N 64  
ASP CB  HB3  sing N N 65  
ASP CG  OD1  doub N N 66  
ASP CG  OD2  sing N N 67  
ASP OD2 HD2  sing N N 68  
ASP OXT HXT  sing N N 69  
CYS N   CA   sing N N 70  
CYS N   H    sing N N 71  
CYS N   H2   sing N N 72  
CYS CA  C    sing N N 73  
CYS CA  CB   sing N N 74  
CYS CA  HA   sing N N 75  
CYS C   O    doub N N 76  
CYS C   OXT  sing N N 77  
CYS CB  SG   sing N N 78  
CYS CB  HB2  sing N N 79  
CYS CB  HB3  sing N N 80  
CYS SG  HG   sing N N 81  
CYS OXT HXT  sing N N 82  
GLN N   CA   sing N N 83  
GLN N   H    sing N N 84  
GLN N   H2   sing N N 85  
GLN CA  C    sing N N 86  
GLN CA  CB   sing N N 87  
GLN CA  HA   sing N N 88  
GLN C   O    doub N N 89  
GLN C   OXT  sing N N 90  
GLN CB  CG   sing N N 91  
GLN CB  HB2  sing N N 92  
GLN CB  HB3  sing N N 93  
GLN CG  CD   sing N N 94  
GLN CG  HG2  sing N N 95  
GLN CG  HG3  sing N N 96  
GLN CD  OE1  doub N N 97  
GLN CD  NE2  sing N N 98  
GLN NE2 HE21 sing N N 99  
GLN NE2 HE22 sing N N 100 
GLN OXT HXT  sing N N 101 
GLU N   CA   sing N N 102 
GLU N   H    sing N N 103 
GLU N   H2   sing N N 104 
GLU CA  C    sing N N 105 
GLU CA  CB   sing N N 106 
GLU CA  HA   sing N N 107 
GLU C   O    doub N N 108 
GLU C   OXT  sing N N 109 
GLU CB  CG   sing N N 110 
GLU CB  HB2  sing N N 111 
GLU CB  HB3  sing N N 112 
GLU CG  CD   sing N N 113 
GLU CG  HG2  sing N N 114 
GLU CG  HG3  sing N N 115 
GLU CD  OE1  doub N N 116 
GLU CD  OE2  sing N N 117 
GLU OE2 HE2  sing N N 118 
GLU OXT HXT  sing N N 119 
GLY N   CA   sing N N 120 
GLY N   H    sing N N 121 
GLY N   H2   sing N N 122 
GLY CA  C    sing N N 123 
GLY CA  HA2  sing N N 124 
GLY CA  HA3  sing N N 125 
GLY C   O    doub N N 126 
GLY C   OXT  sing N N 127 
GLY OXT HXT  sing N N 128 
HIS N   CA   sing N N 129 
HIS N   H    sing N N 130 
HIS N   H2   sing N N 131 
HIS CA  C    sing N N 132 
HIS CA  CB   sing N N 133 
HIS CA  HA   sing N N 134 
HIS C   O    doub N N 135 
HIS C   OXT  sing N N 136 
HIS CB  CG   sing N N 137 
HIS CB  HB2  sing N N 138 
HIS CB  HB3  sing N N 139 
HIS CG  ND1  sing Y N 140 
HIS CG  CD2  doub Y N 141 
HIS ND1 CE1  doub Y N 142 
HIS ND1 HD1  sing N N 143 
HIS CD2 NE2  sing Y N 144 
HIS CD2 HD2  sing N N 145 
HIS CE1 NE2  sing Y N 146 
HIS CE1 HE1  sing N N 147 
HIS NE2 HE2  sing N N 148 
HIS OXT HXT  sing N N 149 
HOH O   H1   sing N N 150 
HOH O   H2   sing N N 151 
ILE N   CA   sing N N 152 
ILE N   H    sing N N 153 
ILE N   H2   sing N N 154 
ILE CA  C    sing N N 155 
ILE CA  CB   sing N N 156 
ILE CA  HA   sing N N 157 
ILE C   O    doub N N 158 
ILE C   OXT  sing N N 159 
ILE CB  CG1  sing N N 160 
ILE CB  CG2  sing N N 161 
ILE CB  HB   sing N N 162 
ILE CG1 CD1  sing N N 163 
ILE CG1 HG12 sing N N 164 
ILE CG1 HG13 sing N N 165 
ILE CG2 HG21 sing N N 166 
ILE CG2 HG22 sing N N 167 
ILE CG2 HG23 sing N N 168 
ILE CD1 HD11 sing N N 169 
ILE CD1 HD12 sing N N 170 
ILE CD1 HD13 sing N N 171 
ILE OXT HXT  sing N N 172 
LEU N   CA   sing N N 173 
LEU N   H    sing N N 174 
LEU N   H2   sing N N 175 
LEU CA  C    sing N N 176 
LEU CA  CB   sing N N 177 
LEU CA  HA   sing N N 178 
LEU C   O    doub N N 179 
LEU C   OXT  sing N N 180 
LEU CB  CG   sing N N 181 
LEU CB  HB2  sing N N 182 
LEU CB  HB3  sing N N 183 
LEU CG  CD1  sing N N 184 
LEU CG  CD2  sing N N 185 
LEU CG  HG   sing N N 186 
LEU CD1 HD11 sing N N 187 
LEU CD1 HD12 sing N N 188 
LEU CD1 HD13 sing N N 189 
LEU CD2 HD21 sing N N 190 
LEU CD2 HD22 sing N N 191 
LEU CD2 HD23 sing N N 192 
LEU OXT HXT  sing N N 193 
LYS N   CA   sing N N 194 
LYS N   H    sing N N 195 
LYS N   H2   sing N N 196 
LYS CA  C    sing N N 197 
LYS CA  CB   sing N N 198 
LYS CA  HA   sing N N 199 
LYS C   O    doub N N 200 
LYS C   OXT  sing N N 201 
LYS CB  CG   sing N N 202 
LYS CB  HB2  sing N N 203 
LYS CB  HB3  sing N N 204 
LYS CG  CD   sing N N 205 
LYS CG  HG2  sing N N 206 
LYS CG  HG3  sing N N 207 
LYS CD  CE   sing N N 208 
LYS CD  HD2  sing N N 209 
LYS CD  HD3  sing N N 210 
LYS CE  NZ   sing N N 211 
LYS CE  HE2  sing N N 212 
LYS CE  HE3  sing N N 213 
LYS NZ  HZ1  sing N N 214 
LYS NZ  HZ2  sing N N 215 
LYS NZ  HZ3  sing N N 216 
LYS OXT HXT  sing N N 217 
MET N   CA   sing N N 218 
MET N   H    sing N N 219 
MET N   H2   sing N N 220 
MET CA  C    sing N N 221 
MET CA  CB   sing N N 222 
MET CA  HA   sing N N 223 
MET C   O    doub N N 224 
MET C   OXT  sing N N 225 
MET CB  CG   sing N N 226 
MET CB  HB2  sing N N 227 
MET CB  HB3  sing N N 228 
MET CG  SD   sing N N 229 
MET CG  HG2  sing N N 230 
MET CG  HG3  sing N N 231 
MET SD  CE   sing N N 232 
MET CE  HE1  sing N N 233 
MET CE  HE2  sing N N 234 
MET CE  HE3  sing N N 235 
MET OXT HXT  sing N N 236 
NAG C1  C2   sing N N 237 
NAG C1  O1   sing N N 238 
NAG C1  O5   sing N N 239 
NAG C1  H1   sing N N 240 
NAG C2  C3   sing N N 241 
NAG C2  N2   sing N N 242 
NAG C2  H2   sing N N 243 
NAG C3  C4   sing N N 244 
NAG C3  O3   sing N N 245 
NAG C3  H3   sing N N 246 
NAG C4  C5   sing N N 247 
NAG C4  O4   sing N N 248 
NAG C4  H4   sing N N 249 
NAG C5  C6   sing N N 250 
NAG C5  O5   sing N N 251 
NAG C5  H5   sing N N 252 
NAG C6  O6   sing N N 253 
NAG C6  H61  sing N N 254 
NAG C6  H62  sing N N 255 
NAG C7  C8   sing N N 256 
NAG C7  N2   sing N N 257 
NAG C7  O7   doub N N 258 
NAG C8  H81  sing N N 259 
NAG C8  H82  sing N N 260 
NAG C8  H83  sing N N 261 
NAG N2  HN2  sing N N 262 
NAG O1  HO1  sing N N 263 
NAG O3  HO3  sing N N 264 
NAG O4  HO4  sing N N 265 
NAG O6  HO6  sing N N 266 
PHE N   CA   sing N N 267 
PHE N   H    sing N N 268 
PHE N   H2   sing N N 269 
PHE CA  C    sing N N 270 
PHE CA  CB   sing N N 271 
PHE CA  HA   sing N N 272 
PHE C   O    doub N N 273 
PHE C   OXT  sing N N 274 
PHE CB  CG   sing N N 275 
PHE CB  HB2  sing N N 276 
PHE CB  HB3  sing N N 277 
PHE CG  CD1  doub Y N 278 
PHE CG  CD2  sing Y N 279 
PHE CD1 CE1  sing Y N 280 
PHE CD1 HD1  sing N N 281 
PHE CD2 CE2  doub Y N 282 
PHE CD2 HD2  sing N N 283 
PHE CE1 CZ   doub Y N 284 
PHE CE1 HE1  sing N N 285 
PHE CE2 CZ   sing Y N 286 
PHE CE2 HE2  sing N N 287 
PHE CZ  HZ   sing N N 288 
PHE OXT HXT  sing N N 289 
PRO N   CA   sing N N 290 
PRO N   CD   sing N N 291 
PRO N   H    sing N N 292 
PRO CA  C    sing N N 293 
PRO CA  CB   sing N N 294 
PRO CA  HA   sing N N 295 
PRO C   O    doub N N 296 
PRO C   OXT  sing N N 297 
PRO CB  CG   sing N N 298 
PRO CB  HB2  sing N N 299 
PRO CB  HB3  sing N N 300 
PRO CG  CD   sing N N 301 
PRO CG  HG2  sing N N 302 
PRO CG  HG3  sing N N 303 
PRO CD  HD2  sing N N 304 
PRO CD  HD3  sing N N 305 
PRO OXT HXT  sing N N 306 
SER N   CA   sing N N 307 
SER N   H    sing N N 308 
SER N   H2   sing N N 309 
SER CA  C    sing N N 310 
SER CA  CB   sing N N 311 
SER CA  HA   sing N N 312 
SER C   O    doub N N 313 
SER C   OXT  sing N N 314 
SER CB  OG   sing N N 315 
SER CB  HB2  sing N N 316 
SER CB  HB3  sing N N 317 
SER OG  HG   sing N N 318 
SER OXT HXT  sing N N 319 
THR N   CA   sing N N 320 
THR N   H    sing N N 321 
THR N   H2   sing N N 322 
THR CA  C    sing N N 323 
THR CA  CB   sing N N 324 
THR CA  HA   sing N N 325 
THR C   O    doub N N 326 
THR C   OXT  sing N N 327 
THR CB  OG1  sing N N 328 
THR CB  CG2  sing N N 329 
THR CB  HB   sing N N 330 
THR OG1 HG1  sing N N 331 
THR CG2 HG21 sing N N 332 
THR CG2 HG22 sing N N 333 
THR CG2 HG23 sing N N 334 
THR OXT HXT  sing N N 335 
TRP N   CA   sing N N 336 
TRP N   H    sing N N 337 
TRP N   H2   sing N N 338 
TRP CA  C    sing N N 339 
TRP CA  CB   sing N N 340 
TRP CA  HA   sing N N 341 
TRP C   O    doub N N 342 
TRP C   OXT  sing N N 343 
TRP CB  CG   sing N N 344 
TRP CB  HB2  sing N N 345 
TRP CB  HB3  sing N N 346 
TRP CG  CD1  doub Y N 347 
TRP CG  CD2  sing Y N 348 
TRP CD1 NE1  sing Y N 349 
TRP CD1 HD1  sing N N 350 
TRP CD2 CE2  doub Y N 351 
TRP CD2 CE3  sing Y N 352 
TRP NE1 CE2  sing Y N 353 
TRP NE1 HE1  sing N N 354 
TRP CE2 CZ2  sing Y N 355 
TRP CE3 CZ3  doub Y N 356 
TRP CE3 HE3  sing N N 357 
TRP CZ2 CH2  doub Y N 358 
TRP CZ2 HZ2  sing N N 359 
TRP CZ3 CH2  sing Y N 360 
TRP CZ3 HZ3  sing N N 361 
TRP CH2 HH2  sing N N 362 
TRP OXT HXT  sing N N 363 
TYR N   CA   sing N N 364 
TYR N   H    sing N N 365 
TYR N   H2   sing N N 366 
TYR CA  C    sing N N 367 
TYR CA  CB   sing N N 368 
TYR CA  HA   sing N N 369 
TYR C   O    doub N N 370 
TYR C   OXT  sing N N 371 
TYR CB  CG   sing N N 372 
TYR CB  HB2  sing N N 373 
TYR CB  HB3  sing N N 374 
TYR CG  CD1  doub Y N 375 
TYR CG  CD2  sing Y N 376 
TYR CD1 CE1  sing Y N 377 
TYR CD1 HD1  sing N N 378 
TYR CD2 CE2  doub Y N 379 
TYR CD2 HD2  sing N N 380 
TYR CE1 CZ   doub Y N 381 
TYR CE1 HE1  sing N N 382 
TYR CE2 CZ   sing Y N 383 
TYR CE2 HE2  sing N N 384 
TYR CZ  OH   sing N N 385 
TYR OH  HH   sing N N 386 
TYR OXT HXT  sing N N 387 
VAL N   CA   sing N N 388 
VAL N   H    sing N N 389 
VAL N   H2   sing N N 390 
VAL CA  C    sing N N 391 
VAL CA  CB   sing N N 392 
VAL CA  HA   sing N N 393 
VAL C   O    doub N N 394 
VAL C   OXT  sing N N 395 
VAL CB  CG1  sing N N 396 
VAL CB  CG2  sing N N 397 
VAL CB  HB   sing N N 398 
VAL CG1 HG11 sing N N 399 
VAL CG1 HG12 sing N N 400 
VAL CG1 HG13 sing N N 401 
VAL CG2 HG21 sing N N 402 
VAL CG2 HG22 sing N N 403 
VAL CG2 HG23 sing N N 404 
VAL OXT HXT  sing N N 405 
# 
loop_
_pdbx_entity_branch_list.entity_id 
_pdbx_entity_branch_list.comp_id 
_pdbx_entity_branch_list.num 
_pdbx_entity_branch_list.hetero 
2 NAG 1 n 
2 NAG 2 n 
# 
_atom_sites.entry_id                    2WFO 
_atom_sites.fract_transf_matrix[1][1]   -0.01335927 
_atom_sites.fract_transf_matrix[1][2]   0.01402430 
_atom_sites.fract_transf_matrix[1][3]   -0.00124836 
_atom_sites.fract_transf_matrix[2][1]   0.00660246 
_atom_sites.fract_transf_matrix[2][2]   0.00763314 
_atom_sites.fract_transf_matrix[2][3]   0.01509609 
_atom_sites.fract_transf_matrix[3][1]   0.01023571 
_atom_sites.fract_transf_matrix[3][2]   0.00894906 
_atom_sites.fract_transf_matrix[3][3]   -0.00900168 
_atom_sites.fract_transf_vector[1]      0.643677 
_atom_sites.fract_transf_vector[2]      0.666329 
_atom_sites.fract_transf_vector[3]      0.084597 
# 
loop_
_atom_type.symbol 
C 
N 
O 
S 
# 
loop_
_atom_site.group_PDB 
_atom_site.id 
_atom_site.type_symbol 
_atom_site.label_atom_id 
_atom_site.label_alt_id 
_atom_site.label_comp_id 
_atom_site.label_asym_id 
_atom_site.label_entity_id 
_atom_site.label_seq_id 
_atom_site.pdbx_PDB_ins_code 
_atom_site.Cartn_x 
_atom_site.Cartn_y 
_atom_site.Cartn_z 
_atom_site.occupancy 
_atom_site.B_iso_or_equiv 
_atom_site.pdbx_formal_charge 
_atom_site.auth_seq_id 
_atom_site.auth_comp_id 
_atom_site.auth_asym_id 
_atom_site.auth_atom_id 
_atom_site.pdbx_PDB_model_num 
ATOM   1    N N   . GLU A 1 1   ? -2.674  19.529  -5.264  1.00 38.16 ? 87   GLU A N   1 
ATOM   2    C CA  . GLU A 1 1   ? -3.916  19.081  -4.566  1.00 37.37 ? 87   GLU A CA  1 
ATOM   3    C C   . GLU A 1 1   ? -4.036  17.547  -4.511  1.00 35.42 ? 87   GLU A C   1 
ATOM   4    O O   . GLU A 1 1   ? -4.571  17.020  -3.533  1.00 35.73 ? 87   GLU A O   1 
ATOM   5    C CB  . GLU A 1 1   ? -5.136  19.760  -5.208  1.00 38.49 ? 87   GLU A CB  1 
ATOM   6    C CG  . GLU A 1 1   ? -6.481  18.983  -5.205  1.00 39.66 ? 87   GLU A CG  1 
ATOM   7    C CD  . GLU A 1 1   ? -6.895  18.494  -6.579  1.00 42.39 ? 87   GLU A CD  1 
ATOM   8    O OE1 . GLU A 1 1   ? -6.680  19.238  -7.570  1.00 45.26 ? 87   GLU A OE1 1 
ATOM   9    O OE2 . GLU A 1 1   ? -7.461  17.379  -6.670  1.00 44.08 ? 87   GLU A OE2 1 
ATOM   10   N N   . LEU A 1 2   ? -3.566  16.843  -5.550  1.00 32.97 ? 88   LEU A N   1 
ATOM   11   C CA  . LEU A 1 2   ? -3.475  15.373  -5.516  1.00 30.19 ? 88   LEU A CA  1 
ATOM   12   C C   . LEU A 1 2   ? -2.114  14.941  -4.978  1.00 27.63 ? 88   LEU A C   1 
ATOM   13   O O   . LEU A 1 2   ? -1.119  15.628  -5.196  1.00 26.85 ? 88   LEU A O   1 
ATOM   14   C CB  . LEU A 1 2   ? -3.623  14.760  -6.916  1.00 30.28 ? 88   LEU A CB  1 
ATOM   15   C CG  . LEU A 1 2   ? -4.959  14.876  -7.645  1.00 31.06 ? 88   LEU A CG  1 
ATOM   16   C CD1 . LEU A 1 2   ? -4.958  13.979  -8.886  1.00 31.57 ? 88   LEU A CD1 1 
ATOM   17   C CD2 . LEU A 1 2   ? -6.076  14.498  -6.717  1.00 30.04 ? 88   LEU A CD2 1 
ATOM   18   N N   . PRO A 1 3   ? -2.057  13.776  -4.310  1.00 24.52 ? 89   PRO A N   1 
ATOM   19   C CA  . PRO A 1 3   ? -0.738  13.217  -4.023  1.00 23.39 ? 89   PRO A CA  1 
ATOM   20   C C   . PRO A 1 3   ? 0.087   13.043  -5.295  1.00 22.24 ? 89   PRO A C   1 
ATOM   21   O O   . PRO A 1 3   ? -0.474  12.878  -6.373  1.00 23.34 ? 89   PRO A O   1 
ATOM   22   C CB  . PRO A 1 3   ? -1.074  11.855  -3.409  1.00 22.64 ? 89   PRO A CB  1 
ATOM   23   C CG  . PRO A 1 3   ? -2.402  12.084  -2.761  1.00 23.29 ? 89   PRO A CG  1 
ATOM   24   C CD  . PRO A 1 3   ? -3.131  12.932  -3.758  1.00 24.08 ? 89   PRO A CD  1 
ATOM   25   N N   . SER A 1 4   ? 1.404   13.105  -5.178  1.00 20.73 ? 90   SER A N   1 
ATOM   26   C CA  . SER A 1 4   ? 2.287   12.877  -6.313  1.00 20.40 ? 90   SER A CA  1 
ATOM   27   C C   . SER A 1 4   ? 2.710   11.422  -6.324  1.00 18.69 ? 90   SER A C   1 
ATOM   28   O O   . SER A 1 4   ? 2.940   10.864  -5.265  1.00 18.27 ? 90   SER A O   1 
ATOM   29   C CB  . SER A 1 4   ? 3.518   13.769  -6.211  1.00 20.86 ? 90   SER A CB  1 
ATOM   30   O OG  . SER A 1 4   ? 3.098   15.113  -6.147  1.00 25.68 ? 90   SER A OG  1 
ATOM   31   N N   . LEU A 1 5   ? 2.835   10.837  -7.514  1.00 17.64 ? 91   LEU A N   1 
ATOM   32   C CA  . LEU A 1 5   ? 3.151   9.405   -7.676  1.00 17.11 ? 91   LEU A CA  1 
ATOM   33   C C   . LEU A 1 5   ? 4.426   9.219   -8.483  1.00 17.36 ? 91   LEU A C   1 
ATOM   34   O O   . LEU A 1 5   ? 4.706   9.984   -9.395  1.00 18.04 ? 91   LEU A O   1 
ATOM   35   C CB  . LEU A 1 5   ? 1.988   8.673   -8.351  1.00 16.84 ? 91   LEU A CB  1 
ATOM   36   C CG  . LEU A 1 5   ? 0.647   8.722   -7.612  1.00 17.83 ? 91   LEU A CG  1 
ATOM   37   C CD1 . LEU A 1 5   ? -0.427  8.001   -8.401  1.00 18.95 ? 91   LEU A CD1 1 
ATOM   38   C CD2 . LEU A 1 5   ? 0.783   8.131   -6.240  1.00 16.07 ? 91   LEU A CD2 1 
ATOM   39   N N   . CYS A 1 6   ? 5.200   8.199   -8.130  1.00 16.22 ? 92   CYS A N   1 
ATOM   40   C CA  . CYS A 1 6   ? 6.446   7.877   -8.799  1.00 16.62 ? 92   CYS A CA  1 
ATOM   41   C C   . CYS A 1 6   ? 6.541   6.369   -8.958  1.00 15.19 ? 92   CYS A C   1 
ATOM   42   O O   . CYS A 1 6   ? 6.236   5.633   -8.043  1.00 13.59 ? 92   CYS A O   1 
ATOM   43   C CB  . CYS A 1 6   ? 7.613   8.348   -7.929  1.00 16.50 ? 92   CYS A CB  1 
ATOM   44   S SG  . CYS A 1 6   ? 9.238   7.774   -8.402  1.00 23.63 ? 92   CYS A SG  1 
ATOM   45   N N   . MET A 1 7   ? 6.998   5.920   -10.114 1.00 15.53 ? 93   MET A N   1 
ATOM   46   C CA  . MET A 1 7   ? 7.311   4.524   -10.314 1.00 15.01 ? 93   MET A CA  1 
ATOM   47   C C   . MET A 1 7   ? 8.817   4.380   -10.504 1.00 15.20 ? 93   MET A C   1 
ATOM   48   O O   . MET A 1 7   ? 9.401   4.985   -11.417 1.00 14.47 ? 93   MET A O   1 
ATOM   49   C CB  . MET A 1 7   ? 6.584   3.986   -11.531 1.00 15.52 ? 93   MET A CB  1 
ATOM   50   C CG  . MET A 1 7   ? 6.992   2.592   -11.935 1.00 16.17 ? 93   MET A CG  1 
ATOM   51   S SD  . MET A 1 7   ? 5.923   2.054   -13.302 1.00 21.25 ? 93   MET A SD  1 
ATOM   52   C CE  . MET A 1 7   ? 6.316   0.302   -13.370 1.00 15.52 ? 93   MET A CE  1 
ATOM   53   N N   . LEU A 1 8   ? 9.430   3.557   -9.661  1.00 14.81 ? 94   LEU A N   1 
ATOM   54   C CA  . LEU A 1 8   ? 10.847  3.249   -9.764  1.00 15.93 ? 94   LEU A CA  1 
ATOM   55   C C   . LEU A 1 8   ? 11.059  2.106   -10.757 1.00 16.12 ? 94   LEU A C   1 
ATOM   56   O O   . LEU A 1 8   ? 11.929  2.165   -11.622 1.00 16.81 ? 94   LEU A O   1 
ATOM   57   C CB  . LEU A 1 8   ? 11.374  2.875   -8.376  1.00 16.23 ? 94   LEU A CB  1 
ATOM   58   C CG  . LEU A 1 8   ? 12.875  2.736   -8.167  1.00 17.18 ? 94   LEU A CG  1 
ATOM   59   C CD1 . LEU A 1 8   ? 13.518  4.118   -8.306  1.00 21.28 ? 94   LEU A CD1 1 
ATOM   60   C CD2 . LEU A 1 8   ? 13.246  2.106   -6.835  1.00 17.70 ? 94   LEU A CD2 1 
ATOM   61   N N   . ASN A 1 9   ? 10.271  1.052   -10.597 1.00 15.36 ? 95   ASN A N   1 
ATOM   62   C CA  . ASN A 1 9   ? 10.324  -0.125  -11.461 1.00 15.48 ? 95   ASN A CA  1 
ATOM   63   C C   . ASN A 1 9   ? 9.035   -0.904  -11.213 1.00 15.13 ? 95   ASN A C   1 
ATOM   64   O O   . ASN A 1 9   ? 8.127   -0.372  -10.578 1.00 14.79 ? 95   ASN A O   1 
ATOM   65   C CB  . ASN A 1 9   ? 11.584  -0.959  -11.199 1.00 15.26 ? 95   ASN A CB  1 
ATOM   66   C CG  . ASN A 1 9   ? 11.660  -1.535  -9.791  1.00 15.32 ? 95   ASN A CG  1 
ATOM   67   O OD1 . ASN A 1 9   ? 10.644  -1.784  -9.120  1.00 15.47 ? 95   ASN A OD1 1 
ATOM   68   N ND2 . ASN A 1 9   ? 12.887  -1.774  -9.336  1.00 18.02 ? 95   ASN A ND2 1 
ATOM   69   N N   . ASN A 1 10  ? 8.912   -2.126  -11.708 1.00 15.30 ? 96   ASN A N   1 
ATOM   70   C CA  . ASN A 1 10  ? 7.585   -2.754  -11.642 1.00 15.52 ? 96   ASN A CA  1 
ATOM   71   C C   . ASN A 1 10  ? 7.129   -3.113  -10.222 1.00 15.41 ? 96   ASN A C   1 
ATOM   72   O O   . ASN A 1 10  ? 5.931   -3.297  -9.993  1.00 15.47 ? 96   ASN A O   1 
ATOM   73   C CB  . ASN A 1 10  ? 7.481   -4.003  -12.515 1.00 16.11 ? 96   ASN A CB  1 
ATOM   74   C CG  . ASN A 1 10  ? 6.041   -4.313  -12.895 1.00 16.54 ? 96   ASN A CG  1 
ATOM   75   O OD1 . ASN A 1 10  ? 5.414   -3.543  -13.628 1.00 18.69 ? 96   ASN A OD1 1 
ATOM   76   N ND2 . ASN A 1 10  ? 5.508   -5.435  -12.403 1.00 17.20 ? 96   ASN A ND2 1 
ATOM   77   N N   . SER A 1 11  ? 8.068   -3.228  -9.281  1.00 14.66 ? 97   SER A N   1 
ATOM   78   C CA  . SER A 1 11  ? 7.714   -3.592  -7.917  1.00 14.62 ? 97   SER A CA  1 
ATOM   79   C C   . SER A 1 11  ? 7.773   -2.442  -6.905  1.00 13.96 ? 97   SER A C   1 
ATOM   80   O O   . SER A 1 11  ? 7.219   -2.584  -5.817  1.00 13.68 ? 97   SER A O   1 
ATOM   81   C CB  . SER A 1 11  ? 8.545   -4.793  -7.426  1.00 15.20 ? 97   SER A CB  1 
ATOM   82   O OG  . SER A 1 11  ? 9.928   -4.491  -7.372  1.00 15.17 ? 97   SER A OG  1 
ATOM   83   N N   . PHE A 1 12  ? 8.462   -1.346  -7.243  1.00 13.70 ? 98   PHE A N   1 
ATOM   84   C CA  . PHE A 1 12  ? 8.695   -0.228  -6.329  1.00 12.61 ? 98   PHE A CA  1 
ATOM   85   C C   . PHE A 1 12  ? 8.092   1.069   -6.831  1.00 12.70 ? 98   PHE A C   1 
ATOM   86   O O   . PHE A 1 12  ? 8.388   1.518   -7.944  1.00 11.37 ? 98   PHE A O   1 
ATOM   87   C CB  . PHE A 1 12  ? 10.192  0.024   -6.141  1.00 12.36 ? 98   PHE A CB  1 
ATOM   88   C CG  . PHE A 1 12  ? 10.822  -0.778  -5.042  1.00 13.29 ? 98   PHE A CG  1 
ATOM   89   C CD1 . PHE A 1 12  ? 10.713  -2.167  -5.012  1.00 13.00 ? 98   PHE A CD1 1 
ATOM   90   C CD2 . PHE A 1 12  ? 11.595  -0.149  -4.066  1.00 13.48 ? 98   PHE A CD2 1 
ATOM   91   C CE1 . PHE A 1 12  ? 11.302  -2.896  -4.011  1.00 14.97 ? 98   PHE A CE1 1 
ATOM   92   C CE2 . PHE A 1 12  ? 12.215  -0.884  -3.077  1.00 13.74 ? 98   PHE A CE2 1 
ATOM   93   C CZ  . PHE A 1 12  ? 12.073  -2.245  -3.033  1.00 15.01 ? 98   PHE A CZ  1 
ATOM   94   N N   . TYR A 1 13  ? 7.265   1.673   -5.975  1.00 11.32 ? 99   TYR A N   1 
ATOM   95   C CA  . TYR A 1 13  ? 6.552   2.912   -6.293  1.00 11.39 ? 99   TYR A CA  1 
ATOM   96   C C   . TYR A 1 13  ? 6.599   3.786   -5.070  1.00 11.13 ? 99   TYR A C   1 
ATOM   97   O O   . TYR A 1 13  ? 6.883   3.307   -3.955  1.00 9.99  ? 99   TYR A O   1 
ATOM   98   C CB  . TYR A 1 13  ? 5.074   2.637   -6.626  1.00 11.44 ? 99   TYR A CB  1 
ATOM   99   C CG  . TYR A 1 13  ? 4.892   1.645   -7.708  1.00 10.47 ? 99   TYR A CG  1 
ATOM   100  C CD1 . TYR A 1 13  ? 4.647   2.059   -8.997  1.00 11.11 ? 99   TYR A CD1 1 
ATOM   101  C CD2 . TYR A 1 13  ? 5.009   0.284   -7.457  1.00 11.27 ? 99   TYR A CD2 1 
ATOM   102  C CE1 . TYR A 1 13  ? 4.513   1.149   -10.013 1.00 13.92 ? 99   TYR A CE1 1 
ATOM   103  C CE2 . TYR A 1 13  ? 4.874   -0.643  -8.478  1.00 12.54 ? 99   TYR A CE2 1 
ATOM   104  C CZ  . TYR A 1 13  ? 4.623   -0.179  -9.753  1.00 11.67 ? 99   TYR A CZ  1 
ATOM   105  O OH  . TYR A 1 13  ? 4.502   -1.046  -10.783 1.00 12.71 ? 99   TYR A OH  1 
ATOM   106  N N   . TYR A 1 14  ? 6.347   5.074   -5.266  1.00 10.28 ? 100  TYR A N   1 
ATOM   107  C CA  . TYR A 1 14  ? 6.269   6.003   -4.141  1.00 10.67 ? 100  TYR A CA  1 
ATOM   108  C C   . TYR A 1 14  ? 5.118   6.979   -4.307  1.00 11.22 ? 100  TYR A C   1 
ATOM   109  O O   . TYR A 1 14  ? 4.758   7.364   -5.422  1.00 11.50 ? 100  TYR A O   1 
ATOM   110  C CB  . TYR A 1 14  ? 7.549   6.830   -3.972  1.00 11.05 ? 100  TYR A CB  1 
ATOM   111  C CG  . TYR A 1 14  ? 8.809   6.012   -3.744  1.00 11.00 ? 100  TYR A CG  1 
ATOM   112  C CD1 . TYR A 1 14  ? 9.290   5.774   -2.462  1.00 10.96 ? 100  TYR A CD1 1 
ATOM   113  C CD2 . TYR A 1 14  ? 9.484   5.425   -4.822  1.00 10.69 ? 100  TYR A CD2 1 
ATOM   114  C CE1 . TYR A 1 14  ? 10.442  5.034   -2.250  1.00 10.66 ? 100  TYR A CE1 1 
ATOM   115  C CE2 . TYR A 1 14  ? 10.618  4.669   -4.622  1.00 10.84 ? 100  TYR A CE2 1 
ATOM   116  C CZ  . TYR A 1 14  ? 11.103  4.472   -3.345  1.00 12.15 ? 100  TYR A CZ  1 
ATOM   117  O OH  . TYR A 1 14  ? 12.221  3.715   -3.139  1.00 12.21 ? 100  TYR A OH  1 
ATOM   118  N N   . MET A 1 15  ? 4.566   7.400   -3.178  1.00 11.87 ? 101  MET A N   1 
ATOM   119  C CA  . MET A 1 15  ? 3.561   8.460   -3.138  1.00 11.83 ? 101  MET A CA  1 
ATOM   120  C C   . MET A 1 15  ? 3.956   9.551   -2.164  1.00 13.29 ? 101  MET A C   1 
ATOM   121  O O   . MET A 1 15  ? 4.392   9.285   -1.047  1.00 12.55 ? 101  MET A O   1 
ATOM   122  C CB  . MET A 1 15  ? 2.188   7.888   -2.734  1.00 11.44 ? 101  MET A CB  1 
ATOM   123  C CG  . MET A 1 15  ? 1.142   8.965   -2.532  1.00 12.46 ? 101  MET A CG  1 
ATOM   124  S SD  . MET A 1 15  ? -0.495  8.330   -2.173  1.00 14.30 ? 101  MET A SD  1 
ATOM   125  C CE  . MET A 1 15  ? -0.204  7.525   -0.617  1.00 12.82 ? 101  MET A CE  1 
ATOM   126  N N   . LYS A 1 16  ? 3.821   10.802  -2.597  1.00 14.63 ? 102  LYS A N   1 
ATOM   127  C CA  . LYS A 1 16  ? 4.062   11.930  -1.722  1.00 16.57 ? 102  LYS A CA  1 
ATOM   128  C C   . LYS A 1 16  ? 2.738   12.632  -1.485  1.00 17.00 ? 102  LYS A C   1 
ATOM   129  O O   . LYS A 1 16  ? 2.061   13.036  -2.431  1.00 17.43 ? 102  LYS A O   1 
ATOM   130  C CB  . LYS A 1 16  ? 5.093   12.891  -2.328  1.00 17.58 ? 102  LYS A CB  1 
ATOM   131  C CG  . LYS A 1 16  ? 5.460   14.034  -1.394  1.00 20.76 ? 102  LYS A CG  1 
ATOM   132  C CD  . LYS A 1 16  ? 6.818   14.609  -1.738  1.00 24.85 ? 102  LYS A CD  1 
ATOM   133  C CE  . LYS A 1 16  ? 7.171   15.799  -0.863  1.00 27.84 ? 102  LYS A CE  1 
ATOM   134  N NZ  . LYS A 1 16  ? 6.379   16.989  -1.231  1.00 29.25 ? 102  LYS A NZ  1 
ATOM   135  N N   . GLY A 1 17  ? 2.369   12.753  -0.219  1.00 17.61 ? 103  GLY A N   1 
ATOM   136  C CA  . GLY A 1 17  ? 1.142   13.434  0.195   1.00 19.05 ? 103  GLY A CA  1 
ATOM   137  C C   . GLY A 1 17  ? 1.531   14.463  1.234   1.00 19.96 ? 103  GLY A C   1 
ATOM   138  O O   . GLY A 1 17  ? 1.856   14.121  2.368   1.00 19.36 ? 103  GLY A O   1 
ATOM   139  N N   . GLY A 1 18  ? 1.525   15.732  0.843   1.00 21.66 ? 104  GLY A N   1 
ATOM   140  C CA  . GLY A 1 18  ? 2.082   16.779  1.687   1.00 22.53 ? 104  GLY A CA  1 
ATOM   141  C C   . GLY A 1 18  ? 3.553   16.546  1.974   1.00 22.72 ? 104  GLY A C   1 
ATOM   142  O O   . GLY A 1 18  ? 4.359   16.376  1.064   1.00 23.93 ? 104  GLY A O   1 
ATOM   143  N N   . ALA A 1 19  ? 3.899   16.497  3.254   1.00 22.59 ? 105  ALA A N   1 
ATOM   144  C CA  . ALA A 1 19  ? 5.280   16.308  3.665   1.00 22.36 ? 105  ALA A CA  1 
ATOM   145  C C   . ALA A 1 19  ? 5.628   14.832  3.780   1.00 20.75 ? 105  ALA A C   1 
ATOM   146  O O   . ALA A 1 19  ? 6.801   14.481  3.921   1.00 21.64 ? 105  ALA A O   1 
ATOM   147  C CB  . ALA A 1 19  ? 5.535   17.004  4.986   1.00 23.28 ? 105  ALA A CB  1 
ATOM   148  N N   . ASN A 1 20  ? 4.620   13.970  3.720   1.00 18.87 ? 106  ASN A N   1 
ATOM   149  C CA  . ASN A 1 20  ? 4.833   12.526  3.881   1.00 16.95 ? 106  ASN A CA  1 
ATOM   150  C C   . ASN A 1 20  ? 5.080   11.801  2.560   1.00 15.42 ? 106  ASN A C   1 
ATOM   151  O O   . ASN A 1 20  ? 4.448   12.105  1.534   1.00 14.95 ? 106  ASN A O   1 
ATOM   152  C CB  . ASN A 1 20  ? 3.633   11.902  4.604   1.00 16.81 ? 106  ASN A CB  1 
ATOM   153  C CG  . ASN A 1 20  ? 3.429   12.495  5.991   1.00 18.15 ? 106  ASN A CG  1 
ATOM   154  O OD1 . ASN A 1 20  ? 4.379   12.596  6.765   1.00 20.05 ? 106  ASN A OD1 1 
ATOM   155  N ND2 . ASN A 1 20  ? 2.205   12.903  6.303   1.00 20.69 ? 106  ASN A ND2 1 
ATOM   156  N N   . ILE A 1 21  ? 5.988   10.831  2.609   1.00 13.50 ? 107  ILE A N   1 
ATOM   157  C CA  . ILE A 1 21  ? 6.323   10.000  1.467   1.00 12.40 ? 107  ILE A CA  1 
ATOM   158  C C   . ILE A 1 21  ? 6.131   8.562   1.904   1.00 11.61 ? 107  ILE A C   1 
ATOM   159  O O   . ILE A 1 21  ? 6.462   8.197   3.047   1.00 11.18 ? 107  ILE A O   1 
ATOM   160  C CB  . ILE A 1 21  ? 7.768   10.249  0.944   1.00 12.83 ? 107  ILE A CB  1 
ATOM   161  C CG1 . ILE A 1 21  ? 8.002   11.736  0.649   1.00 15.38 ? 107  ILE A CG1 1 
ATOM   162  C CG2 . ILE A 1 21  ? 8.045   9.450   -0.328  1.00 13.65 ? 107  ILE A CG2 1 
ATOM   163  C CD1 . ILE A 1 21  ? 9.368   12.044  0.006   1.00 16.45 ? 107  ILE A CD1 1 
ATOM   164  N N   . PHE A 1 22  ? 5.562   7.767   0.995   1.00 10.44 ? 108  PHE A N   1 
ATOM   165  C CA  . PHE A 1 22  ? 5.250   6.367   1.243   1.00 10.26 ? 108  PHE A CA  1 
ATOM   166  C C   . PHE A 1 22  ? 5.894   5.475   0.187   1.00 9.66  ? 108  PHE A C   1 
ATOM   167  O O   . PHE A 1 22  ? 5.824   5.765   -1.014  1.00 10.32 ? 108  PHE A O   1 
ATOM   168  C CB  . PHE A 1 22  ? 3.724   6.186   1.207   1.00 10.93 ? 108  PHE A CB  1 
ATOM   169  C CG  . PHE A 1 22  ? 2.994   7.066   2.200   1.00 10.12 ? 108  PHE A CG  1 
ATOM   170  C CD1 . PHE A 1 22  ? 2.773   6.627   3.496   1.00 11.72 ? 108  PHE A CD1 1 
ATOM   171  C CD2 . PHE A 1 22  ? 2.557   8.340   1.837   1.00 11.16 ? 108  PHE A CD2 1 
ATOM   172  C CE1 . PHE A 1 22  ? 2.109   7.447   4.417   1.00 11.60 ? 108  PHE A CE1 1 
ATOM   173  C CE2 . PHE A 1 22  ? 1.904   9.161   2.768   1.00 12.94 ? 108  PHE A CE2 1 
ATOM   174  C CZ  . PHE A 1 22  ? 1.694   8.703   4.044   1.00 12.78 ? 108  PHE A CZ  1 
ATOM   175  N N   . LEU A 1 23  ? 6.503   4.384   0.653   1.00 9.42  ? 109  LEU A N   1 
ATOM   176  C CA  . LEU A 1 23  ? 7.030   3.312   -0.191  1.00 9.38  ? 109  LEU A CA  1 
ATOM   177  C C   . LEU A 1 23  ? 5.907   2.321   -0.437  1.00 9.63  ? 109  LEU A C   1 
ATOM   178  O O   . LEU A 1 23  ? 5.269   1.838   0.509   1.00 8.79  ? 109  LEU A O   1 
ATOM   179  C CB  . LEU A 1 23  ? 8.204   2.628   0.537   1.00 9.37  ? 109  LEU A CB  1 
ATOM   180  C CG  . LEU A 1 23  ? 8.766   1.339   -0.055  1.00 9.85  ? 109  LEU A CG  1 
ATOM   181  C CD1 . LEU A 1 23  ? 9.493   1.654   -1.383  1.00 10.38 ? 109  LEU A CD1 1 
ATOM   182  C CD2 . LEU A 1 23  ? 9.680   0.673   0.941   1.00 9.56  ? 109  LEU A CD2 1 
ATOM   183  N N   . ILE A 1 24  ? 5.646   2.059   -1.716  1.00 10.03 ? 110  ILE A N   1 
ATOM   184  C CA  . ILE A 1 24  ? 4.577   1.154   -2.144  1.00 10.52 ? 110  ILE A CA  1 
ATOM   185  C C   . ILE A 1 24  ? 5.236   0.032   -2.938  1.00 10.44 ? 110  ILE A C   1 
ATOM   186  O O   . ILE A 1 24  ? 5.925   0.296   -3.929  1.00 9.96  ? 110  ILE A O   1 
ATOM   187  C CB  . ILE A 1 24  ? 3.560   1.917   -3.050  1.00 10.06 ? 110  ILE A CB  1 
ATOM   188  C CG1 . ILE A 1 24  ? 2.922   3.064   -2.239  1.00 10.06 ? 110  ILE A CG1 1 
ATOM   189  C CG2 . ILE A 1 24  ? 2.488   0.957   -3.583  1.00 13.02 ? 110  ILE A CG2 1 
ATOM   190  C CD1 . ILE A 1 24  ? 2.143   4.060   -3.064  1.00 11.29 ? 110  ILE A CD1 1 
ATOM   191  N N   . ARG A 1 25  ? 5.068   -1.203  -2.484  1.00 10.40 ? 111  ARG A N   1 
ATOM   192  C CA  . ARG A 1 25  ? 5.683   -2.341  -3.159  1.00 10.97 ? 111  ARG A CA  1 
ATOM   193  C C   . ARG A 1 25  ? 4.664   -3.392  -3.528  1.00 11.44 ? 111  ARG A C   1 
ATOM   194  O O   . ARG A 1 25  ? 3.672   -3.587  -2.829  1.00 11.67 ? 111  ARG A O   1 
ATOM   195  C CB  . ARG A 1 25  ? 6.802   -2.956  -2.300  1.00 11.83 ? 111  ARG A CB  1 
ATOM   196  C CG  . ARG A 1 25  ? 7.968   -2.018  -2.152  1.00 11.49 ? 111  ARG A CG  1 
ATOM   197  C CD  . ARG A 1 25  ? 9.064   -2.637  -1.341  1.00 13.18 ? 111  ARG A CD  1 
ATOM   198  N NE  . ARG A 1 25  ? 8.730   -2.647  0.068   1.00 12.90 ? 111  ARG A NE  1 
ATOM   199  C CZ  . ARG A 1 25  ? 9.507   -3.160  1.021   1.00 14.84 ? 111  ARG A CZ  1 
ATOM   200  N NH1 . ARG A 1 25  ? 10.644  -3.788  0.708   1.00 14.48 ? 111  ARG A NH1 1 
ATOM   201  N NH2 . ARG A 1 25  ? 9.107   -3.081  2.291   1.00 15.07 ? 111  ARG A NH2 1 
ATOM   202  N N   . VAL A 1 26  ? 4.883   -4.018  -4.685  1.00 11.66 ? 112  VAL A N   1 
ATOM   203  C CA  . VAL A 1 26  ? 4.090   -5.173  -5.087  1.00 11.88 ? 112  VAL A CA  1 
ATOM   204  C C   . VAL A 1 26  ? 4.952   -6.386  -4.852  1.00 13.26 ? 112  VAL A C   1 
ATOM   205  O O   . VAL A 1 26  ? 6.091   -6.450  -5.339  1.00 14.18 ? 112  VAL A O   1 
ATOM   206  C CB  . VAL A 1 26  ? 3.624   -5.077  -6.562  1.00 12.28 ? 112  VAL A CB  1 
ATOM   207  C CG1 . VAL A 1 26  ? 2.693   -6.245  -6.885  1.00 12.46 ? 112  VAL A CG1 1 
ATOM   208  C CG2 . VAL A 1 26  ? 2.932   -3.744  -6.764  1.00 9.88  ? 112  VAL A CG2 1 
ATOM   209  N N   . SER A 1 27  ? 4.448   -7.337  -4.065  1.00 13.73 ? 113  SER A N   1 
ATOM   210  C CA  . SER A 1 27  ? 5.261   -8.489  -3.713  1.00 14.95 ? 113  SER A CA  1 
ATOM   211  C C   . SER A 1 27  ? 4.442   -9.751  -3.442  1.00 14.86 ? 113  SER A C   1 
ATOM   212  O O   . SER A 1 27  ? 3.203   -9.710  -3.391  1.00 14.27 ? 113  SER A O   1 
ATOM   213  C CB  . SER A 1 27  ? 6.175   -8.157  -2.535  1.00 15.90 ? 113  SER A CB  1 
ATOM   214  O OG  . SER A 1 27  ? 5.559   -8.421  -1.284  1.00 18.85 ? 113  SER A OG  1 
ATOM   215  N N   . ASP A 1 28  ? 5.148   -10.873 -3.312  1.00 13.71 ? 114  ASP A N   1 
ATOM   216  C CA  . ASP A 1 28  ? 4.501   -12.140 -3.097  1.00 13.97 ? 114  ASP A CA  1 
ATOM   217  C C   . ASP A 1 28  ? 4.735   -12.711 -1.692  1.00 12.70 ? 114  ASP A C   1 
ATOM   218  O O   . ASP A 1 28  ? 4.603   -13.904 -1.500  1.00 11.53 ? 114  ASP A O   1 
ATOM   219  C CB  . ASP A 1 28  ? 4.882   -13.133 -4.206  1.00 14.95 ? 114  ASP A CB  1 
ATOM   220  C CG  . ASP A 1 28  ? 6.314   -13.600 -4.138  1.00 18.85 ? 114  ASP A CG  1 
ATOM   221  O OD1 . ASP A 1 28  ? 7.155   -12.992 -3.424  1.00 18.51 ? 114  ASP A OD1 1 
ATOM   222  O OD2 . ASP A 1 28  ? 6.591   -14.617 -4.834  1.00 21.98 ? 114  ASP A OD2 1 
ATOM   223  N N   . VAL A 1 29  ? 5.076   -11.849 -0.733  1.00 11.88 ? 115  VAL A N   1 
ATOM   224  C CA  . VAL A 1 29  ? 5.268   -12.254 0.643   1.00 11.88 ? 115  VAL A CA  1 
ATOM   225  C C   . VAL A 1 29  ? 4.578   -11.248 1.552   1.00 11.73 ? 115  VAL A C   1 
ATOM   226  O O   . VAL A 1 29  ? 4.667   -10.031 1.350   1.00 11.39 ? 115  VAL A O   1 
ATOM   227  C CB  . VAL A 1 29  ? 6.785   -12.332 1.015   1.00 13.28 ? 115  VAL A CB  1 
ATOM   228  C CG1 . VAL A 1 29  ? 6.963   -12.655 2.499   1.00 12.42 ? 115  VAL A CG1 1 
ATOM   229  C CG2 . VAL A 1 29  ? 7.493   -13.362 0.165   1.00 14.81 ? 115  VAL A CG2 1 
ATOM   230  N N   . SER A 1 30  ? 3.900   -11.765 2.558   1.00 12.90 ? 116  SER A N   1 
ATOM   231  C CA  . SER A 1 30  ? 3.349   -10.937 3.641   1.00 12.63 ? 116  SER A CA  1 
ATOM   232  C C   . SER A 1 30  ? 3.729   -11.532 4.974   1.00 12.06 ? 116  SER A C   1 
ATOM   233  O O   . SER A 1 30  ? 3.761   -12.750 5.109   1.00 11.70 ? 116  SER A O   1 
ATOM   234  C CB  . SER A 1 30  ? 1.832   -10.888 3.583   1.00 13.60 ? 116  SER A CB  1 
ATOM   235  O OG  . SER A 1 30  ? 1.333   -10.116 4.686   1.00 16.26 ? 116  SER A OG  1 
ATOM   236  N N   . VAL A 1 31  ? 3.996   -10.667 5.960   1.00 10.57 ? 117  VAL A N   1 
ATOM   237  C CA  . VAL A 1 31  ? 4.185   -11.126 7.339   1.00 10.95 ? 117  VAL A CA  1 
ATOM   238  C C   . VAL A 1 31  ? 3.079   -10.622 8.245   1.00 11.36 ? 117  VAL A C   1 
ATOM   239  O O   . VAL A 1 31  ? 3.201   -10.707 9.476   1.00 12.32 ? 117  VAL A O   1 
ATOM   240  C CB  . VAL A 1 31  ? 5.566   -10.743 7.885   1.00 10.77 ? 117  VAL A CB  1 
ATOM   241  C CG1 . VAL A 1 31  ? 6.624   -11.549 7.124   1.00 9.55  ? 117  VAL A CG1 1 
ATOM   242  C CG2 . VAL A 1 31  ? 5.807   -9.218  7.794   1.00 10.85 ? 117  VAL A CG2 1 
ATOM   243  N N   . LEU A 1 32  ? 1.998   -10.120 7.640   1.00 11.33 ? 118  LEU A N   1 
ATOM   244  C CA  . LEU A 1 32  ? 0.785   -9.763  8.372   1.00 12.32 ? 118  LEU A CA  1 
ATOM   245  C C   . LEU A 1 32  ? -0.176  -10.960 8.436   1.00 13.15 ? 118  LEU A C   1 
ATOM   246  O O   . LEU A 1 32  ? -0.072  -11.902 7.609   1.00 13.90 ? 118  LEU A O   1 
ATOM   247  C CB  . LEU A 1 32  ? 0.089   -8.522  7.760   1.00 12.99 ? 118  LEU A CB  1 
ATOM   248  C CG  . LEU A 1 32  ? 0.880   -7.202  7.758   1.00 12.56 ? 118  LEU A CG  1 
ATOM   249  C CD1 . LEU A 1 32  ? 0.003   -6.037  7.226   1.00 12.18 ? 118  LEU A CD1 1 
ATOM   250  C CD2 . LEU A 1 32  ? 1.479   -6.842  9.158   1.00 10.94 ? 118  LEU A CD2 1 
ATOM   251  N N   . MET A 1 33  ? -1.066  -10.945 9.438   1.00 13.06 ? 119  MET A N   1 
ATOM   252  C CA  . MET A 1 33  ? -1.985  -12.047 9.688   1.00 15.21 ? 119  MET A CA  1 
ATOM   253  C C   . MET A 1 33  ? -3.309  -11.478 10.193  1.00 15.41 ? 119  MET A C   1 
ATOM   254  O O   . MET A 1 33  ? -3.351  -10.694 11.156  1.00 14.44 ? 119  MET A O   1 
ATOM   255  C CB  . MET A 1 33  ? -1.320  -13.000 10.716  1.00 15.95 ? 119  MET A CB  1 
ATOM   256  C CG  . MET A 1 33  ? -2.180  -14.079 11.370  1.00 21.04 ? 119  MET A CG  1 
ATOM   257  S SD  . MET A 1 33  ? -3.019  -15.095 10.162  1.00 29.21 ? 119  MET A SD  1 
ATOM   258  C CE  . MET A 1 33  ? -1.747  -15.472 9.023   1.00 24.10 ? 119  MET A CE  1 
ATOM   259  N N   . LYS A 1 34  ? -4.398  -11.861 9.535   1.00 16.72 ? 120  LYS A N   1 
ATOM   260  C CA  . LYS A 1 34  ? -5.731  -11.480 9.990   1.00 18.91 ? 120  LYS A CA  1 
ATOM   261  C C   . LYS A 1 34  ? -6.006  -12.030 11.385  1.00 20.23 ? 120  LYS A C   1 
ATOM   262  O O   . LYS A 1 34  ? -5.626  -13.156 11.702  1.00 20.53 ? 120  LYS A O   1 
ATOM   263  C CB  . LYS A 1 34  ? -6.817  -12.028 9.055   1.00 20.57 ? 120  LYS A CB  1 
ATOM   264  C CG  . LYS A 1 34  ? -6.987  -11.284 7.755   1.00 22.95 ? 120  LYS A CG  1 
ATOM   265  C CD  . LYS A 1 34  ? -8.456  -11.445 7.274   1.00 27.50 ? 120  LYS A CD  1 
ATOM   266  C CE  . LYS A 1 34  ? -8.568  -11.919 5.833   1.00 30.28 ? 120  LYS A CE  1 
ATOM   267  N NZ  . LYS A 1 34  ? -9.851  -12.681 5.609   1.00 30.98 ? 120  LYS A NZ  1 
ATOM   268  N N   . GLU A 1 35  ? -6.682  -11.240 12.207  1.00 20.77 ? 121  GLU A N   1 
ATOM   269  C CA  . GLU A 1 35  ? -6.940  -11.600 13.618  1.00 21.89 ? 121  GLU A CA  1 
ATOM   270  C C   . GLU A 1 35  ? -5.685  -11.586 14.507  1.00 21.09 ? 121  GLU A C   1 
ATOM   271  O O   . GLU A 1 35  ? -5.770  -11.956 15.675  1.00 21.86 ? 121  GLU A O   1 
ATOM   272  C CB  . GLU A 1 35  ? -7.685  -12.952 13.766  1.00 23.58 ? 121  GLU A CB  1 
ATOM   273  C CG  . GLU A 1 35  ? -8.920  -13.139 12.875  1.00 27.25 ? 121  GLU A CG  1 
ATOM   274  C CD  . GLU A 1 35  ? -9.815  -11.892 12.780  1.00 32.10 ? 121  GLU A CD  1 
ATOM   275  O OE1 . GLU A 1 35  ? -10.155 -11.301 13.836  1.00 33.13 ? 121  GLU A OE1 1 
ATOM   276  O OE2 . GLU A 1 35  ? -10.179 -11.504 11.641  1.00 35.44 ? 121  GLU A OE2 1 
ATOM   277  N N   . TYR A 1 36  ? -4.533  -11.162 13.974  1.00 18.27 ? 122  TYR A N   1 
ATOM   278  C CA  . TYR A 1 36  ? -3.392  -10.772 14.807  1.00 17.10 ? 122  TYR A CA  1 
ATOM   279  C C   . TYR A 1 36  ? -3.129  -9.280  14.607  1.00 15.22 ? 122  TYR A C   1 
ATOM   280  O O   . TYR A 1 36  ? -3.076  -8.496  15.564  1.00 14.97 ? 122  TYR A O   1 
ATOM   281  C CB  . TYR A 1 36  ? -2.122  -11.577 14.492  1.00 16.80 ? 122  TYR A CB  1 
ATOM   282  C CG  . TYR A 1 36  ? -0.954  -11.048 15.312  1.00 16.84 ? 122  TYR A CG  1 
ATOM   283  C CD1 . TYR A 1 36  ? -0.867  -11.324 16.670  1.00 16.81 ? 122  TYR A CD1 1 
ATOM   284  C CD2 . TYR A 1 36  ? -0.007  -10.197 14.750  1.00 18.37 ? 122  TYR A CD2 1 
ATOM   285  C CE1 . TYR A 1 36  ? 0.149   -10.799 17.447  1.00 19.68 ? 122  TYR A CE1 1 
ATOM   286  C CE2 . TYR A 1 36  ? 1.025   -9.669  15.513  1.00 17.99 ? 122  TYR A CE2 1 
ATOM   287  C CZ  . TYR A 1 36  ? 1.088   -9.968  16.869  1.00 19.26 ? 122  TYR A CZ  1 
ATOM   288  O OH  . TYR A 1 36  ? 2.090   -9.467  17.658  1.00 20.37 ? 122  TYR A OH  1 
ATOM   289  N N   . ASP A 1 37  ? -2.956  -8.898  13.348  1.00 14.17 ? 123  ASP A N   1 
ATOM   290  C CA  . ASP A 1 37  ? -2.736  -7.491  12.969  1.00 13.11 ? 123  ASP A CA  1 
ATOM   291  C C   . ASP A 1 37  ? -4.067  -6.762  12.854  1.00 13.04 ? 123  ASP A C   1 
ATOM   292  O O   . ASP A 1 37  ? -5.121  -7.338  13.166  1.00 14.11 ? 123  ASP A O   1 
ATOM   293  C CB  . ASP A 1 37  ? -1.888  -7.440  11.687  1.00 12.54 ? 123  ASP A CB  1 
ATOM   294  C CG  . ASP A 1 37  ? -0.471  -7.959  11.927  1.00 13.42 ? 123  ASP A CG  1 
ATOM   295  O OD1 . ASP A 1 37  ? 0.262   -7.270  12.681  1.00 12.52 ? 123  ASP A OD1 1 
ATOM   296  O OD2 . ASP A 1 37  ? -0.094  -9.047  11.402  1.00 11.79 ? 123  ASP A OD2 1 
ATOM   297  N N   . VAL A 1 38  ? -4.038  -5.491  12.472  1.00 12.47 ? 124  VAL A N   1 
ATOM   298  C CA  . VAL A 1 38  ? -5.235  -4.658  12.508  1.00 11.69 ? 124  VAL A CA  1 
ATOM   299  C C   . VAL A 1 38  ? -6.017  -4.780  11.178  1.00 11.48 ? 124  VAL A C   1 
ATOM   300  O O   . VAL A 1 38  ? -5.420  -4.718  10.103  1.00 10.94 ? 124  VAL A O   1 
ATOM   301  C CB  . VAL A 1 38  ? -4.855  -3.173  12.795  1.00 12.21 ? 124  VAL A CB  1 
ATOM   302  C CG1 . VAL A 1 38  ? -6.074  -2.285  12.796  1.00 11.59 ? 124  VAL A CG1 1 
ATOM   303  C CG2 . VAL A 1 38  ? -4.080  -3.062  14.109  1.00 13.66 ? 124  VAL A CG2 1 
ATOM   304  N N   . SER A 1 39  ? -7.334  -4.977  11.260  1.00 12.29 ? 125  SER A N   1 
ATOM   305  C CA  . SER A 1 39  ? -8.200  -4.952  10.074  1.00 11.19 ? 125  SER A CA  1 
ATOM   306  C C   . SER A 1 39  ? -8.727  -3.520  9.916   1.00 10.93 ? 125  SER A C   1 
ATOM   307  O O   . SER A 1 39  ? -9.282  -2.931  10.880  1.00 11.14 ? 125  SER A O   1 
ATOM   308  C CB  . SER A 1 39  ? -9.356  -5.945  10.185  1.00 12.71 ? 125  SER A CB  1 
ATOM   309  O OG  . SER A 1 39  ? -8.905  -7.285  9.979   1.00 12.56 ? 125  SER A OG  1 
ATOM   310  N N   . VAL A 1 40  ? -8.562  -2.965  8.721   1.00 10.62 ? 126  VAL A N   1 
ATOM   311  C CA  . VAL A 1 40  ? -8.919  -1.569  8.460   1.00 10.01 ? 126  VAL A CA  1 
ATOM   312  C C   . VAL A 1 40  ? -10.317 -1.488  7.833   1.00 10.61 ? 126  VAL A C   1 
ATOM   313  O O   . VAL A 1 40  ? -10.457 -1.407  6.618   1.00 12.44 ? 126  VAL A O   1 
ATOM   314  C CB  . VAL A 1 40  ? -7.853  -0.882  7.585   1.00 9.92  ? 126  VAL A CB  1 
ATOM   315  C CG1 . VAL A 1 40  ? -8.147  0.626   7.496   1.00 11.75 ? 126  VAL A CG1 1 
ATOM   316  C CG2 . VAL A 1 40  ? -6.456  -1.096  8.177   1.00 9.84  ? 126  VAL A CG2 1 
ATOM   317  N N   . TYR A 1 41  ? -11.344 -1.539  8.668   1.00 10.07 ? 127  TYR A N   1 
ATOM   318  C CA  . TYR A 1 41  ? -12.729 -1.631  8.205   1.00 11.00 ? 127  TYR A CA  1 
ATOM   319  C C   . TYR A 1 41  ? -13.231 -0.317  7.598   1.00 11.17 ? 127  TYR A C   1 
ATOM   320  O O   . TYR A 1 41  ? -13.971 -0.325  6.619   1.00 11.62 ? 127  TYR A O   1 
ATOM   321  C CB  . TYR A 1 41  ? -13.638 -2.000  9.370   1.00 12.08 ? 127  TYR A CB  1 
ATOM   322  C CG  . TYR A 1 41  ? -13.273 -3.302  10.050  1.00 12.28 ? 127  TYR A CG  1 
ATOM   323  C CD1 . TYR A 1 41  ? -13.553 -4.524  9.442   1.00 14.29 ? 127  TYR A CD1 1 
ATOM   324  C CD2 . TYR A 1 41  ? -12.680 -3.307  11.297  1.00 14.65 ? 127  TYR A CD2 1 
ATOM   325  C CE1 . TYR A 1 41  ? -13.232 -5.729  10.077  1.00 15.25 ? 127  TYR A CE1 1 
ATOM   326  C CE2 . TYR A 1 41  ? -12.350 -4.498  11.931  1.00 15.46 ? 127  TYR A CE2 1 
ATOM   327  C CZ  . TYR A 1 41  ? -12.628 -5.691  11.326  1.00 15.54 ? 127  TYR A CZ  1 
ATOM   328  O OH  . TYR A 1 41  ? -12.280 -6.863  11.974  1.00 20.68 ? 127  TYR A OH  1 
ATOM   329  N N   . GLU A 1 42  ? -12.885 0.789   8.244   1.00 11.77 ? 128  GLU A N   1 
ATOM   330  C CA  . GLU A 1 42  ? -13.371 2.116   7.844   1.00 11.69 ? 128  GLU A CA  1 
ATOM   331  C C   . GLU A 1 42  ? -12.189 3.043   7.689   1.00 11.53 ? 128  GLU A C   1 
ATOM   332  O O   . GLU A 1 42  ? -11.154 2.810   8.293   1.00 11.17 ? 128  GLU A O   1 
ATOM   333  C CB  . GLU A 1 42  ? -14.296 2.711   8.908   1.00 13.04 ? 128  GLU A CB  1 
ATOM   334  C CG  . GLU A 1 42  ? -15.511 1.920   9.188   1.00 13.67 ? 128  GLU A CG  1 
ATOM   335  C CD  . GLU A 1 42  ? -16.226 2.401   10.450  1.00 17.95 ? 128  GLU A CD  1 
ATOM   336  O OE1 . GLU A 1 42  ? -16.342 3.640   10.666  1.00 17.46 ? 128  GLU A OE1 1 
ATOM   337  O OE2 . GLU A 1 42  ? -16.682 1.533   11.216  1.00 20.89 ? 128  GLU A OE2 1 
ATOM   338  N N   . PRO A 1 43  ? -12.353 4.134   6.923   1.00 12.78 ? 129  PRO A N   1 
ATOM   339  C CA  . PRO A 1 43  ? -11.183 4.986   6.668   1.00 13.08 ? 129  PRO A CA  1 
ATOM   340  C C   . PRO A 1 43  ? -10.471 5.434   7.933   1.00 14.24 ? 129  PRO A C   1 
ATOM   341  O O   . PRO A 1 43  ? -9.247  5.447   7.951   1.00 13.58 ? 129  PRO A O   1 
ATOM   342  C CB  . PRO A 1 43  ? -11.788 6.175   5.912   1.00 13.43 ? 129  PRO A CB  1 
ATOM   343  C CG  . PRO A 1 43  ? -12.892 5.529   5.112   1.00 13.15 ? 129  PRO A CG  1 
ATOM   344  C CD  . PRO A 1 43  ? -13.517 4.592   6.135   1.00 11.71 ? 129  PRO A CD  1 
ATOM   345  N N   . GLU A 1 44  ? -11.224 5.730   8.987   1.00 14.87 ? 130  GLU A N   1 
ATOM   346  C CA  . GLU A 1 44  ? -10.637 6.300   10.180  1.00 16.23 ? 130  GLU A CA  1 
ATOM   347  C C   . GLU A 1 44  ? -9.832  5.249   10.999  1.00 14.91 ? 130  GLU A C   1 
ATOM   348  O O   . GLU A 1 44  ? -8.987  5.616   11.822  1.00 14.33 ? 130  GLU A O   1 
ATOM   349  C CB  . GLU A 1 44  ? -11.705 7.047   10.982  1.00 17.84 ? 130  GLU A CB  1 
ATOM   350  C CG  . GLU A 1 44  ? -12.292 8.267   10.206  1.00 19.57 ? 130  GLU A CG  1 
ATOM   351  C CD  . GLU A 1 44  ? -13.285 7.915   9.065   1.00 21.79 ? 130  GLU A CD  1 
ATOM   352  O OE1 . GLU A 1 44  ? -13.739 6.742   8.972   1.00 20.93 ? 130  GLU A OE1 1 
ATOM   353  O OE2 . GLU A 1 44  ? -13.624 8.830   8.256   1.00 22.07 ? 130  GLU A OE2 1 
ATOM   354  N N   . ASP A 1 45  ? -10.027 3.960   10.694  1.00 12.85 ? 131  ASP A N   1 
ATOM   355  C CA  . ASP A 1 45  ? -9.164  2.901   11.243  1.00 12.48 ? 131  ASP A CA  1 
ATOM   356  C C   . ASP A 1 45  ? -7.709  3.031   10.792  1.00 12.08 ? 131  ASP A C   1 
ATOM   357  O O   . ASP A 1 45  ? -6.822  2.458   11.420  1.00 11.99 ? 131  ASP A O   1 
ATOM   358  C CB  . ASP A 1 45  ? -9.702  1.515   10.895  1.00 12.29 ? 131  ASP A CB  1 
ATOM   359  C CG  . ASP A 1 45  ? -11.015 1.207   11.607  1.00 15.14 ? 131  ASP A CG  1 
ATOM   360  O OD1 . ASP A 1 45  ? -11.166 1.616   12.779  1.00 17.51 ? 131  ASP A OD1 1 
ATOM   361  O OD2 . ASP A 1 45  ? -11.879 0.554   11.014  1.00 15.12 ? 131  ASP A OD2 1 
ATOM   362  N N   . LEU A 1 46  ? -7.462  3.786   9.724   1.00 12.40 ? 132  LEU A N   1 
ATOM   363  C CA  . LEU A 1 46  ? -6.099  4.030   9.271   1.00 12.27 ? 132  LEU A CA  1 
ATOM   364  C C   . LEU A 1 46  ? -5.287  4.730   10.358  1.00 12.88 ? 132  LEU A C   1 
ATOM   365  O O   . LEU A 1 46  ? -4.064  4.626   10.367  1.00 12.91 ? 132  LEU A O   1 
ATOM   366  C CB  . LEU A 1 46  ? -6.072  4.848   7.964   1.00 11.50 ? 132  LEU A CB  1 
ATOM   367  C CG  . LEU A 1 46  ? -6.479  4.079   6.699   1.00 10.71 ? 132  LEU A CG  1 
ATOM   368  C CD1 . LEU A 1 46  ? -6.834  5.093   5.579   1.00 13.10 ? 132  LEU A CD1 1 
ATOM   369  C CD2 . LEU A 1 46  ? -5.398  3.053   6.253   1.00 10.44 ? 132  LEU A CD2 1 
ATOM   370  N N   . GLY A 1 47  ? -5.963  5.419   11.271  1.00 13.53 ? 133  GLY A N   1 
ATOM   371  C CA  . GLY A 1 47  ? -5.311  6.073   12.399  1.00 14.15 ? 133  GLY A CA  1 
ATOM   372  C C   . GLY A 1 47  ? -4.628  5.085   13.339  1.00 14.21 ? 133  GLY A C   1 
ATOM   373  O O   . GLY A 1 47  ? -3.768  5.483   14.111  1.00 15.32 ? 133  GLY A O   1 
ATOM   374  N N   . ASN A 1 48  ? -5.020  3.811   13.282  1.00 13.63 ? 134  ASN A N   1 
ATOM   375  C CA  . ASN A 1 48  ? -4.354  2.759   14.068  1.00 14.51 ? 134  ASN A CA  1 
ATOM   376  C C   . ASN A 1 48  ? -3.160  2.134   13.326  1.00 13.82 ? 134  ASN A C   1 
ATOM   377  O O   . ASN A 1 48  ? -2.467  1.287   13.880  1.00 13.67 ? 134  ASN A O   1 
ATOM   378  C CB  . ASN A 1 48  ? -5.369  1.683   14.421  1.00 15.45 ? 134  ASN A CB  1 
ATOM   379  C CG  . ASN A 1 48  ? -6.469  2.212   15.326  1.00 20.51 ? 134  ASN A CG  1 
ATOM   380  O OD1 . ASN A 1 48  ? -6.199  2.952   16.272  1.00 25.56 ? 134  ASN A OD1 1 
ATOM   381  N ND2 . ASN A 1 48  ? -7.712  1.855   15.023  1.00 25.98 ? 134  ASN A ND2 1 
ATOM   382  N N   . CYS A 1 49  ? -2.948  2.548   12.073  1.00 12.55 ? 135  CYS A N   1 
ATOM   383  C CA  . CYS A 1 49  ? -1.869  2.018   11.218  1.00 12.86 ? 135  CYS A CA  1 
ATOM   384  C C   . CYS A 1 49  ? -0.652  2.955   11.122  1.00 13.45 ? 135  CYS A C   1 
ATOM   385  O O   . CYS A 1 49  ? 0.414   2.522   10.685  1.00 13.01 ? 135  CYS A O   1 
ATOM   386  C CB  . CYS A 1 49  ? -2.363  1.796   9.784   1.00 12.46 ? 135  CYS A CB  1 
ATOM   387  S SG  . CYS A 1 49  ? -3.824  0.776   9.623   1.00 13.77 ? 135  CYS A SG  1 
ATOM   388  N N   . LEU A 1 50  ? -0.848  4.227   11.459  1.00 14.43 ? 136  LEU A N   1 
ATOM   389  C CA  . LEU A 1 50  ? 0.086   5.300   11.148  1.00 15.64 ? 136  LEU A CA  1 
ATOM   390  C C   . LEU A 1 50  ? 0.278   6.195   12.373  1.00 18.11 ? 136  LEU A C   1 
ATOM   391  O O   . LEU A 1 50  ? -0.701  6.630   12.942  1.00 18.82 ? 136  LEU A O   1 
ATOM   392  C CB  . LEU A 1 50  ? -0.485  6.156   10.011  1.00 14.95 ? 136  LEU A CB  1 
ATOM   393  C CG  . LEU A 1 50  ? -0.745  5.433   8.677   1.00 14.32 ? 136  LEU A CG  1 
ATOM   394  C CD1 . LEU A 1 50  ? -1.756  6.183   7.811   1.00 12.55 ? 136  LEU A CD1 1 
ATOM   395  C CD2 . LEU A 1 50  ? 0.592   5.241   7.966   1.00 13.23 ? 136  LEU A CD2 1 
ATOM   396  N N   . ASN A 1 51  ? 1.514   6.530   12.737  1.00 20.92 ? 137  ASN A N   1 
ATOM   397  C CA  . ASN A 1 51  ? 1.714   7.433   13.907  1.00 23.37 ? 137  ASN A CA  1 
ATOM   398  C C   . ASN A 1 51  ? 1.427   8.902   13.621  1.00 23.58 ? 137  ASN A C   1 
ATOM   399  O O   . ASN A 1 51  ? 1.058   9.662   14.526  1.00 25.42 ? 137  ASN A O   1 
ATOM   400  C CB  . ASN A 1 51  ? 3.103   7.254   14.534  1.00 24.36 ? 137  ASN A CB  1 
ATOM   401  C CG  . ASN A 1 51  ? 3.058   6.415   15.807  1.00 28.22 ? 137  ASN A CG  1 
ATOM   402  O OD1 . ASN A 1 51  ? 1.982   6.164   16.362  1.00 29.44 ? 137  ASN A OD1 1 
ATOM   403  N ND2 . ASN A 1 51  ? 4.215   5.983   16.275  1.00 33.90 ? 137  ASN A ND2 1 
ATOM   404  N N   . LYS A 1 52  ? 1.543   9.306   12.363  1.00 23.03 ? 138  LYS A N   1 
ATOM   405  C CA  . LYS A 1 52  ? 1.286   10.708  11.981  1.00 23.53 ? 138  LYS A CA  1 
ATOM   406  C C   . LYS A 1 52  ? -0.192  10.910  11.592  1.00 22.33 ? 138  LYS A C   1 
ATOM   407  O O   . LYS A 1 52  ? -0.691  10.202  10.733  1.00 20.75 ? 138  LYS A O   1 
ATOM   408  C CB  . LYS A 1 52  ? 2.163   11.085  10.780  1.00 24.42 ? 138  LYS A CB  1 
ATOM   409  C CG  . LYS A 1 52  ? 3.626   11.403  11.090  1.00 27.45 ? 138  LYS A CG  1 
ATOM   410  C CD  . LYS A 1 52  ? 4.421   11.490  9.785   1.00 31.24 ? 138  LYS A CD  1 
ATOM   411  C CE  . LYS A 1 52  ? 5.562   12.500  9.850   1.00 33.75 ? 138  LYS A CE  1 
ATOM   412  N NZ  . LYS A 1 52  ? 6.516   12.352  8.684   1.00 34.86 ? 138  LYS A NZ  1 
ATOM   413  N N   . SER A 1 53  ? -0.870  11.891  12.191  1.00 21.37 ? 139  SER A N   1 
ATOM   414  C CA  . SER A 1 53  ? -2.279  12.167  11.844  1.00 20.87 ? 139  SER A CA  1 
ATOM   415  C C   . SER A 1 53  ? -2.473  12.602  10.382  1.00 21.09 ? 139  SER A C   1 
ATOM   416  O O   . SER A 1 53  ? -3.474  12.239  9.735   1.00 21.29 ? 139  SER A O   1 
ATOM   417  C CB  . SER A 1 53  ? -2.862  13.244  12.784  1.00 21.42 ? 139  SER A CB  1 
ATOM   418  O OG  . SER A 1 53  ? -3.084  12.711  14.075  1.00 19.50 ? 139  SER A OG  1 
ATOM   419  N N   . ASP A 1 54  ? -1.497  13.332  9.846   1.00 21.38 ? 140  ASP A N   1 
ATOM   420  C CA  . ASP A 1 54  ? -1.600  13.887  8.484   1.00 21.56 ? 140  ASP A CA  1 
ATOM   421  C C   . ASP A 1 54  ? -1.290  12.889  7.358   1.00 20.80 ? 140  ASP A C   1 
ATOM   422  O O   . ASP A 1 54  ? -1.243  13.268  6.184   1.00 21.87 ? 140  ASP A O   1 
ATOM   423  C CB  . ASP A 1 54  ? -0.717  15.140  8.340   1.00 22.57 ? 140  ASP A CB  1 
ATOM   424  C CG  . ASP A 1 54  ? 0.774   14.857  8.520   1.00 23.89 ? 140  ASP A CG  1 
ATOM   425  O OD1 . ASP A 1 54  ? 1.182   13.715  8.792   1.00 24.41 ? 140  ASP A OD1 1 
ATOM   426  O OD2 . ASP A 1 54  ? 1.567   15.811  8.379   1.00 27.78 ? 140  ASP A OD2 1 
ATOM   427  N N   . SER A 1 55  ? -1.111  11.619  7.712   1.00 18.97 ? 141  SER A N   1 
ATOM   428  C CA  . SER A 1 55  ? -0.840  10.564  6.737   1.00 18.19 ? 141  SER A CA  1 
ATOM   429  C C   . SER A 1 55  ? -2.099  9.840   6.278   1.00 16.95 ? 141  SER A C   1 
ATOM   430  O O   . SER A 1 55  ? -2.152  9.316   5.151   1.00 16.03 ? 141  SER A O   1 
ATOM   431  C CB  . SER A 1 55  ? 0.124   9.546   7.345   1.00 18.52 ? 141  SER A CB  1 
ATOM   432  O OG  . SER A 1 55  ? 1.445   10.021  7.252   1.00 20.52 ? 141  SER A OG  1 
ATOM   433  N N   . SER A 1 56  ? -3.130  9.814   7.130   1.00 15.81 ? 142  SER A N   1 
ATOM   434  C CA  . SER A 1 56  ? -4.314  9.015   6.803   1.00 15.35 ? 142  SER A CA  1 
ATOM   435  C C   . SER A 1 56  ? -5.035  9.451   5.527   1.00 14.86 ? 142  SER A C   1 
ATOM   436  O O   . SER A 1 56  ? -5.563  8.615   4.797   1.00 13.07 ? 142  SER A O   1 
ATOM   437  C CB  . SER A 1 56  ? -5.304  8.990   7.970   1.00 16.22 ? 142  SER A CB  1 
ATOM   438  O OG  . SER A 1 56  ? -4.895  8.001   8.920   1.00 19.81 ? 142  SER A OG  1 
ATOM   439  N N   . TRP A 1 57  ? -5.083  10.740  5.252   1.00 14.62 ? 143  TRP A N   1 
ATOM   440  C CA  . TRP A 1 57  ? -5.819  11.176  4.046   1.00 14.76 ? 143  TRP A CA  1 
ATOM   441  C C   . TRP A 1 57  ? -5.174  10.617  2.768   1.00 13.02 ? 143  TRP A C   1 
ATOM   442  O O   . TRP A 1 57  ? -5.878  10.205  1.849   1.00 13.13 ? 143  TRP A O   1 
ATOM   443  C CB  . TRP A 1 57  ? -5.953  12.708  3.993   1.00 15.90 ? 143  TRP A CB  1 
ATOM   444  C CG  . TRP A 1 57  ? -4.800  13.379  3.394   1.00 19.26 ? 143  TRP A CG  1 
ATOM   445  C CD1 . TRP A 1 57  ? -3.664  13.784  4.038   1.00 23.37 ? 143  TRP A CD1 1 
ATOM   446  C CD2 . TRP A 1 57  ? -4.619  13.709  2.004   1.00 20.63 ? 143  TRP A CD2 1 
ATOM   447  N NE1 . TRP A 1 57  ? -2.795  14.357  3.140   1.00 23.37 ? 143  TRP A NE1 1 
ATOM   448  C CE2 . TRP A 1 57  ? -3.346  14.315  1.886   1.00 23.67 ? 143  TRP A CE2 1 
ATOM   449  C CE3 . TRP A 1 57  ? -5.414  13.576  0.861   1.00 21.68 ? 143  TRP A CE3 1 
ATOM   450  C CZ2 . TRP A 1 57  ? -2.841  14.772  0.661   1.00 22.48 ? 143  TRP A CZ2 1 
ATOM   451  C CZ3 . TRP A 1 57  ? -4.912  14.032  -0.361  1.00 24.53 ? 143  TRP A CZ3 1 
ATOM   452  C CH2 . TRP A 1 57  ? -3.633  14.623  -0.444  1.00 25.12 ? 143  TRP A CH2 1 
ATOM   453  N N   . ALA A 1 58  ? -3.847  10.583  2.723   1.00 12.66 ? 144  ALA A N   1 
ATOM   454  C CA  . ALA A 1 58  ? -3.124  10.162  1.515   1.00 12.23 ? 144  ALA A CA  1 
ATOM   455  C C   . ALA A 1 58  ? -3.322  8.692   1.258   1.00 11.15 ? 144  ALA A C   1 
ATOM   456  O O   . ALA A 1 58  ? -3.532  8.284   0.121   1.00 11.19 ? 144  ALA A O   1 
ATOM   457  C CB  . ALA A 1 58  ? -1.608  10.452  1.644   1.00 13.23 ? 144  ALA A CB  1 
ATOM   458  N N   . ILE A 1 59  ? -3.226  7.885   2.312   1.00 10.21 ? 145  ILE A N   1 
ATOM   459  C CA  . ILE A 1 59  ? -3.468  6.447   2.169   1.00 10.49 ? 145  ILE A CA  1 
ATOM   460  C C   . ILE A 1 59  ? -4.906  6.212   1.741   1.00 10.25 ? 145  ILE A C   1 
ATOM   461  O O   . ILE A 1 59  ? -5.169  5.390   0.878   1.00 10.07 ? 145  ILE A O   1 
ATOM   462  C CB  . ILE A 1 59  ? -3.156  5.662   3.460   1.00 10.35 ? 145  ILE A CB  1 
ATOM   463  C CG1 . ILE A 1 59  ? -1.686  5.855   3.848   1.00 12.91 ? 145  ILE A CG1 1 
ATOM   464  C CG2 . ILE A 1 59  ? -3.543  4.165   3.309   1.00 10.51 ? 145  ILE A CG2 1 
ATOM   465  C CD1 . ILE A 1 59  ? -0.663  5.413   2.784   1.00 12.48 ? 145  ILE A CD1 1 
ATOM   466  N N   . HIS A 1 60  ? -5.829  6.964   2.324   1.00 10.69 ? 146  HIS A N   1 
ATOM   467  C CA  . HIS A 1 60  ? -7.224  6.871   1.908   1.00 10.18 ? 146  HIS A CA  1 
ATOM   468  C C   . HIS A 1 60  ? -7.385  7.255   0.435   1.00 10.06 ? 146  HIS A C   1 
ATOM   469  O O   . HIS A 1 60  ? -8.041  6.547   -0.325  1.00 9.01  ? 146  HIS A O   1 
ATOM   470  C CB  . HIS A 1 60  ? -8.123  7.750   2.779   1.00 11.19 ? 146  HIS A CB  1 
ATOM   471  C CG  . HIS A 1 60  ? -9.559  7.681   2.372   1.00 10.91 ? 146  HIS A CG  1 
ATOM   472  N ND1 . HIS A 1 60  ? -10.125 8.594   1.511   1.00 10.06 ? 146  HIS A ND1 1 
ATOM   473  C CD2 . HIS A 1 60  ? -10.524 6.774   2.651   1.00 11.51 ? 146  HIS A CD2 1 
ATOM   474  C CE1 . HIS A 1 60  ? -11.388 8.271   1.300   1.00 11.15 ? 146  HIS A CE1 1 
ATOM   475  N NE2 . HIS A 1 60  ? -11.661 7.168   1.978   1.00 10.57 ? 146  HIS A NE2 1 
ATOM   476  N N   . TRP A 1 61  ? -6.773  8.362   0.027   1.00 9.71  ? 147  TRP A N   1 
ATOM   477  C CA  . TRP A 1 61  ? -6.830  8.781   -1.368  1.00 10.32 ? 147  TRP A CA  1 
ATOM   478  C C   . TRP A 1 61  ? -6.369  7.646   -2.295  1.00 10.09 ? 147  TRP A C   1 
ATOM   479  O O   . TRP A 1 61  ? -7.038  7.337   -3.295  1.00 10.56 ? 147  TRP A O   1 
ATOM   480  C CB  . TRP A 1 61  ? -5.984  10.044  -1.597  1.00 11.19 ? 147  TRP A CB  1 
ATOM   481  C CG  . TRP A 1 61  ? -5.993  10.457  -3.008  1.00 11.47 ? 147  TRP A CG  1 
ATOM   482  C CD1 . TRP A 1 61  ? -6.905  11.259  -3.610  1.00 14.43 ? 147  TRP A CD1 1 
ATOM   483  C CD2 . TRP A 1 61  ? -5.101  10.018  -4.048  1.00 13.79 ? 147  TRP A CD2 1 
ATOM   484  N NE1 . TRP A 1 61  ? -6.627  11.384  -4.946  1.00 14.61 ? 147  TRP A NE1 1 
ATOM   485  C CE2 . TRP A 1 61  ? -5.528  10.632  -5.244  1.00 14.08 ? 147  TRP A CE2 1 
ATOM   486  C CE3 . TRP A 1 61  ? -3.980  9.189   -4.078  1.00 14.20 ? 147  TRP A CE3 1 
ATOM   487  C CZ2 . TRP A 1 61  ? -4.874  10.446  -6.450  1.00 14.84 ? 147  TRP A CZ2 1 
ATOM   488  C CZ3 . TRP A 1 61  ? -3.336  9.003   -5.282  1.00 15.14 ? 147  TRP A CZ3 1 
ATOM   489  C CH2 . TRP A 1 61  ? -3.784  9.634   -6.449  1.00 14.29 ? 147  TRP A CH2 1 
ATOM   490  N N   . PHE A 1 62  ? -5.259  7.011   -1.939  1.00 9.59  ? 148  PHE A N   1 
ATOM   491  C CA  . PHE A 1 62  ? -4.655  5.957   -2.762  1.00 9.77  ? 148  PHE A CA  1 
ATOM   492  C C   . PHE A 1 62  ? -5.597  4.756   -2.826  1.00 9.66  ? 148  PHE A C   1 
ATOM   493  O O   . PHE A 1 62  ? -5.838  4.203   -3.893  1.00 9.91  ? 148  PHE A O   1 
ATOM   494  C CB  . PHE A 1 62  ? -3.291  5.584   -2.161  1.00 10.13 ? 148  PHE A CB  1 
ATOM   495  C CG  . PHE A 1 62  ? -2.520  4.578   -2.952  1.00 9.95  ? 148  PHE A CG  1 
ATOM   496  C CD1 . PHE A 1 62  ? -2.083  4.878   -4.237  1.00 13.18 ? 148  PHE A CD1 1 
ATOM   497  C CD2 . PHE A 1 62  ? -2.216  3.326   -2.427  1.00 11.42 ? 148  PHE A CD2 1 
ATOM   498  C CE1 . PHE A 1 62  ? -1.345  3.951   -4.976  1.00 11.97 ? 148  PHE A CE1 1 
ATOM   499  C CE2 . PHE A 1 62  ? -1.471  2.421   -3.185  1.00 12.02 ? 148  PHE A CE2 1 
ATOM   500  C CZ  . PHE A 1 62  ? -1.062  2.740   -4.454  1.00 11.23 ? 148  PHE A CZ  1 
ATOM   501  N N   . SER A 1 63  ? -6.199  4.401   -1.688  1.00 9.31  ? 149  SER A N   1 
ATOM   502  C CA  . SER A 1 63  ? -7.177  3.291   -1.659  1.00 8.60  ? 149  SER A CA  1 
ATOM   503  C C   . SER A 1 63  ? -8.348  3.538   -2.625  1.00 9.40  ? 149  SER A C   1 
ATOM   504  O O   . SER A 1 63  ? -8.747  2.648   -3.368  1.00 9.71  ? 149  SER A O   1 
ATOM   505  C CB  . SER A 1 63  ? -7.675  3.013   -0.252  1.00 8.84  ? 149  SER A CB  1 
ATOM   506  O OG  . SER A 1 63  ? -8.626  3.964   0.188   1.00 9.22  ? 149  SER A OG  1 
ATOM   507  N N   . ILE A 1 64  ? -8.888  4.758   -2.612  1.00 9.48  ? 150  ILE A N   1 
ATOM   508  C CA  . ILE A 1 64  ? -9.996  5.100   -3.501  1.00 9.68  ? 150  ILE A CA  1 
ATOM   509  C C   . ILE A 1 64  ? -9.528  5.034   -4.962  1.00 10.65 ? 150  ILE A C   1 
ATOM   510  O O   . ILE A 1 64  ? -10.247 4.512   -5.833  1.00 10.40 ? 150  ILE A O   1 
ATOM   511  C CB  . ILE A 1 64  ? -10.610 6.477   -3.142  1.00 9.97  ? 150  ILE A CB  1 
ATOM   512  C CG1 . ILE A 1 64  ? -11.248 6.416   -1.748  1.00 9.67  ? 150  ILE A CG1 1 
ATOM   513  C CG2 . ILE A 1 64  ? -11.636 6.946   -4.227  1.00 10.97 ? 150  ILE A CG2 1 
ATOM   514  C CD1 . ILE A 1 64  ? -12.414 5.477   -1.594  1.00 10.18 ? 150  ILE A CD1 1 
ATOM   515  N N   . ALA A 1 65  ? -8.342  5.571   -5.218  1.00 10.48 ? 151  ALA A N   1 
ATOM   516  C CA  . ALA A 1 65  ? -7.777  5.591   -6.578  1.00 11.31 ? 151  ALA A CA  1 
ATOM   517  C C   . ALA A 1 65  ? -7.586  4.179   -7.157  1.00 11.19 ? 151  ALA A C   1 
ATOM   518  O O   . ALA A 1 65  ? -7.782  3.946   -8.356  1.00 11.77 ? 151  ALA A O   1 
ATOM   519  C CB  . ALA A 1 65  ? -6.447  6.346   -6.583  1.00 11.89 ? 151  ALA A CB  1 
ATOM   520  N N   . LEU A 1 66  ? -7.244  3.237   -6.296  1.00 10.39 ? 152  LEU A N   1 
ATOM   521  C CA  . LEU A 1 66  ? -7.063  1.828   -6.698  1.00 9.87  ? 152  LEU A CA  1 
ATOM   522  C C   . LEU A 1 66  ? -8.380  1.100   -6.955  1.00 10.46 ? 152  LEU A C   1 
ATOM   523  O O   . LEU A 1 66  ? -8.397  0.028   -7.567  1.00 9.96  ? 152  LEU A O   1 
ATOM   524  C CB  . LEU A 1 66  ? -6.301  1.070   -5.607  1.00 9.42  ? 152  LEU A CB  1 
ATOM   525  C CG  . LEU A 1 66  ? -4.808  1.359   -5.368  1.00 10.64 ? 152  LEU A CG  1 
ATOM   526  C CD1 . LEU A 1 66  ? -4.297  0.572   -4.203  1.00 10.93 ? 152  LEU A CD1 1 
ATOM   527  C CD2 . LEU A 1 66  ? -4.056  0.990   -6.624  1.00 11.92 ? 152  LEU A CD2 1 
ATOM   528  N N   . GLY A 1 67  ? -9.483  1.649   -6.444  1.00 10.42 ? 153  GLY A N   1 
ATOM   529  C CA  . GLY A 1 67  ? -10.804 1.036   -6.576  1.00 11.21 ? 153  GLY A CA  1 
ATOM   530  C C   . GLY A 1 67  ? -11.351 0.340   -5.324  1.00 11.17 ? 153  GLY A C   1 
ATOM   531  O O   . GLY A 1 67  ? -12.367 -0.352  -5.404  1.00 11.63 ? 153  GLY A O   1 
ATOM   532  N N   . HIS A 1 68  ? -10.700 0.507   -4.179  1.00 10.82 ? 154  HIS A N   1 
ATOM   533  C CA  . HIS A 1 68  ? -11.172 -0.114  -2.945  1.00 10.54 ? 154  HIS A CA  1 
ATOM   534  C C   . HIS A 1 68  ? -12.529 0.454   -2.541  1.00 11.23 ? 154  HIS A C   1 
ATOM   535  O O   . HIS A 1 68  ? -12.711 1.686   -2.508  1.00 11.38 ? 154  HIS A O   1 
ATOM   536  C CB  . HIS A 1 68  ? -10.152 0.093   -1.826  1.00 9.72  ? 154  HIS A CB  1 
ATOM   537  C CG  . HIS A 1 68  ? -10.528 -0.565  -0.546  1.00 10.26 ? 154  HIS A CG  1 
ATOM   538  N ND1 . HIS A 1 68  ? -10.338 -1.912  -0.312  1.00 11.16 ? 154  HIS A ND1 1 
ATOM   539  C CD2 . HIS A 1 68  ? -11.110 -0.062  0.567   1.00 10.42 ? 154  HIS A CD2 1 
ATOM   540  C CE1 . HIS A 1 68  ? -10.770 -2.202  0.902   1.00 13.87 ? 154  HIS A CE1 1 
ATOM   541  N NE2 . HIS A 1 68  ? -11.238 -1.095  1.459   1.00 11.65 ? 154  HIS A NE2 1 
ATOM   542  N N   . ASP A 1 69  ? -13.488 -0.446  -2.296  1.00 11.23 ? 155  ASP A N   1 
ATOM   543  C CA  . ASP A 1 69  ? -14.805 -0.113  -1.796  1.00 11.00 ? 155  ASP A CA  1 
ATOM   544  C C   . ASP A 1 69  ? -14.830 -0.347  -0.278  1.00 10.35 ? 155  ASP A C   1 
ATOM   545  O O   . ASP A 1 69  ? -14.801 -1.481  0.202   1.00 10.27 ? 155  ASP A O   1 
ATOM   546  C CB  . ASP A 1 69  ? -15.858 -0.966  -2.533  1.00 12.40 ? 155  ASP A CB  1 
ATOM   547  C CG  . ASP A 1 69  ? -17.292 -0.559  -2.224  1.00 14.69 ? 155  ASP A CG  1 
ATOM   548  O OD1 . ASP A 1 69  ? -17.627 -0.328  -1.062  1.00 15.00 ? 155  ASP A OD1 1 
ATOM   549  O OD2 . ASP A 1 69  ? -18.102 -0.539  -3.168  1.00 20.59 ? 155  ASP A OD2 1 
ATOM   550  N N   . TRP A 1 70  ? -14.833 0.737   0.484   1.00 10.10 ? 156  TRP A N   1 
ATOM   551  C CA  . TRP A 1 70  ? -14.679 0.645   1.935   1.00 10.21 ? 156  TRP A CA  1 
ATOM   552  C C   . TRP A 1 70  ? -15.799 -0.103  2.606   1.00 11.19 ? 156  TRP A C   1 
ATOM   553  O O   . TRP A 1 70  ? -15.560 -0.801  3.592   1.00 11.67 ? 156  TRP A O   1 
ATOM   554  C CB  . TRP A 1 70  ? -14.506 2.046   2.542   1.00 10.23 ? 156  TRP A CB  1 
ATOM   555  C CG  . TRP A 1 70  ? -13.126 2.533   2.334   1.00 9.35  ? 156  TRP A CG  1 
ATOM   556  C CD1 . TRP A 1 70  ? -12.637 3.220   1.256   1.00 9.70  ? 156  TRP A CD1 1 
ATOM   557  C CD2 . TRP A 1 70  ? -12.030 2.368   3.237   1.00 10.38 ? 156  TRP A CD2 1 
ATOM   558  N NE1 . TRP A 1 70  ? -11.289 3.478   1.428   1.00 9.65  ? 156  TRP A NE1 1 
ATOM   559  C CE2 . TRP A 1 70  ? -10.893 2.958   2.633   1.00 9.36  ? 156  TRP A CE2 1 
ATOM   560  C CE3 . TRP A 1 70  ? -11.889 1.759   4.493   1.00 10.70 ? 156  TRP A CE3 1 
ATOM   561  C CZ2 . TRP A 1 70  ? -9.646  2.961   3.250   1.00 10.98 ? 156  TRP A CZ2 1 
ATOM   562  C CZ3 . TRP A 1 70  ? -10.633 1.762   5.108   1.00 13.72 ? 156  TRP A CZ3 1 
ATOM   563  C CH2 . TRP A 1 70  ? -9.535  2.362   4.486   1.00 12.81 ? 156  TRP A CH2 1 
ATOM   564  N N   . LEU A 1 71  ? -17.011 0.017   2.052   1.00 11.12 ? 157  LEU A N   1 
ATOM   565  C CA  . LEU A 1 71  ? -18.188 -0.652  2.596   1.00 11.83 ? 157  LEU A CA  1 
ATOM   566  C C   . LEU A 1 71  ? -18.153 -2.162  2.354   1.00 11.76 ? 157  LEU A C   1 
ATOM   567  O O   . LEU A 1 71  ? -18.463 -2.911  3.259   1.00 13.74 ? 157  LEU A O   1 
ATOM   568  C CB  . LEU A 1 71  ? -19.471 -0.062  2.009   1.00 11.66 ? 157  LEU A CB  1 
ATOM   569  C CG  . LEU A 1 71  ? -20.790 -0.629  2.552   1.00 12.26 ? 157  LEU A CG  1 
ATOM   570  C CD1 . LEU A 1 71  ? -20.975 -0.302  4.039   1.00 13.65 ? 157  LEU A CD1 1 
ATOM   571  C CD2 . LEU A 1 71  ? -21.990 -0.126  1.735   1.00 12.21 ? 157  LEU A CD2 1 
ATOM   572  N N   . MET A 1 72  ? -17.770 -2.585  1.152   1.00 12.01 ? 158  MET A N   1 
ATOM   573  C CA  . MET A 1 72  ? -18.011 -3.964  0.717   1.00 12.96 ? 158  MET A CA  1 
ATOM   574  C C   . MET A 1 72  ? -16.793 -4.845  0.512   1.00 12.46 ? 158  MET A C   1 
ATOM   575  O O   . MET A 1 72  ? -16.917 -6.080  0.568   1.00 11.90 ? 158  MET A O   1 
ATOM   576  C CB  . MET A 1 72  ? -18.822 -3.958  -0.569  1.00 13.96 ? 158  MET A CB  1 
ATOM   577  C CG  . MET A 1 72  ? -20.246 -3.537  -0.383  1.00 17.40 ? 158  MET A CG  1 
ATOM   578  S SD  . MET A 1 72  ? -21.200 -3.744  -1.882  1.00 23.14 ? 158  MET A SD  1 
ATOM   579  C CE  . MET A 1 72  ? -20.313 -4.983  -2.827  1.00 25.74 ? 158  MET A CE  1 
ATOM   580  N N   . ASP A 1 73  ? -15.628 -4.249  0.286   1.00 11.50 ? 159  ASP A N   1 
ATOM   581  C CA  . ASP A 1 73  ? -14.436 -5.021  -0.059  1.00 11.73 ? 159  ASP A CA  1 
ATOM   582  C C   . ASP A 1 73  ? -13.707 -5.562  1.173   1.00 11.36 ? 159  ASP A C   1 
ATOM   583  O O   . ASP A 1 73  ? -13.904 -5.085  2.307   1.00 11.58 ? 159  ASP A O   1 
ATOM   584  C CB  . ASP A 1 73  ? -13.463 -4.177  -0.896  1.00 10.44 ? 159  ASP A CB  1 
ATOM   585  C CG  . ASP A 1 73  ? -13.846 -4.092  -2.360  1.00 11.04 ? 159  ASP A CG  1 
ATOM   586  O OD1 . ASP A 1 73  ? -14.625 -4.943  -2.860  1.00 14.25 ? 159  ASP A OD1 1 
ATOM   587  O OD2 . ASP A 1 73  ? -13.348 -3.169  -3.027  1.00 11.36 ? 159  ASP A OD2 1 
ATOM   588  N N   . PRO A 1 74  ? -12.825 -6.550  0.959   1.00 12.23 ? 160  PRO A N   1 
ATOM   589  C CA  . PRO A 1 74  ? -12.000 -7.053  2.064   1.00 12.75 ? 160  PRO A CA  1 
ATOM   590  C C   . PRO A 1 74  ? -11.223 -5.939  2.738   1.00 12.44 ? 160  PRO A C   1 
ATOM   591  O O   . PRO A 1 74  ? -10.580 -5.146  2.049   1.00 12.86 ? 160  PRO A O   1 
ATOM   592  C CB  . PRO A 1 74  ? -11.024 -8.015  1.374   1.00 12.27 ? 160  PRO A CB  1 
ATOM   593  C CG  . PRO A 1 74  ? -11.615 -8.322  0.092   1.00 13.55 ? 160  PRO A CG  1 
ATOM   594  C CD  . PRO A 1 74  ? -12.399 -7.125  -0.330  1.00 11.73 ? 160  PRO A CD  1 
ATOM   595  N N   . PRO A 1 75  ? -11.276 -5.865  4.081   1.00 12.20 ? 161  PRO A N   1 
ATOM   596  C CA  . PRO A 1 75  ? -10.521 -4.816  4.750   1.00 12.21 ? 161  PRO A CA  1 
ATOM   597  C C   . PRO A 1 75  ? -9.020  -4.943  4.518   1.00 11.79 ? 161  PRO A C   1 
ATOM   598  O O   . PRO A 1 75  ? -8.509  -6.066  4.433   1.00 12.75 ? 161  PRO A O   1 
ATOM   599  C CB  . PRO A 1 75  ? -10.838 -5.047  6.242   1.00 11.74 ? 161  PRO A CB  1 
ATOM   600  C CG  . PRO A 1 75  ? -12.070 -5.831  6.266   1.00 13.82 ? 161  PRO A CG  1 
ATOM   601  C CD  . PRO A 1 75  ? -12.151 -6.605  5.001   1.00 12.60 ? 161  PRO A CD  1 
ATOM   602  N N   . MET A 1 76  ? -8.327  -3.812  4.378   1.00 11.87 ? 162  MET A N   1 
ATOM   603  C CA  . MET A 1 76  ? -6.863  -3.825  4.352   1.00 11.58 ? 162  MET A CA  1 
ATOM   604  C C   . MET A 1 76  ? -6.383  -4.363  5.706   1.00 11.28 ? 162  MET A C   1 
ATOM   605  O O   . MET A 1 76  ? -7.132  -4.306  6.688   1.00 11.37 ? 162  MET A O   1 
ATOM   606  C CB  . MET A 1 76  ? -6.330  -2.404  4.089   1.00 12.84 ? 162  MET A CB  1 
ATOM   607  C CG  . MET A 1 76  ? -6.746  -1.902  2.704   1.00 17.02 ? 162  MET A CG  1 
ATOM   608  S SD  . MET A 1 76  ? -7.315  -0.204  2.674   1.00 25.11 ? 162  MET A SD  1 
ATOM   609  C CE  . MET A 1 76  ? -5.756  0.622   2.935   1.00 23.90 ? 162  MET A CE  1 
ATOM   610  N N   . LEU A 1 77  ? -5.170  -4.903  5.762   1.00 10.53 ? 163  LEU A N   1 
ATOM   611  C CA  . LEU A 1 77  ? -4.554  -5.283  7.032   1.00 11.48 ? 163  LEU A CA  1 
ATOM   612  C C   . LEU A 1 77  ? -3.430  -4.307  7.259   1.00 10.47 ? 163  LEU A C   1 
ATOM   613  O O   . LEU A 1 77  ? -2.775  -3.889  6.295   1.00 9.59  ? 163  LEU A O   1 
ATOM   614  C CB  . LEU A 1 77  ? -3.973  -6.696  6.971   1.00 12.34 ? 163  LEU A CB  1 
ATOM   615  C CG  . LEU A 1 77  ? -4.921  -7.875  7.035   1.00 16.48 ? 163  LEU A CG  1 
ATOM   616  C CD1 . LEU A 1 77  ? -4.128  -9.205  6.919   1.00 17.10 ? 163  LEU A CD1 1 
ATOM   617  C CD2 . LEU A 1 77  ? -5.724  -7.835  8.347   1.00 18.81 ? 163  LEU A CD2 1 
ATOM   618  N N   . CYS A 1 78  ? -3.213  -3.929  8.506   1.00 10.00 ? 164  CYS A N   1 
ATOM   619  C CA  . CYS A 1 78  ? -2.021  -3.174  8.823   1.00 9.92  ? 164  CYS A CA  1 
ATOM   620  C C   . CYS A 1 78  ? -1.414  -3.516  10.169  1.00 9.62  ? 164  CYS A C   1 
ATOM   621  O O   . CYS A 1 78  ? -2.063  -4.052  11.065  1.00 9.88  ? 164  CYS A O   1 
ATOM   622  C CB  . CYS A 1 78  ? -2.301  -1.680  8.766   1.00 9.52  ? 164  CYS A CB  1 
ATOM   623  S SG  . CYS A 1 78  ? -3.197  -1.071  10.202  1.00 12.33 ? 164  CYS A SG  1 
ATOM   624  N N   . ARG A 1 79  ? -0.130  -3.209  10.281  1.00 9.51  ? 165  ARG A N   1 
ATOM   625  C CA  . ARG A 1 79  ? 0.550   -3.351  11.551  1.00 9.95  ? 165  ARG A CA  1 
ATOM   626  C C   . ARG A 1 79  ? 0.149   -2.210  12.478  1.00 10.28 ? 165  ARG A C   1 
ATOM   627  O O   . ARG A 1 79  ? 0.166   -1.032  12.100  1.00 9.83  ? 165  ARG A O   1 
ATOM   628  C CB  . ARG A 1 79  ? 2.058   -3.374  11.359  1.00 9.95  ? 165  ARG A CB  1 
ATOM   629  C CG  . ARG A 1 79  ? 2.813   -3.652  12.672  1.00 8.58  ? 165  ARG A CG  1 
ATOM   630  C CD  . ARG A 1 79  ? 4.293   -3.781  12.392  1.00 8.41  ? 165  ARG A CD  1 
ATOM   631  N NE  . ARG A 1 79  ? 4.570   -4.938  11.563  1.00 8.49  ? 165  ARG A NE  1 
ATOM   632  C CZ  . ARG A 1 79  ? 5.417   -4.974  10.530  1.00 7.55  ? 165  ARG A CZ  1 
ATOM   633  N NH1 . ARG A 1 79  ? 6.102   -3.908  10.183  1.00 9.24  ? 165  ARG A NH1 1 
ATOM   634  N NH2 . ARG A 1 79  ? 5.621   -6.108  9.879   1.00 8.97  ? 165  ARG A NH2 1 
ATOM   635  N N   . ASN A 1 80  ? -0.202  -2.561  13.709  1.00 11.34 ? 166  ASN A N   1 
ATOM   636  C CA  . ASN A 1 80  ? -0.613  -1.572  14.692  1.00 12.82 ? 166  ASN A CA  1 
ATOM   637  C C   . ASN A 1 80  ? 0.496   -0.540  14.898  1.00 12.65 ? 166  ASN A C   1 
ATOM   638  O O   . ASN A 1 80  ? 1.678   -0.884  15.009  1.00 12.19 ? 166  ASN A O   1 
ATOM   639  C CB  . ASN A 1 80  ? -0.935  -2.322  15.991  1.00 13.52 ? 166  ASN A CB  1 
ATOM   640  C CG  . ASN A 1 80  ? -1.622  -1.477  17.041  1.00 19.42 ? 166  ASN A CG  1 
ATOM   641  O OD1 . ASN A 1 80  ? -1.563  -0.246  17.046  1.00 24.10 ? 166  ASN A OD1 1 
ATOM   642  N ND2 . ASN A 1 80  ? -2.284  -2.167  17.960  1.00 26.31 ? 166  ASN A ND2 1 
ATOM   643  N N   . LYS A 1 81  ? 0.120   0.733   14.946  1.00 12.91 ? 167  LYS A N   1 
ATOM   644  C CA  . LYS A 1 81  ? 1.098   1.808   15.096  1.00 14.06 ? 167  LYS A CA  1 
ATOM   645  C C   . LYS A 1 81  ? 1.895   1.724   16.405  1.00 14.72 ? 167  LYS A C   1 
ATOM   646  O O   . LYS A 1 81  ? 2.940   2.350   16.523  1.00 16.07 ? 167  LYS A O   1 
ATOM   647  C CB  . LYS A 1 81  ? 0.421   3.173   14.975  1.00 14.39 ? 167  LYS A CB  1 
ATOM   648  C CG  . LYS A 1 81  ? -0.450  3.515   16.159  1.00 15.24 ? 167  LYS A CG  1 
ATOM   649  C CD  . LYS A 1 81  ? -1.122  4.884   15.967  1.00 18.19 ? 167  LYS A CD  1 
ATOM   650  C CE  . LYS A 1 81  ? -2.197  5.110   17.016  1.00 18.88 ? 167  LYS A CE  1 
ATOM   651  N NZ  . LYS A 1 81  ? -2.937  6.369   16.782  1.00 20.57 ? 167  LYS A NZ  1 
ATOM   652  N N   . THR A 1 82  ? 1.405   0.956   17.373  1.00 16.05 ? 168  THR A N   1 
ATOM   653  C CA  . THR A 1 82  ? 2.105   0.786   18.659  1.00 17.63 ? 168  THR A CA  1 
ATOM   654  C C   . THR A 1 82  ? 3.353   -0.093  18.513  1.00 17.78 ? 168  THR A C   1 
ATOM   655  O O   . THR A 1 82  ? 4.141   -0.190  19.455  1.00 18.06 ? 168  THR A O   1 
ATOM   656  C CB  . THR A 1 82  ? 1.205   0.153   19.710  1.00 18.27 ? 168  THR A CB  1 
ATOM   657  O OG1 . THR A 1 82  ? 0.798   -1.143  19.266  1.00 21.41 ? 168  THR A OG1 1 
ATOM   658  C CG2 . THR A 1 82  ? -0.040  1.033   19.987  1.00 19.40 ? 168  THR A CG2 1 
ATOM   659  N N   . LYS A 1 83  ? 3.539   -0.712  17.343  1.00 16.63 ? 169  LYS A N   1 
ATOM   660  C CA  . LYS A 1 83  ? 4.718   -1.555  17.095  1.00 17.09 ? 169  LYS A CA  1 
ATOM   661  C C   . LYS A 1 83  ? 5.850   -0.734  16.505  1.00 16.17 ? 169  LYS A C   1 
ATOM   662  O O   . LYS A 1 83  ? 5.712   -0.165  15.421  1.00 15.88 ? 169  LYS A O   1 
ATOM   663  C CB  . LYS A 1 83  ? 4.417   -2.702  16.132  1.00 16.75 ? 169  LYS A CB  1 
ATOM   664  C CG  . LYS A 1 83  ? 3.168   -3.467  16.420  1.00 20.07 ? 169  LYS A CG  1 
ATOM   665  C CD  . LYS A 1 83  ? 3.354   -4.564  17.355  1.00 24.07 ? 169  LYS A CD  1 
ATOM   666  C CE  . LYS A 1 83  ? 2.188   -5.543  17.231  1.00 26.79 ? 169  LYS A CE  1 
ATOM   667  N NZ  . LYS A 1 83  ? 2.577   -6.812  17.879  1.00 30.67 ? 169  LYS A NZ  1 
ATOM   668  N N   . LYS A 1 84  ? 6.989   -0.723  17.192  1.00 16.05 ? 170  LYS A N   1 
ATOM   669  C CA  . LYS A 1 84  ? 8.164   0.033   16.750  1.00 16.08 ? 170  LYS A CA  1 
ATOM   670  C C   . LYS A 1 84  ? 8.709   -0.368  15.380  1.00 13.99 ? 170  LYS A C   1 
ATOM   671  O O   . LYS A 1 84  ? 9.393   0.434   14.731  1.00 14.36 ? 170  LYS A O   1 
ATOM   672  C CB  . LYS A 1 84  ? 9.306   -0.092  17.771  1.00 17.56 ? 170  LYS A CB  1 
ATOM   673  C CG  . LYS A 1 84  ? 9.072   0.628   19.093  1.00 24.20 ? 170  LYS A CG  1 
ATOM   674  C CD  . LYS A 1 84  ? 9.698   2.032   19.120  1.00 29.54 ? 170  LYS A CD  1 
ATOM   675  C CE  . LYS A 1 84  ? 9.497   2.716   20.478  1.00 31.85 ? 170  LYS A CE  1 
ATOM   676  N NZ  . LYS A 1 84  ? 10.248  2.030   21.581  1.00 34.17 ? 170  LYS A NZ  1 
ATOM   677  N N   . GLU A 1 85  ? 8.414   -1.587  14.935  1.00 12.18 ? 171  GLU A N   1 
ATOM   678  C CA  . GLU A 1 85  ? 8.944   -2.065  13.661  1.00 10.50 ? 171  GLU A CA  1 
ATOM   679  C C   . GLU A 1 85  ? 8.496   -1.179  12.489  1.00 10.18 ? 171  GLU A C   1 
ATOM   680  O O   . GLU A 1 85  ? 9.200   -1.087  11.490  1.00 10.40 ? 171  GLU A O   1 
ATOM   681  C CB  . GLU A 1 85  ? 8.521   -3.518  13.416  1.00 10.79 ? 171  GLU A CB  1 
ATOM   682  C CG  . GLU A 1 85  ? 9.067   -4.150  12.149  1.00 9.68  ? 171  GLU A CG  1 
ATOM   683  C CD  . GLU A 1 85  ? 8.616   -5.590  12.008  1.00 10.50 ? 171  GLU A CD  1 
ATOM   684  O OE1 . GLU A 1 85  ? 7.641   -5.994  12.700  1.00 10.94 ? 171  GLU A OE1 1 
ATOM   685  O OE2 . GLU A 1 85  ? 9.233   -6.309  11.199  1.00 12.72 ? 171  GLU A OE2 1 
ATOM   686  N N   . GLY A 1 86  ? 7.302   -0.608  12.574  1.00 9.41  ? 172  GLY A N   1 
ATOM   687  C CA  . GLY A 1 86  ? 6.884   0.420   11.630  1.00 9.54  ? 172  GLY A CA  1 
ATOM   688  C C   . GLY A 1 86  ? 5.687   0.037   10.774  1.00 9.05  ? 172  GLY A C   1 
ATOM   689  O O   . GLY A 1 86  ? 5.339   -1.131  10.666  1.00 9.40  ? 172  GLY A O   1 
ATOM   690  N N   . SER A 1 87  ? 5.104   1.043   10.148  1.00 8.88  ? 173  SER A N   1 
ATOM   691  C CA  . SER A 1 87  ? 3.904   0.897   9.329   1.00 9.04  ? 173  SER A CA  1 
ATOM   692  C C   . SER A 1 87  ? 4.065   -0.143  8.245   1.00 8.41  ? 173  SER A C   1 
ATOM   693  O O   . SER A 1 87  ? 5.119   -0.288  7.632   1.00 8.57  ? 173  SER A O   1 
ATOM   694  C CB  . SER A 1 87  ? 3.524   2.238   8.667   1.00 9.61  ? 173  SER A CB  1 
ATOM   695  O OG  . SER A 1 87  ? 4.635   2.828   7.999   1.00 9.90  ? 173  SER A OG  1 
ATOM   696  N N   . ASN A 1 88  ? 2.980   -0.860  8.013   1.00 8.63  ? 174  ASN A N   1 
ATOM   697  C CA  . ASN A 1 88  ? 2.903   -1.857  6.981   1.00 8.35  ? 174  ASN A CA  1 
ATOM   698  C C   . ASN A 1 88  ? 1.394   -2.004  6.723   1.00 8.25  ? 174  ASN A C   1 
ATOM   699  O O   . ASN A 1 88  ? 0.691   -2.613  7.513   1.00 8.40  ? 174  ASN A O   1 
ATOM   700  C CB  . ASN A 1 88  ? 3.544   -3.164  7.469   1.00 9.32  ? 174  ASN A CB  1 
ATOM   701  C CG  . ASN A 1 88  ? 3.413   -4.314  6.458   1.00 11.03 ? 174  ASN A CG  1 
ATOM   702  O OD1 . ASN A 1 88  ? 2.680   -4.220  5.468   1.00 15.65 ? 174  ASN A OD1 1 
ATOM   703  N ND2 . ASN A 1 88  ? 4.140   -5.375  6.692   1.00 11.20 ? 174  ASN A ND2 1 
ATOM   704  N N   . ILE A 1 89  ? 0.920   -1.402  5.638   1.00 8.61  ? 175  ILE A N   1 
ATOM   705  C CA  . ILE A 1 89  ? -0.507  -1.414  5.280   1.00 8.79  ? 175  ILE A CA  1 
ATOM   706  C C   . ILE A 1 89  ? -0.615  -2.207  3.983   1.00 8.89  ? 175  ILE A C   1 
ATOM   707  O O   . ILE A 1 89  ? 0.104   -1.921  3.033   1.00 8.50  ? 175  ILE A O   1 
ATOM   708  C CB  . ILE A 1 89  ? -0.985  0.026   5.054   1.00 8.97  ? 175  ILE A CB  1 
ATOM   709  C CG1 . ILE A 1 89  ? -0.911  0.816   6.356   1.00 9.24  ? 175  ILE A CG1 1 
ATOM   710  C CG2 . ILE A 1 89  ? -2.413  0.048   4.543   1.00 10.31 ? 175  ILE A CG2 1 
ATOM   711  C CD1 . ILE A 1 89  ? -0.981  2.309   6.174   1.00 12.57 ? 175  ILE A CD1 1 
ATOM   712  N N   A GLN A 1 90  ? -1.528  -3.173  3.926   0.50 8.77  ? 176  GLN A N   1 
ATOM   713  N N   B GLN A 1 90  ? -1.526  -3.177  3.948   0.50 9.04  ? 176  GLN A N   1 
ATOM   714  C CA  A GLN A 1 90  ? -1.497  -4.199  2.887   0.50 9.32  ? 176  GLN A CA  1 
ATOM   715  C CA  B GLN A 1 90  ? -1.588  -4.124  2.848   0.50 9.78  ? 176  GLN A CA  1 
ATOM   716  C C   A GLN A 1 90  ? -2.858  -4.499  2.233   0.50 9.32  ? 176  GLN A C   1 
ATOM   717  C C   B GLN A 1 90  ? -2.939  -4.339  2.200   0.50 9.65  ? 176  GLN A C   1 
ATOM   718  O O   A GLN A 1 90  ? -3.842  -4.731  2.945   0.50 9.35  ? 176  GLN A O   1 
ATOM   719  O O   B GLN A 1 90  ? -3.983  -4.354  2.853   0.50 10.25 ? 176  GLN A O   1 
ATOM   720  C CB  A GLN A 1 90  ? -0.946  -5.467  3.519   0.50 9.72  ? 176  GLN A CB  1 
ATOM   721  C CB  B GLN A 1 90  ? -1.091  -5.467  3.317   0.50 10.35 ? 176  GLN A CB  1 
ATOM   722  C CG  A GLN A 1 90  ? -0.709  -6.601  2.567   0.50 10.40 ? 176  GLN A CG  1 
ATOM   723  C CG  B GLN A 1 90  ? 0.350   -5.454  3.564   0.50 11.25 ? 176  GLN A CG  1 
ATOM   724  C CD  A GLN A 1 90  ? -0.068  -7.762  3.280   0.50 10.02 ? 176  GLN A CD  1 
ATOM   725  C CD  B GLN A 1 90  ? 0.865   -6.816  3.892   0.50 11.90 ? 176  GLN A CD  1 
ATOM   726  O OE1 A GLN A 1 90  ? 1.142   -7.972  3.180   0.50 14.25 ? 176  GLN A OE1 1 
ATOM   727  O OE1 B GLN A 1 90  ? 0.103   -7.805  3.954   0.50 11.20 ? 176  GLN A OE1 1 
ATOM   728  N NE2 A GLN A 1 90  ? -0.854  -8.487  4.052   0.50 8.68  ? 176  GLN A NE2 1 
ATOM   729  N NE2 B GLN A 1 90  ? 2.162   -6.894  4.095   0.50 11.78 ? 176  GLN A NE2 1 
ATOM   730  N N   . PHE A 1 91  ? -2.871  -4.519  0.889   1.00 9.77  ? 177  PHE A N   1 
ATOM   731  C CA  . PHE A 1 91  ? -3.997  -4.941  0.059   1.00 9.42  ? 177  PHE A CA  1 
ATOM   732  C C   . PHE A 1 91  ? -3.652  -6.337  -0.452  1.00 9.78  ? 177  PHE A C   1 
ATOM   733  O O   . PHE A 1 91  ? -2.576  -6.534  -1.032  1.00 9.54  ? 177  PHE A O   1 
ATOM   734  C CB  . PHE A 1 91  ? -4.165  -4.057  -1.178  1.00 9.32  ? 177  PHE A CB  1 
ATOM   735  C CG  . PHE A 1 91  ? -4.421  -2.605  -0.884  1.00 10.29 ? 177  PHE A CG  1 
ATOM   736  C CD1 . PHE A 1 91  ? -5.704  -2.089  -0.967  1.00 12.44 ? 177  PHE A CD1 1 
ATOM   737  C CD2 . PHE A 1 91  ? -3.376  -1.749  -0.572  1.00 10.12 ? 177  PHE A CD2 1 
ATOM   738  C CE1 . PHE A 1 91  ? -5.952  -0.749  -0.738  1.00 10.16 ? 177  PHE A CE1 1 
ATOM   739  C CE2 . PHE A 1 91  ? -3.620  -0.392  -0.296  1.00 11.48 ? 177  PHE A CE2 1 
ATOM   740  C CZ  . PHE A 1 91  ? -4.917  0.100   -0.387  1.00 11.46 ? 177  PHE A CZ  1 
ATOM   741  N N   . ASN A 1 92  ? -4.530  -7.300  -0.210  1.00 9.29  ? 178  ASN A N   1 
ATOM   742  C CA  . ASN A 1 92  ? -4.289  -8.665  -0.703  1.00 9.72  ? 178  ASN A CA  1 
ATOM   743  C C   . ASN A 1 92  ? -4.873  -8.802  -2.100  1.00 9.46  ? 178  ASN A C   1 
ATOM   744  O O   . ASN A 1 92  ? -6.089  -8.813  -2.244  1.00 10.27 ? 178  ASN A O   1 
ATOM   745  C CB  . ASN A 1 92  ? -4.952  -9.655  0.231   1.00 9.61  ? 178  ASN A CB  1 
ATOM   746  C CG  . ASN A 1 92  ? -4.540  -11.074 -0.030  1.00 9.16  ? 178  ASN A CG  1 
ATOM   747  O OD1 . ASN A 1 92  ? -4.085  -11.435 -1.118  1.00 9.69  ? 178  ASN A OD1 1 
ATOM   748  N ND2 . ASN A 1 92  ? -4.704  -11.903 0.988   1.00 10.80 ? 178  ASN A ND2 1 
ATOM   749  N N   . ILE A 1 93  ? -4.007  -8.944  -3.112  1.00 9.90  ? 179  ILE A N   1 
ATOM   750  C CA  . ILE A 1 93  ? -4.453  -8.994  -4.498  1.00 10.29 ? 179  ILE A CA  1 
ATOM   751  C C   . ILE A 1 93  ? -4.231  -10.385 -5.130  1.00 10.51 ? 179  ILE A C   1 
ATOM   752  O O   . ILE A 1 93  ? -4.184  -10.530 -6.361  1.00 11.29 ? 179  ILE A O   1 
ATOM   753  C CB  . ILE A 1 93  ? -3.833  -7.857  -5.302  1.00 10.04 ? 179  ILE A CB  1 
ATOM   754  C CG1 . ILE A 1 93  ? -2.301  -7.996  -5.405  1.00 9.75  ? 179  ILE A CG1 1 
ATOM   755  C CG2 . ILE A 1 93  ? -4.245  -6.495  -4.603  1.00 11.40 ? 179  ILE A CG2 1 
ATOM   756  C CD1 . ILE A 1 93  ? -1.640  -7.026  -6.401  1.00 10.41 ? 179  ILE A CD1 1 
ATOM   757  N N   . SER A 1 94  ? -4.120  -11.398 -4.273  1.00 11.05 ? 180  SER A N   1 
ATOM   758  C CA  . SER A 1 94  ? -3.791  -12.751 -4.706  1.00 11.29 ? 180  SER A CA  1 
ATOM   759  C C   . SER A 1 94  ? -4.756  -13.256 -5.798  1.00 12.13 ? 180  SER A C   1 
ATOM   760  O O   . SER A 1 94  ? -5.975  -13.057 -5.712  1.00 11.66 ? 180  SER A O   1 
ATOM   761  C CB  . SER A 1 94  ? -3.851  -13.736 -3.527  1.00 11.46 ? 180  SER A CB  1 
ATOM   762  O OG  . SER A 1 94  ? -3.020  -13.323 -2.459  1.00 12.15 ? 180  SER A OG  1 
ATOM   763  N N   . LYS A 1 95  ? -4.201  -13.934 -6.788  1.00 14.00 ? 181  LYS A N   1 
ATOM   764  C CA  . LYS A 1 95  ? -4.991  -14.657 -7.804  1.00 16.11 ? 181  LYS A CA  1 
ATOM   765  C C   . LYS A 1 95  ? -5.444  -16.011 -7.274  1.00 18.17 ? 181  LYS A C   1 
ATOM   766  O O   . LYS A 1 95  ? -4.976  -17.081 -7.704  1.00 18.46 ? 181  LYS A O   1 
ATOM   767  C CB  . LYS A 1 95  ? -4.169  -14.867 -9.076  1.00 16.51 ? 181  LYS A CB  1 
ATOM   768  C CG  . LYS A 1 95  ? -3.848  -13.595 -9.809  1.00 17.36 ? 181  LYS A CG  1 
ATOM   769  C CD  . LYS A 1 95  ? -3.316  -13.885 -11.218 1.00 18.10 ? 181  LYS A CD  1 
ATOM   770  C CE  . LYS A 1 95  ? -3.168  -12.607 -12.016 1.00 17.54 ? 181  LYS A CE  1 
ATOM   771  N NZ  . LYS A 1 95  ? -2.226  -12.808 -13.157 1.00 16.43 ? 181  LYS A NZ  1 
ATOM   772  N N   . ALA A 1 96  ? -6.360  -15.960 -6.328  1.00 20.26 ? 182  ALA A N   1 
ATOM   773  C CA  . ALA A 1 96  ? -6.862  -17.143 -5.659  1.00 23.31 ? 182  ALA A CA  1 
ATOM   774  C C   . ALA A 1 96  ? -8.327  -16.828 -5.428  1.00 26.00 ? 182  ALA A C   1 
ATOM   775  O O   . ALA A 1 96  ? -8.713  -15.646 -5.381  1.00 26.50 ? 182  ALA A O   1 
ATOM   776  C CB  . ALA A 1 96  ? -6.114  -17.371 -4.370  1.00 23.26 ? 182  ALA A CB  1 
ATOM   777  N N   . ASP A 1 97  ? -9.160  -17.855 -5.341  1.00 28.43 ? 183  ASP A N   1 
ATOM   778  C CA  . ASP A 1 97  ? -10.593 -17.649 -5.604  1.00 30.71 ? 183  ASP A CA  1 
ATOM   779  C C   . ASP A 1 97  ? -11.239 -16.637 -4.650  1.00 29.93 ? 183  ASP A C   1 
ATOM   780  O O   . ASP A 1 97  ? -12.070 -15.845 -5.088  1.00 31.46 ? 183  ASP A O   1 
ATOM   781  C CB  . ASP A 1 97  ? -11.365 -18.983 -5.637  1.00 32.26 ? 183  ASP A CB  1 
ATOM   782  C CG  . ASP A 1 97  ? -11.099 -19.789 -6.912  1.00 35.48 ? 183  ASP A CG  1 
ATOM   783  O OD1 . ASP A 1 97  ? -10.073 -19.544 -7.592  1.00 38.97 ? 183  ASP A OD1 1 
ATOM   784  O OD2 . ASP A 1 97  ? -11.920 -20.688 -7.227  1.00 39.97 ? 183  ASP A OD2 1 
ATOM   785  N N   . GLU A 1 98  ? -10.832 -16.630 -3.377  1.00 29.46 ? 184  GLU A N   1 
ATOM   786  C CA  . GLU A 1 98  ? -11.400 -15.713 -2.378  1.00 28.68 ? 184  GLU A CA  1 
ATOM   787  C C   . GLU A 1 98  ? -11.107 -14.225 -2.663  1.00 26.98 ? 184  GLU A C   1 
ATOM   788  O O   . GLU A 1 98  ? -11.961 -13.351 -2.436  1.00 26.98 ? 184  GLU A O   1 
ATOM   789  C CB  . GLU A 1 98  ? -10.865 -16.085 -0.989  1.00 29.54 ? 184  GLU A CB  1 
ATOM   790  C CG  . GLU A 1 98  ? -11.460 -15.318 0.181   1.00 32.07 ? 184  GLU A CG  1 
ATOM   791  C CD  . GLU A 1 98  ? -10.922 -15.798 1.539   1.00 36.60 ? 184  GLU A CD  1 
ATOM   792  O OE1 . GLU A 1 98  ? -9.683  -15.774 1.756   1.00 39.58 ? 184  GLU A OE1 1 
ATOM   793  O OE2 . GLU A 1 98  ? -11.740 -16.203 2.397   1.00 40.50 ? 184  GLU A OE2 1 
ATOM   794  N N   . SER A 1 99  ? -9.896  -13.929 -3.146  1.00 24.28 ? 185  SER A N   1 
ATOM   795  C CA  . SER A 1 99  ? -9.500  -12.537 -3.428  1.00 22.12 ? 185  SER A CA  1 
ATOM   796  C C   . SER A 1 99  ? -9.382  -12.247 -4.932  1.00 20.66 ? 185  SER A C   1 
ATOM   797  O O   . SER A 1 99  ? -8.894  -11.185 -5.315  1.00 18.93 ? 185  SER A O   1 
ATOM   798  C CB  . SER A 1 99  ? -8.175  -12.236 -2.731  1.00 21.65 ? 185  SER A CB  1 
ATOM   799  O OG  . SER A 1 99  ? -7.226  -13.206 -3.112  1.00 23.17 ? 185  SER A OG  1 
ATOM   800  N N   . ARG A 1 100 ? -9.851  -13.165 -5.775  1.00 19.97 ? 186  ARG A N   1 
ATOM   801  C CA  . ARG A 1 100 ? -9.625  -13.055 -7.214  1.00 19.59 ? 186  ARG A CA  1 
ATOM   802  C C   . ARG A 1 100 ? -10.207 -11.782 -7.849  1.00 18.34 ? 186  ARG A C   1 
ATOM   803  O O   . ARG A 1 100 ? -9.496  -11.051 -8.542  1.00 17.43 ? 186  ARG A O   1 
ATOM   804  C CB  . ARG A 1 100 ? -10.171 -14.276 -7.951  1.00 21.07 ? 186  ARG A CB  1 
ATOM   805  C CG  . ARG A 1 100 ? -9.736  -14.337 -9.392  1.00 22.17 ? 186  ARG A CG  1 
ATOM   806  C CD  . ARG A 1 100 ? -10.173 -15.641 -10.046 1.00 24.06 ? 186  ARG A CD  1 
ATOM   807  N NE  . ARG A 1 100 ? -9.589  -16.820 -9.415  1.00 25.23 ? 186  ARG A NE  1 
ATOM   808  C CZ  . ARG A 1 100 ? -8.381  -17.323 -9.679  1.00 26.08 ? 186  ARG A CZ  1 
ATOM   809  N NH1 . ARG A 1 100 ? -7.573  -16.744 -10.558 1.00 24.81 ? 186  ARG A NH1 1 
ATOM   810  N NH2 . ARG A 1 100 ? -7.973  -18.416 -9.036  1.00 25.87 ? 186  ARG A NH2 1 
ATOM   811  N N   . VAL A 1 101 ? -11.494 -11.525 -7.626  1.00 17.24 ? 187  VAL A N   1 
ATOM   812  C CA  . VAL A 1 101 ? -12.157 -10.362 -8.226  1.00 16.83 ? 187  VAL A CA  1 
ATOM   813  C C   . VAL A 1 101 ? -11.560 -9.053  -7.690  1.00 14.99 ? 187  VAL A C   1 
ATOM   814  O O   . VAL A 1 101 ? -11.315 -8.096  -8.434  1.00 13.99 ? 187  VAL A O   1 
ATOM   815  C CB  . VAL A 1 101 ? -13.685 -10.419 -7.958  1.00 17.49 ? 187  VAL A CB  1 
ATOM   816  C CG1 . VAL A 1 101 ? -14.374 -9.095  -8.304  1.00 18.95 ? 187  VAL A CG1 1 
ATOM   817  C CG2 . VAL A 1 101 ? -14.300 -11.567 -8.750  1.00 19.62 ? 187  VAL A CG2 1 
ATOM   818  N N   . TYR A 1 102 ? -11.352 -9.022  -6.384  1.00 13.37 ? 188  TYR A N   1 
ATOM   819  C CA  . TYR A 1 102 ? -10.826 -7.841  -5.744  1.00 11.87 ? 188  TYR A CA  1 
ATOM   820  C C   . TYR A 1 102 ? -9.436  -7.552  -6.282  1.00 11.36 ? 188  TYR A C   1 
ATOM   821  O O   . TYR A 1 102 ? -9.125  -6.425  -6.603  1.00 10.42 ? 188  TYR A O   1 
ATOM   822  C CB  . TYR A 1 102 ? -10.758 -8.038  -4.239  1.00 11.68 ? 188  TYR A CB  1 
ATOM   823  C CG  . TYR A 1 102 ? -10.189 -6.860  -3.488  1.00 8.93  ? 188  TYR A CG  1 
ATOM   824  C CD1 . TYR A 1 102 ? -10.886 -5.657  -3.421  1.00 9.47  ? 188  TYR A CD1 1 
ATOM   825  C CD2 . TYR A 1 102 ? -8.964  -6.950  -2.852  1.00 9.87  ? 188  TYR A CD2 1 
ATOM   826  C CE1 . TYR A 1 102 ? -10.365 -4.572  -2.707  1.00 8.01  ? 188  TYR A CE1 1 
ATOM   827  C CE2 . TYR A 1 102 ? -8.447  -5.910  -2.123  1.00 10.27 ? 188  TYR A CE2 1 
ATOM   828  C CZ  . TYR A 1 102 ? -9.136  -4.710  -2.061  1.00 10.22 ? 188  TYR A CZ  1 
ATOM   829  O OH  . TYR A 1 102 ? -8.631  -3.663  -1.327  1.00 10.13 ? 188  TYR A OH  1 
ATOM   830  N N   . GLY A 1 103 ? -8.597  -8.574  -6.382  1.00 11.01 ? 189  GLY A N   1 
ATOM   831  C CA  . GLY A 1 103 ? -7.223  -8.376  -6.847  1.00 11.62 ? 189  GLY A CA  1 
ATOM   832  C C   . GLY A 1 103 ? -7.165  -7.854  -8.268  1.00 11.72 ? 189  GLY A C   1 
ATOM   833  O O   . GLY A 1 103 ? -6.331  -7.006  -8.613  1.00 11.34 ? 189  GLY A O   1 
ATOM   834  N N   . LYS A 1 104 ? -8.065  -8.369  -9.107  1.00 12.74 ? 190  LYS A N   1 
ATOM   835  C CA  . LYS A 1 104 ? -8.169  -7.889  -10.488 1.00 13.43 ? 190  LYS A CA  1 
ATOM   836  C C   . LYS A 1 104 ? -8.482  -6.386  -10.508 1.00 13.01 ? 190  LYS A C   1 
ATOM   837  O O   . LYS A 1 104 ? -7.933  -5.651  -11.318 1.00 12.84 ? 190  LYS A O   1 
ATOM   838  C CB  . LYS A 1 104 ? -9.281  -8.641  -11.222 1.00 14.41 ? 190  LYS A CB  1 
ATOM   839  C CG  . LYS A 1 104 ? -9.433  -8.258  -12.714 1.00 18.75 ? 190  LYS A CG  1 
ATOM   840  C CD  . LYS A 1 104 ? -10.562 -9.031  -13.402 1.00 24.66 ? 190  LYS A CD  1 
ATOM   841  C CE  . LYS A 1 104 ? -10.797 -8.517  -14.832 1.00 27.32 ? 190  LYS A CE  1 
ATOM   842  N NZ  . LYS A 1 104 ? -11.919 -9.227  -15.513 1.00 31.11 ? 190  LYS A NZ  1 
ATOM   843  N N   . LYS A 1 105 ? -9.401  -5.959  -9.636  1.00 11.84 ? 191  LYS A N   1 
ATOM   844  C CA  . LYS A 1 105 ? -9.833  -4.558  -9.580  1.00 11.17 ? 191  LYS A CA  1 
ATOM   845  C C   . LYS A 1 105 ? -8.669  -3.688  -9.106  1.00 10.30 ? 191  LYS A C   1 
ATOM   846  O O   . LYS A 1 105 ? -8.378  -2.657  -9.682  1.00 10.95 ? 191  LYS A O   1 
ATOM   847  C CB  . LYS A 1 105 ? -11.043 -4.386  -8.659  1.00 11.26 ? 191  LYS A CB  1 
ATOM   848  C CG  . LYS A 1 105 ? -11.494 -2.961  -8.521  1.00 11.30 ? 191  LYS A CG  1 
ATOM   849  C CD  . LYS A 1 105 ? -12.838 -2.849  -7.806  1.00 14.16 ? 191  LYS A CD  1 
ATOM   850  C CE  . LYS A 1 105 ? -12.741 -3.267  -6.348  1.00 11.66 ? 191  LYS A CE  1 
ATOM   851  N NZ  . LYS A 1 105 ? -13.983 -2.849  -5.617  1.00 12.14 ? 191  LYS A NZ  1 
ATOM   852  N N   . ILE A 1 106 ? -7.981  -4.124  -8.054  1.00 10.28 ? 192  ILE A N   1 
ATOM   853  C CA  . ILE A 1 106 ? -6.869  -3.371  -7.539  1.00 9.85  ? 192  ILE A CA  1 
ATOM   854  C C   . ILE A 1 106 ? -5.709  -3.276  -8.562  1.00 10.65 ? 192  ILE A C   1 
ATOM   855  O O   . ILE A 1 106 ? -5.116  -2.201  -8.743  1.00 9.37  ? 192  ILE A O   1 
ATOM   856  C CB  . ILE A 1 106 ? -6.364  -3.940  -6.177  1.00 10.03 ? 192  ILE A CB  1 
ATOM   857  C CG1 . ILE A 1 106 ? -7.461  -3.860  -5.112  1.00 9.85  ? 192  ILE A CG1 1 
ATOM   858  C CG2 . ILE A 1 106 ? -5.137  -3.194  -5.730  1.00 8.92  ? 192  ILE A CG2 1 
ATOM   859  C CD1 . ILE A 1 106 ? -8.000  -2.419  -4.809  1.00 11.41 ? 192  ILE A CD1 1 
ATOM   860  N N   . ARG A 1 107 ? -5.408  -4.366  -9.267  1.00 11.53 ? 193  ARG A N   1 
ATOM   861  C CA  . ARG A 1 107 ? -4.370  -4.296  -10.313 1.00 11.61 ? 193  ARG A CA  1 
ATOM   862  C C   . ARG A 1 107 ? -4.767  -3.331  -11.449 1.00 12.44 ? 193  ARG A C   1 
ATOM   863  O O   . ARG A 1 107 ? -3.931  -2.605  -11.985 1.00 12.10 ? 193  ARG A O   1 
ATOM   864  C CB  . ARG A 1 107 ? -4.043  -5.673  -10.862 1.00 12.28 ? 193  ARG A CB  1 
ATOM   865  C CG  . ARG A 1 107 ? -3.161  -6.508  -9.963  1.00 12.60 ? 193  ARG A CG  1 
ATOM   866  C CD  . ARG A 1 107 ? -2.759  -7.827  -10.641 1.00 15.29 ? 193  ARG A CD  1 
ATOM   867  N NE  . ARG A 1 107 ? -3.906  -8.654  -11.002 1.00 15.92 ? 193  ARG A NE  1 
ATOM   868  C CZ  . ARG A 1 107 ? -4.485  -9.554  -10.214 1.00 17.99 ? 193  ARG A CZ  1 
ATOM   869  N NH1 . ARG A 1 107 ? -4.034  -9.779  -8.996  1.00 17.66 ? 193  ARG A NH1 1 
ATOM   870  N NH2 . ARG A 1 107 ? -5.531  -10.230 -10.654 1.00 20.31 ? 193  ARG A NH2 1 
ATOM   871  N N   . ASN A 1 108 ? -6.048  -3.320  -11.803 1.00 13.32 ? 194  ASN A N   1 
ATOM   872  C CA  . ASN A 1 108 ? -6.575  -2.339  -12.757 1.00 14.33 ? 194  ASN A CA  1 
ATOM   873  C C   . ASN A 1 108 ? -6.334  -0.914  -12.252 1.00 13.50 ? 194  ASN A C   1 
ATOM   874  O O   . ASN A 1 108 ? -5.964  -0.027  -13.022 1.00 12.65 ? 194  ASN A O   1 
ATOM   875  C CB  . ASN A 1 108 ? -8.072  -2.581  -12.976 1.00 15.43 ? 194  ASN A CB  1 
ATOM   876  C CG  . ASN A 1 108 ? -8.701  -1.594  -13.924 1.00 20.04 ? 194  ASN A CG  1 
ATOM   877  O OD1 . ASN A 1 108 ? -8.506  -1.689  -15.130 1.00 24.79 ? 194  ASN A OD1 1 
ATOM   878  N ND2 . ASN A 1 108 ? -9.499  -0.653  -13.384 1.00 24.17 ? 194  ASN A ND2 1 
ATOM   879  N N   . GLY A 1 109 ? -6.555  -0.694  -10.955 1.00 13.33 ? 195  GLY A N   1 
ATOM   880  C CA  . GLY A 1 109 ? -6.269  0.592   -10.336 1.00 12.98 ? 195  GLY A CA  1 
ATOM   881  C C   . GLY A 1 109 ? -4.795  0.954   -10.390 1.00 13.38 ? 195  GLY A C   1 
ATOM   882  O O   . GLY A 1 109 ? -4.451  2.086   -10.729 1.00 12.96 ? 195  GLY A O   1 
ATOM   883  N N   . MET A 1 110 ? -3.927  -0.004  -10.046 1.00 13.31 ? 196  MET A N   1 
ATOM   884  C CA  . MET A 1 110 ? -2.475  0.193   -10.194 1.00 14.37 ? 196  MET A CA  1 
ATOM   885  C C   . MET A 1 110 ? -2.122  0.580   -11.640 1.00 15.21 ? 196  MET A C   1 
ATOM   886  O O   . MET A 1 110 ? -1.359  1.511   -11.844 1.00 15.94 ? 196  MET A O   1 
ATOM   887  C CB  . MET A 1 110 ? -1.685  -1.065  -9.802  1.00 14.43 ? 196  MET A CB  1 
ATOM   888  C CG  . MET A 1 110 ? -1.478  -1.254  -8.300  1.00 16.50 ? 196  MET A CG  1 
ATOM   889  S SD  . MET A 1 110 ? -0.530  0.066   -7.534  1.00 14.24 ? 196  MET A SD  1 
ATOM   890  C CE  . MET A 1 110 ? 1.199   -0.303  -7.977  1.00 14.48 ? 196  MET A CE  1 
ATOM   891  N N   . ARG A 1 111 ? -2.684  -0.134  -12.621 1.00 15.69 ? 197  ARG A N   1 
ATOM   892  C CA  . ARG A 1 111 ? -2.445  0.132   -14.059 1.00 17.72 ? 197  ARG A CA  1 
ATOM   893  C C   . ARG A 1 111 ? -2.857  1.571   -14.421 1.00 17.74 ? 197  ARG A C   1 
ATOM   894  O O   . ARG A 1 111 ? -2.185  2.248   -15.204 1.00 17.91 ? 197  ARG A O   1 
ATOM   895  C CB  . ARG A 1 111 ? -3.259  -0.875  -14.880 1.00 18.78 ? 197  ARG A CB  1 
ATOM   896  C CG  . ARG A 1 111 ? -2.941  -1.083  -16.335 1.00 24.11 ? 197  ARG A CG  1 
ATOM   897  C CD  . ARG A 1 111 ? -3.626  -2.419  -16.793 1.00 26.72 ? 197  ARG A CD  1 
ATOM   898  N NE  . ARG A 1 111 ? -2.989  -3.613  -16.194 1.00 30.26 ? 197  ARG A NE  1 
ATOM   899  C CZ  . ARG A 1 111 ? -3.576  -4.544  -15.422 1.00 32.07 ? 197  ARG A CZ  1 
ATOM   900  N NH1 . ARG A 1 111 ? -2.845  -5.562  -14.947 1.00 32.13 ? 197  ARG A NH1 1 
ATOM   901  N NH2 . ARG A 1 111 ? -4.877  -4.492  -15.118 1.00 31.34 ? 197  ARG A NH2 1 
ATOM   902  N N   . HIS A 1 112 ? -3.980  2.027   -13.865 1.00 17.03 ? 198  HIS A N   1 
ATOM   903  C CA  . HIS A 1 112 ? -4.496  3.362   -14.155 1.00 17.68 ? 198  HIS A CA  1 
ATOM   904  C C   . HIS A 1 112 ? -3.674  4.475   -13.510 1.00 17.06 ? 198  HIS A C   1 
ATOM   905  O O   . HIS A 1 112 ? -3.540  5.544   -14.082 1.00 17.37 ? 198  HIS A O   1 
ATOM   906  C CB  . HIS A 1 112 ? -5.970  3.456   -13.781 1.00 19.09 ? 198  HIS A CB  1 
ATOM   907  C CG  . HIS A 1 112 ? -6.870  2.908   -14.840 1.00 23.59 ? 198  HIS A CG  1 
ATOM   908  N ND1 . HIS A 1 112 ? -7.139  1.561   -14.965 1.00 28.29 ? 198  HIS A ND1 1 
ATOM   909  C CD2 . HIS A 1 112 ? -7.483  3.513   -15.889 1.00 29.75 ? 198  HIS A CD2 1 
ATOM   910  C CE1 . HIS A 1 112 ? -7.925  1.367   -16.011 1.00 30.60 ? 198  HIS A CE1 1 
ATOM   911  N NE2 . HIS A 1 112 ? -8.148  2.535   -16.590 1.00 30.02 ? 198  HIS A NE2 1 
ATOM   912  N N   . LEU A 1 113 ? -3.104  4.204   -12.341 1.00 15.52 ? 199  LEU A N   1 
ATOM   913  C CA  . LEU A 1 113 ? -2.214  5.155   -11.670 1.00 15.13 ? 199  LEU A CA  1 
ATOM   914  C C   . LEU A 1 113 ? -0.789  5.135   -12.221 1.00 15.72 ? 199  LEU A C   1 
ATOM   915  O O   . LEU A 1 113 ? -0.125  6.196   -12.266 1.00 16.55 ? 199  LEU A O   1 
ATOM   916  C CB  . LEU A 1 113 ? -2.193  4.893   -10.168 1.00 14.94 ? 199  LEU A CB  1 
ATOM   917  C CG  . LEU A 1 113 ? -3.453  5.236   -9.394  1.00 15.27 ? 199  LEU A CG  1 
ATOM   918  C CD1 . LEU A 1 113 ? -3.238  4.796   -7.932  1.00 13.78 ? 199  LEU A CD1 1 
ATOM   919  C CD2 . LEU A 1 113 ? -3.754  6.709   -9.493  1.00 17.75 ? 199  LEU A CD2 1 
ATOM   920  N N   . PHE A 1 114 ? -0.311  3.947   -12.615 1.00 15.17 ? 200  PHE A N   1 
ATOM   921  C CA  . PHE A 1 114 ? 1.052   3.753   -13.138 1.00 15.82 ? 200  PHE A CA  1 
ATOM   922  C C   . PHE A 1 114 ? 0.966   2.969   -14.459 1.00 16.74 ? 200  PHE A C   1 
ATOM   923  O O   . PHE A 1 114 ? 0.879   1.741   -14.447 1.00 15.93 ? 200  PHE A O   1 
ATOM   924  C CB  . PHE A 1 114 ? 1.888   2.964   -12.117 1.00 15.55 ? 200  PHE A CB  1 
ATOM   925  C CG  . PHE A 1 114 ? 1.969   3.600   -10.755 1.00 15.22 ? 200  PHE A CG  1 
ATOM   926  C CD1 . PHE A 1 114 ? 2.817   4.682   -10.528 1.00 18.29 ? 200  PHE A CD1 1 
ATOM   927  C CD2 . PHE A 1 114 ? 1.215   3.114   -9.695  1.00 15.92 ? 200  PHE A CD2 1 
ATOM   928  C CE1 . PHE A 1 114 ? 2.918   5.255   -9.271  1.00 18.67 ? 200  PHE A CE1 1 
ATOM   929  C CE2 . PHE A 1 114 ? 1.305   3.690   -8.430  1.00 16.21 ? 200  PHE A CE2 1 
ATOM   930  C CZ  . PHE A 1 114 ? 2.165   4.761   -8.217  1.00 15.77 ? 200  PHE A CZ  1 
ATOM   931  N N   . ARG A 1 115 ? 0.947   3.658   -15.613 1.00 17.78 ? 201  ARG A N   1 
ATOM   932  C CA  . ARG A 1 115 ? 0.631   2.959   -16.873 1.00 18.75 ? 201  ARG A CA  1 
ATOM   933  C C   . ARG A 1 115 ? 1.654   1.857   -17.223 1.00 18.48 ? 201  ARG A C   1 
ATOM   934  O O   . ARG A 1 115 ? 1.318   0.902   -17.921 1.00 20.33 ? 201  ARG A O   1 
ATOM   935  C CB  . ARG A 1 115 ? 0.457   3.940   -18.056 1.00 20.15 ? 201  ARG A CB  1 
ATOM   936  C CG  . ARG A 1 115 ? 1.647   4.843   -18.380 1.00 20.89 ? 201  ARG A CG  1 
ATOM   937  C CD  . ARG A 1 115 ? 1.438   5.543   -19.725 1.00 22.76 ? 201  ARG A CD  1 
ATOM   938  N NE  . ARG A 1 115 ? 1.473   4.584   -20.854 1.00 25.66 ? 201  ARG A NE  1 
ATOM   939  C CZ  . ARG A 1 115 ? 2.263   4.655   -21.938 1.00 26.82 ? 201  ARG A CZ  1 
ATOM   940  N NH1 . ARG A 1 115 ? 3.089   5.688   -22.153 1.00 26.71 ? 201  ARG A NH1 1 
ATOM   941  N NH2 . ARG A 1 115 ? 2.206   3.678   -22.848 1.00 26.13 ? 201  ARG A NH2 1 
ATOM   942  N N   . GLY A 1 116 ? 2.869   1.986   -16.695 1.00 17.19 ? 202  GLY A N   1 
ATOM   943  C CA  . GLY A 1 116 ? 3.939   1.024   -16.920 1.00 16.75 ? 202  GLY A CA  1 
ATOM   944  C C   . GLY A 1 116 ? 3.838   -0.244  -16.083 1.00 15.82 ? 202  GLY A C   1 
ATOM   945  O O   . GLY A 1 116 ? 4.566   -1.192  -16.333 1.00 15.81 ? 202  GLY A O   1 
ATOM   946  N N   . PHE A 1 117 ? 2.972   -0.254  -15.070 1.00 15.28 ? 203  PHE A N   1 
ATOM   947  C CA  . PHE A 1 117 ? 2.752   -1.434  -14.234 1.00 15.21 ? 203  PHE A CA  1 
ATOM   948  C C   . PHE A 1 117 ? 2.337   -2.647  -15.063 1.00 15.88 ? 203  PHE A C   1 
ATOM   949  O O   . PHE A 1 117 ? 1.395   -2.567  -15.848 1.00 17.66 ? 203  PHE A O   1 
ATOM   950  C CB  . PHE A 1 117 ? 1.665   -1.136  -13.185 1.00 15.31 ? 203  PHE A CB  1 
ATOM   951  C CG  . PHE A 1 117 ? 1.196   -2.358  -12.410 1.00 15.00 ? 203  PHE A CG  1 
ATOM   952  C CD1 . PHE A 1 117 ? 1.987   -2.927  -11.434 1.00 18.68 ? 203  PHE A CD1 1 
ATOM   953  C CD2 . PHE A 1 117 ? -0.037  -2.938  -12.676 1.00 16.91 ? 203  PHE A CD2 1 
ATOM   954  C CE1 . PHE A 1 117 ? 1.565   -4.047  -10.737 1.00 17.50 ? 203  PHE A CE1 1 
ATOM   955  C CE2 . PHE A 1 117 ? -0.458  -4.062  -11.970 1.00 17.21 ? 203  PHE A CE2 1 
ATOM   956  C CZ  . PHE A 1 117 ? 0.336   -4.592  -10.987 1.00 16.73 ? 203  PHE A CZ  1 
ATOM   957  N N   . TYR A 1 118 ? 3.049   -3.759  -14.924 1.00 16.34 ? 204  TYR A N   1 
ATOM   958  C CA  . TYR A 1 118 ? 2.561   -5.047  -15.472 1.00 17.34 ? 204  TYR A CA  1 
ATOM   959  C C   . TYR A 1 118 ? 2.296   -6.033  -14.306 1.00 16.25 ? 204  TYR A C   1 
ATOM   960  O O   . TYR A 1 118 ? 2.888   -5.934  -13.234 1.00 16.01 ? 204  TYR A O   1 
ATOM   961  C CB  . TYR A 1 118 ? 3.496   -5.624  -16.555 1.00 18.05 ? 204  TYR A CB  1 
ATOM   962  C CG  . TYR A 1 118 ? 4.830   -6.074  -16.051 1.00 20.18 ? 204  TYR A CG  1 
ATOM   963  C CD1 . TYR A 1 118 ? 4.972   -7.302  -15.425 1.00 22.09 ? 204  TYR A CD1 1 
ATOM   964  C CD2 . TYR A 1 118 ? 5.951   -5.253  -16.149 1.00 20.78 ? 204  TYR A CD2 1 
ATOM   965  C CE1 . TYR A 1 118 ? 6.181   -7.716  -14.940 1.00 23.48 ? 204  TYR A CE1 1 
ATOM   966  C CE2 . TYR A 1 118 ? 7.170   -5.662  -15.671 1.00 22.77 ? 204  TYR A CE2 1 
ATOM   967  C CZ  . TYR A 1 118 ? 7.279   -6.893  -15.058 1.00 23.70 ? 204  TYR A CZ  1 
ATOM   968  O OH  . TYR A 1 118 ? 8.471   -7.308  -14.548 1.00 28.31 ? 204  TYR A OH  1 
ATOM   969  N N   . ASP A 1 119 ? 1.372   -6.955  -14.549 1.00 16.63 ? 205  ASP A N   1 
ATOM   970  C CA  . ASP A 1 119 ? 0.929   -7.971  -13.591 1.00 15.55 ? 205  ASP A CA  1 
ATOM   971  C C   . ASP A 1 119 ? 2.063   -8.946  -13.283 1.00 15.55 ? 205  ASP A C   1 
ATOM   972  O O   . ASP A 1 119 ? 2.519   -9.662  -14.175 1.00 15.56 ? 205  ASP A O   1 
ATOM   973  C CB  . ASP A 1 119 ? -0.236  -8.726  -14.227 1.00 15.67 ? 205  ASP A CB  1 
ATOM   974  C CG  . ASP A 1 119 ? -0.897  -9.712  -13.298 1.00 14.95 ? 205  ASP A CG  1 
ATOM   975  O OD1 . ASP A 1 119 ? -0.481  -9.824  -12.112 1.00 14.46 ? 205  ASP A OD1 1 
ATOM   976  O OD2 . ASP A 1 119 ? -1.870  -10.354 -13.766 1.00 15.16 ? 205  ASP A OD2 1 
ATOM   977  N N   . PRO A 1 120 ? 2.533   -8.977  -12.019 1.00 14.59 ? 206  PRO A N   1 
ATOM   978  C CA  . PRO A 1 120 ? 3.496   -9.938  -11.556 1.00 14.60 ? 206  PRO A CA  1 
ATOM   979  C C   . PRO A 1 120 ? 2.871   -11.060 -10.681 1.00 14.13 ? 206  PRO A C   1 
ATOM   980  O O   . PRO A 1 120 ? 3.588   -11.926 -10.173 1.00 14.48 ? 206  PRO A O   1 
ATOM   981  C CB  . PRO A 1 120 ? 4.405   -9.067  -10.693 1.00 14.58 ? 206  PRO A CB  1 
ATOM   982  C CG  . PRO A 1 120 ? 3.423   -8.198  -9.973  1.00 14.63 ? 206  PRO A CG  1 
ATOM   983  C CD  . PRO A 1 120 ? 2.287   -7.962  -10.975 1.00 14.65 ? 206  PRO A CD  1 
ATOM   984  N N   . CYS A 1 121 ? 1.556   -11.043 -10.501 1.00 13.49 ? 207  CYS A N   1 
ATOM   985  C CA  . CYS A 1 121 ? 0.930   -11.978 -9.567  1.00 13.53 ? 207  CYS A CA  1 
ATOM   986  C C   . CYS A 1 121 ? 0.709   -13.329 -10.248 1.00 14.14 ? 207  CYS A C   1 
ATOM   987  O O   . CYS A 1 121 ? 0.155   -13.399 -11.345 1.00 13.94 ? 207  CYS A O   1 
ATOM   988  C CB  . CYS A 1 121 ? -0.399  -11.408 -9.058  1.00 12.87 ? 207  CYS A CB  1 
ATOM   989  S SG  . CYS A 1 121 ? -0.249  -9.800  -8.218  1.00 14.37 ? 207  CYS A SG  1 
ATOM   990  N N   . GLU A 1 122 ? 1.127   -14.399 -9.579  1.00 14.52 ? 208  GLU A N   1 
ATOM   991  C CA  . GLU A 1 122 ? 1.043   -15.741 -10.119 1.00 16.19 ? 208  GLU A CA  1 
ATOM   992  C C   . GLU A 1 122 ? -0.244  -16.424 -9.731  1.00 15.69 ? 208  GLU A C   1 
ATOM   993  O O   . GLU A 1 122 ? -0.753  -16.243 -8.628  1.00 15.49 ? 208  GLU A O   1 
ATOM   994  C CB  . GLU A 1 122 ? 2.208   -16.595 -9.633  1.00 16.92 ? 208  GLU A CB  1 
ATOM   995  C CG  . GLU A 1 122 ? 3.565   -16.113 -10.117 1.00 20.94 ? 208  GLU A CG  1 
ATOM   996  C CD  . GLU A 1 122 ? 4.630   -17.177 -9.969  1.00 27.64 ? 208  GLU A CD  1 
ATOM   997  O OE1 . GLU A 1 122 ? 4.281   -18.359 -9.737  1.00 30.40 ? 208  GLU A OE1 1 
ATOM   998  O OE2 . GLU A 1 122 ? 5.824   -16.838 -10.086 1.00 33.32 ? 208  GLU A OE2 1 
ATOM   999  N N   . GLU A 1 123 ? -0.752  -17.238 -10.648 1.00 16.41 ? 209  GLU A N   1 
ATOM   1000 C CA  . GLU A 1 123 ? -2.000  -17.951 -10.432 1.00 17.17 ? 209  GLU A CA  1 
ATOM   1001 C C   . GLU A 1 123 ? -1.885  -18.913 -9.251  1.00 16.73 ? 209  GLU A C   1 
ATOM   1002 O O   . GLU A 1 123 ? -0.956  -19.710 -9.181  1.00 17.31 ? 209  GLU A O   1 
ATOM   1003 C CB  . GLU A 1 123 ? -2.397  -18.708 -11.700 1.00 17.85 ? 209  GLU A CB  1 
ATOM   1004 C CG  . GLU A 1 123 ? -3.610  -19.616 -11.568 1.00 20.11 ? 209  GLU A CG  1 
ATOM   1005 C CD  . GLU A 1 123 ? -4.880  -18.921 -11.094 1.00 21.79 ? 209  GLU A CD  1 
ATOM   1006 O OE1 . GLU A 1 123 ? -5.082  -17.722 -11.376 1.00 22.32 ? 209  GLU A OE1 1 
ATOM   1007 O OE2 . GLU A 1 123 ? -5.704  -19.616 -10.466 1.00 24.54 ? 209  GLU A OE2 1 
ATOM   1008 N N   . GLY A 1 124 ? -2.850  -18.829 -8.342  1.00 16.76 ? 210  GLY A N   1 
ATOM   1009 C CA  . GLY A 1 124 ? -2.914  -19.720 -7.201  1.00 17.13 ? 210  GLY A CA  1 
ATOM   1010 C C   . GLY A 1 124 ? -1.868  -19.463 -6.132  1.00 17.08 ? 210  GLY A C   1 
ATOM   1011 O O   . GLY A 1 124 ? -1.632  -20.325 -5.286  1.00 17.93 ? 210  GLY A O   1 
ATOM   1012 N N   . LYS A 1 125 ? -1.236  -18.287 -6.173  1.00 15.73 ? 211  LYS A N   1 
ATOM   1013 C CA  . LYS A 1 125 ? -0.209  -17.905 -5.218  1.00 14.72 ? 211  LYS A CA  1 
ATOM   1014 C C   . LYS A 1 125 ? -0.646  -16.595 -4.573  1.00 14.34 ? 211  LYS A C   1 
ATOM   1015 O O   . LYS A 1 125 ? -1.608  -15.975 -5.033  1.00 13.23 ? 211  LYS A O   1 
ATOM   1016 C CB  . LYS A 1 125 ? 1.117   -17.709 -5.936  1.00 15.65 ? 211  LYS A CB  1 
ATOM   1017 C CG  . LYS A 1 125 ? 1.572   -18.936 -6.746  1.00 18.35 ? 211  LYS A CG  1 
ATOM   1018 C CD  . LYS A 1 125 ? 1.841   -20.139 -5.838  1.00 22.31 ? 211  LYS A CD  1 
ATOM   1019 C CE  . LYS A 1 125 ? 2.529   -21.287 -6.603  1.00 26.07 ? 211  LYS A CE  1 
ATOM   1020 N NZ  . LYS A 1 125 ? 3.822   -20.820 -7.176  1.00 29.11 ? 211  LYS A NZ  1 
ATOM   1021 N N   . VAL A 1 126 ? 0.083   -16.156 -3.543  1.00 13.04 ? 212  VAL A N   1 
ATOM   1022 C CA  . VAL A 1 126 ? -0.254  -14.905 -2.876  1.00 11.88 ? 212  VAL A CA  1 
ATOM   1023 C C   . VAL A 1 126 ? 0.403   -13.729 -3.590  1.00 11.18 ? 212  VAL A C   1 
ATOM   1024 O O   . VAL A 1 126 ? 1.448   -13.869 -4.231  1.00 11.23 ? 212  VAL A O   1 
ATOM   1025 C CB  . VAL A 1 126 ? 0.097   -14.909 -1.349  1.00 11.71 ? 212  VAL A CB  1 
ATOM   1026 C CG1 . VAL A 1 126 ? -0.675  -15.992 -0.621  1.00 14.35 ? 212  VAL A CG1 1 
ATOM   1027 C CG2 . VAL A 1 126 ? 1.617   -15.005 -1.125  1.00 11.50 ? 212  VAL A CG2 1 
ATOM   1028 N N   . CYS A 1 127 ? -0.209  -12.557 -3.464  1.00 10.46 ? 213  CYS A N   1 
ATOM   1029 C CA  . CYS A 1 127 ? 0.321   -11.339 -4.064  1.00 11.30 ? 213  CYS A CA  1 
ATOM   1030 C C   . CYS A 1 127 ? -0.265  -10.162 -3.274  1.00 10.89 ? 213  CYS A C   1 
ATOM   1031 O O   . CYS A 1 127 ? -1.420  -10.220 -2.860  1.00 10.28 ? 213  CYS A O   1 
ATOM   1032 C CB  . CYS A 1 127 ? -0.043  -11.302 -5.557  1.00 11.78 ? 213  CYS A CB  1 
ATOM   1033 S SG  . CYS A 1 127 ? 0.928   -10.182 -6.538  1.00 16.07 ? 213  CYS A SG  1 
ATOM   1034 N N   . TYR A 1 128 ? 0.552   -9.140  -3.041  1.00 10.48 ? 214  TYR A N   1 
ATOM   1035 C CA  . TYR A 1 128 ? 0.205   -8.009  -2.198  1.00 10.15 ? 214  TYR A CA  1 
ATOM   1036 C C   . TYR A 1 128 ? 0.674   -6.675  -2.739  1.00 10.55 ? 214  TYR A C   1 
ATOM   1037 O O   . TYR A 1 128 ? 1.693   -6.583  -3.460  1.00 10.64 ? 214  TYR A O   1 
ATOM   1038 C CB  . TYR A 1 128 ? 0.817   -8.189  -0.798  1.00 9.67  ? 214  TYR A CB  1 
ATOM   1039 C CG  . TYR A 1 128 ? 0.452   -9.490  -0.158  1.00 10.13 ? 214  TYR A CG  1 
ATOM   1040 C CD1 . TYR A 1 128 ? -0.734  -9.625  0.556   1.00 12.05 ? 214  TYR A CD1 1 
ATOM   1041 C CD2 . TYR A 1 128 ? 1.298   -10.597 -0.262  1.00 9.83  ? 214  TYR A CD2 1 
ATOM   1042 C CE1 . TYR A 1 128 ? -1.084  -10.834 1.145   1.00 11.15 ? 214  TYR A CE1 1 
ATOM   1043 C CE2 . TYR A 1 128 ? 0.962   -11.807 0.302   1.00 10.20 ? 214  TYR A CE2 1 
ATOM   1044 C CZ  . TYR A 1 128 ? -0.228  -11.925 1.018   1.00 12.26 ? 214  TYR A CZ  1 
ATOM   1045 O OH  . TYR A 1 128 ? -0.581  -13.121 1.603   1.00 13.12 ? 214  TYR A OH  1 
ATOM   1046 N N   . VAL A 1 129 ? -0.063  -5.629  -2.370  1.00 9.95  ? 215  VAL A N   1 
ATOM   1047 C CA  . VAL A 1 129 ? 0.452   -4.262  -2.452  1.00 9.68  ? 215  VAL A CA  1 
ATOM   1048 C C   . VAL A 1 129 ? 0.652   -3.832  -0.995  1.00 9.32  ? 215  VAL A C   1 
ATOM   1049 O O   . VAL A 1 129 ? -0.304  -3.882  -0.215  1.00 8.85  ? 215  VAL A O   1 
ATOM   1050 C CB  . VAL A 1 129 ? -0.523  -3.317  -3.137  1.00 9.57  ? 215  VAL A CB  1 
ATOM   1051 C CG1 . VAL A 1 129 ? 0.051   -1.892  -3.141  1.00 10.50 ? 215  VAL A CG1 1 
ATOM   1052 C CG2 . VAL A 1 129 ? -0.855  -3.809  -4.569  1.00 11.02 ? 215  VAL A CG2 1 
ATOM   1053 N N   . THR A 1 130 ? 1.875   -3.409  -0.657  1.00 9.46  ? 216  THR A N   1 
ATOM   1054 C CA  . THR A 1 130 ? 2.271   -3.117  0.723   1.00 10.34 ? 216  THR A CA  1 
ATOM   1055 C C   . THR A 1 130 ? 2.792   -1.700  0.764   1.00 9.75  ? 216  THR A C   1 
ATOM   1056 O O   . THR A 1 130 ? 3.548   -1.316  -0.130  1.00 11.03 ? 216  THR A O   1 
ATOM   1057 C CB  . THR A 1 130 ? 3.379   -4.068  1.190   1.00 11.31 ? 216  THR A CB  1 
ATOM   1058 O OG1 . THR A 1 130 ? 2.885   -5.424  1.150   1.00 14.55 ? 216  THR A OG1 1 
ATOM   1059 C CG2 . THR A 1 130 ? 3.790   -3.767  2.585   1.00 12.20 ? 216  THR A CG2 1 
ATOM   1060 N N   . ILE A 1 131 ? 2.390   -0.942  1.779   1.00 9.09  ? 217  ILE A N   1 
ATOM   1061 C CA  . ILE A 1 131 ? 2.797   0.449   1.949   1.00 8.52  ? 217  ILE A CA  1 
ATOM   1062 C C   . ILE A 1 131 ? 3.523   0.600   3.285   1.00 8.92  ? 217  ILE A C   1 
ATOM   1063 O O   . ILE A 1 131 ? 3.016   0.153   4.324   1.00 9.42  ? 217  ILE A O   1 
ATOM   1064 C CB  . ILE A 1 131 ? 1.596   1.410   1.914   1.00 8.71  ? 217  ILE A CB  1 
ATOM   1065 C CG1 . ILE A 1 131 ? 0.693   1.110   0.718   1.00 9.19  ? 217  ILE A CG1 1 
ATOM   1066 C CG2 . ILE A 1 131 ? 2.076   2.878   1.936   1.00 8.07  ? 217  ILE A CG2 1 
ATOM   1067 C CD1 . ILE A 1 131 ? -0.580  1.965   0.684   1.00 9.67  ? 217  ILE A CD1 1 
ATOM   1068 N N   . ASN A 1 132 ? 4.714   1.201   3.248   1.00 8.70  ? 218  ASN A N   1 
ATOM   1069 C CA  . ASN A 1 132 ? 5.436   1.620   4.445   1.00 9.50  ? 218  ASN A CA  1 
ATOM   1070 C C   . ASN A 1 132 ? 5.696   3.115   4.354   1.00 9.77  ? 218  ASN A C   1 
ATOM   1071 O O   . ASN A 1 132 ? 6.096   3.628   3.302   1.00 11.47 ? 218  ASN A O   1 
ATOM   1072 C CB  . ASN A 1 132 ? 6.770   0.867   4.599   1.00 9.26  ? 218  ASN A CB  1 
ATOM   1073 C CG  . ASN A 1 132 ? 6.674   -0.611  4.249   1.00 9.32  ? 218  ASN A CG  1 
ATOM   1074 O OD1 . ASN A 1 132 ? 7.185   -1.048  3.200   1.00 10.15 ? 218  ASN A OD1 1 
ATOM   1075 N ND2 . ASN A 1 132 ? 6.073   -1.395  5.127   1.00 8.97  ? 218  ASN A ND2 1 
ATOM   1076 N N   . GLN A 1 133 ? 5.448   3.825   5.436   1.00 9.68  ? 219  GLN A N   1 
ATOM   1077 C CA  . GLN A 1 133 ? 5.764   5.238   5.448   1.00 10.55 ? 219  GLN A CA  1 
ATOM   1078 C C   . GLN A 1 133 ? 7.264   5.453   5.555   1.00 11.13 ? 219  GLN A C   1 
ATOM   1079 O O   . GLN A 1 133 ? 7.950   4.874   6.405   1.00 10.95 ? 219  GLN A O   1 
ATOM   1080 C CB  . GLN A 1 133 ? 5.049   5.985   6.548   1.00 11.29 ? 219  GLN A CB  1 
ATOM   1081 C CG  . GLN A 1 133 ? 5.346   7.476   6.482   1.00 10.82 ? 219  GLN A CG  1 
ATOM   1082 C CD  . GLN A 1 133 ? 4.354   8.336   7.204   1.00 13.74 ? 219  GLN A CD  1 
ATOM   1083 O OE1 . GLN A 1 133 ? 3.386   7.852   7.774   1.00 14.96 ? 219  GLN A OE1 1 
ATOM   1084 N NE2 . GLN A 1 133 ? 4.582   9.656   7.166   1.00 14.74 ? 219  GLN A NE2 1 
ATOM   1085 N N   . CYS A 1 134 ? 7.768   6.298   4.675   1.00 12.18 ? 220  CYS A N   1 
ATOM   1086 C CA  . CYS A 1 134 ? 9.161   6.708   4.752   1.00 13.31 ? 220  CYS A CA  1 
ATOM   1087 C C   . CYS A 1 134 ? 9.428   7.318   6.125   1.00 14.04 ? 220  CYS A C   1 
ATOM   1088 O O   . CYS A 1 134 ? 8.621   8.075   6.647   1.00 15.06 ? 220  CYS A O   1 
ATOM   1089 C CB  . CYS A 1 134 ? 9.494   7.710   3.640   1.00 13.51 ? 220  CYS A CB  1 
ATOM   1090 S SG  . CYS A 1 134 ? 9.406   7.032   1.986   1.00 15.48 ? 220  CYS A SG  1 
ATOM   1091 N N   . GLY A 1 135 ? 10.577  6.979   6.710   1.00 15.11 ? 221  GLY A N   1 
ATOM   1092 C CA  . GLY A 1 135 ? 10.909  7.432   8.028   1.00 15.94 ? 221  GLY A CA  1 
ATOM   1093 C C   . GLY A 1 135 ? 10.597  6.433   9.120   1.00 16.46 ? 221  GLY A C   1 
ATOM   1094 O O   . GLY A 1 135 ? 11.138  6.555   10.219  1.00 19.15 ? 221  GLY A O   1 
ATOM   1095 N N   . ASP A 1 136 ? 9.713   5.475   8.847   1.00 15.02 ? 222  ASP A N   1 
ATOM   1096 C CA  . ASP A 1 136 ? 9.518   4.349   9.761   1.00 14.12 ? 222  ASP A CA  1 
ATOM   1097 C C   . ASP A 1 136 ? 10.601  3.337   9.447   1.00 12.62 ? 222  ASP A C   1 
ATOM   1098 O O   . ASP A 1 136 ? 11.088  3.259   8.303   1.00 12.31 ? 222  ASP A O   1 
ATOM   1099 C CB  . ASP A 1 136 ? 8.147   3.685   9.600   1.00 13.89 ? 222  ASP A CB  1 
ATOM   1100 C CG  . ASP A 1 136 ? 6.997   4.529   10.122  1.00 15.45 ? 222  ASP A CG  1 
ATOM   1101 O OD1 . ASP A 1 136 ? 7.231   5.657   10.630  1.00 17.36 ? 222  ASP A OD1 1 
ATOM   1102 O OD2 . ASP A 1 136 ? 5.838   4.055   10.038  1.00 13.28 ? 222  ASP A OD2 1 
ATOM   1103 N N   . PRO A 1 137 ? 10.984  2.536   10.453  1.00 12.15 ? 223  PRO A N   1 
ATOM   1104 C CA  . PRO A 1 137 ? 11.968  1.482   10.248  1.00 12.05 ? 223  PRO A CA  1 
ATOM   1105 C C   . PRO A 1 137 ? 11.575  0.449   9.208   1.00 10.57 ? 223  PRO A C   1 
ATOM   1106 O O   . PRO A 1 137 ? 12.433  -0.217  8.607   1.00 10.87 ? 223  PRO A O   1 
ATOM   1107 C CB  . PRO A 1 137 ? 12.068  0.826   11.639  1.00 11.37 ? 223  PRO A CB  1 
ATOM   1108 C CG  . PRO A 1 137 ? 11.637  1.839   12.566  1.00 13.53 ? 223  PRO A CG  1 
ATOM   1109 C CD  . PRO A 1 137 ? 10.566  2.611   11.860  1.00 12.67 ? 223  PRO A CD  1 
ATOM   1110 N N   . SER A 1 138 ? 10.278  0.326   8.958   1.00 10.03 ? 224  SER A N   1 
ATOM   1111 C CA  . SER A 1 138 ? 9.776   -0.591  7.949   1.00 10.13 ? 224  SER A CA  1 
ATOM   1112 C C   . SER A 1 138 ? 10.048  -0.136  6.511   1.00 10.07 ? 224  SER A C   1 
ATOM   1113 O O   . SER A 1 138 ? 9.794   -0.903  5.594   1.00 10.29 ? 224  SER A O   1 
ATOM   1114 C CB  . SER A 1 138 ? 8.269   -0.762  8.144   1.00 10.01 ? 224  SER A CB  1 
ATOM   1115 O OG  . SER A 1 138 ? 7.651   0.523   8.168   1.00 10.25 ? 224  SER A OG  1 
ATOM   1116 N N   . SER A 1 139 ? 10.538  1.099   6.308   1.00 9.96  ? 225  SER A N   1 
ATOM   1117 C CA  . SER A 1 139 ? 10.963  1.540   4.969   1.00 10.36 ? 225  SER A CA  1 
ATOM   1118 C C   . SER A 1 139 ? 12.451  1.220   4.671   1.00 10.88 ? 225  SER A C   1 
ATOM   1119 O O   . SER A 1 139 ? 12.931  1.434   3.542   1.00 11.04 ? 225  SER A O   1 
ATOM   1120 C CB  . SER A 1 139 ? 10.654  3.031   4.749   1.00 11.59 ? 225  SER A CB  1 
ATOM   1121 O OG  . SER A 1 139 ? 11.511  3.884   5.501   1.00 11.76 ? 225  SER A OG  1 
ATOM   1122 N N   . PHE A 1 140 ? 13.152  0.667   5.665   1.00 11.52 ? 226  PHE A N   1 
ATOM   1123 C CA  . PHE A 1 140 ? 14.570  0.317   5.542   1.00 11.87 ? 226  PHE A CA  1 
ATOM   1124 C C   . PHE A 1 140 ? 15.337  1.456   4.865   1.00 12.83 ? 226  PHE A C   1 
ATOM   1125 O O   . PHE A 1 140 ? 15.187  2.607   5.306   1.00 13.90 ? 226  PHE A O   1 
ATOM   1126 C CB  . PHE A 1 140 ? 14.704  -1.064  4.880   1.00 11.47 ? 226  PHE A CB  1 
ATOM   1127 C CG  . PHE A 1 140 ? 14.214  -2.164  5.767   1.00 10.28 ? 226  PHE A CG  1 
ATOM   1128 C CD1 . PHE A 1 140 ? 15.084  -2.800  6.642   1.00 13.07 ? 226  PHE A CD1 1 
ATOM   1129 C CD2 . PHE A 1 140 ? 12.869  -2.495  5.807   1.00 10.35 ? 226  PHE A CD2 1 
ATOM   1130 C CE1 . PHE A 1 140 ? 14.623  -3.779  7.513   1.00 10.60 ? 226  PHE A CE1 1 
ATOM   1131 C CE2 . PHE A 1 140 ? 12.393  -3.478  6.682   1.00 9.00  ? 226  PHE A CE2 1 
ATOM   1132 C CZ  . PHE A 1 140 ? 13.289  -4.106  7.543   1.00 10.44 ? 226  PHE A CZ  1 
ATOM   1133 N N   . GLU A 1 141 ? 16.106  1.160   3.813   1.00 13.66 ? 227  GLU A N   1 
ATOM   1134 C CA  . GLU A 1 141 ? 16.953  2.144   3.151   1.00 15.35 ? 227  GLU A CA  1 
ATOM   1135 C C   . GLU A 1 141 ? 16.230  2.828   1.996   1.00 14.63 ? 227  GLU A C   1 
ATOM   1136 O O   . GLU A 1 141 ? 16.789  3.706   1.355   1.00 14.79 ? 227  GLU A O   1 
ATOM   1137 C CB  . GLU A 1 141 ? 18.216  1.466   2.570   1.00 15.99 ? 227  GLU A CB  1 
ATOM   1138 C CG  . GLU A 1 141 ? 17.914  0.745   1.228   1.00 19.94 ? 227  GLU A CG  1 
ATOM   1139 C CD  . GLU A 1 141 ? 18.924  -0.279  0.757   1.00 26.49 ? 227  GLU A CD  1 
ATOM   1140 O OE1 . GLU A 1 141 ? 19.086  -1.331  1.426   1.00 28.78 ? 227  GLU A OE1 1 
ATOM   1141 O OE2 . GLU A 1 141 ? 19.511  -0.059  -0.341  1.00 30.81 ? 227  GLU A OE2 1 
ATOM   1142 N N   . TYR A 1 142 ? 15.001  2.412   1.707   1.00 13.41 ? 228  TYR A N   1 
ATOM   1143 C CA  . TYR A 1 142 ? 14.399  2.698   0.411   1.00 13.39 ? 228  TYR A CA  1 
ATOM   1144 C C   . TYR A 1 142 ? 13.850  4.097   0.244   1.00 13.78 ? 228  TYR A C   1 
ATOM   1145 O O   . TYR A 1 142 ? 13.463  4.476   -0.849  1.00 14.23 ? 228  TYR A O   1 
ATOM   1146 C CB  . TYR A 1 142 ? 13.315  1.672   0.099   1.00 12.97 ? 228  TYR A CB  1 
ATOM   1147 C CG  . TYR A 1 142 ? 13.816  0.251   0.089   1.00 12.54 ? 228  TYR A CG  1 
ATOM   1148 C CD1 . TYR A 1 142 ? 14.809  -0.156  -0.800  1.00 13.48 ? 228  TYR A CD1 1 
ATOM   1149 C CD2 . TYR A 1 142 ? 13.283  -0.699  0.948   1.00 15.45 ? 228  TYR A CD2 1 
ATOM   1150 C CE1 . TYR A 1 142 ? 15.262  -1.449  -0.823  1.00 15.75 ? 228  TYR A CE1 1 
ATOM   1151 C CE2 . TYR A 1 142 ? 13.735  -1.989  0.932   1.00 15.04 ? 228  TYR A CE2 1 
ATOM   1152 C CZ  . TYR A 1 142 ? 14.721  -2.363  0.047   1.00 15.80 ? 228  TYR A CZ  1 
ATOM   1153 O OH  . TYR A 1 142 ? 15.165  -3.670  0.035   1.00 16.69 ? 228  TYR A OH  1 
ATOM   1154 N N   . CYS A 1 143 ? 13.796  4.880   1.306   1.00 14.32 ? 229  CYS A N   1 
ATOM   1155 C CA  . CYS A 1 143 ? 13.460  6.293   1.132   1.00 14.85 ? 229  CYS A CA  1 
ATOM   1156 C C   . CYS A 1 143 ? 14.683  7.201   1.206   1.00 14.51 ? 229  CYS A C   1 
ATOM   1157 O O   . CYS A 1 143 ? 14.530  8.408   1.308   1.00 15.62 ? 229  CYS A O   1 
ATOM   1158 C CB  . CYS A 1 143 ? 12.391  6.713   2.124   1.00 15.21 ? 229  CYS A CB  1 
ATOM   1159 S SG  . CYS A 1 143 ? 10.924  5.678   1.961   1.00 17.49 ? 229  CYS A SG  1 
ATOM   1160 N N   . GLY A 1 144 ? 15.888  6.630   1.119   1.00 14.36 ? 230  GLY A N   1 
ATOM   1161 C CA  . GLY A 1 144 ? 17.094  7.435   1.014   1.00 14.49 ? 230  GLY A CA  1 
ATOM   1162 C C   . GLY A 1 144 ? 17.122  8.217   -0.293  1.00 14.68 ? 230  GLY A C   1 
ATOM   1163 O O   . GLY A 1 144 ? 16.376  7.938   -1.244  1.00 12.94 ? 230  GLY A O   1 
ATOM   1164 N N   . THR A 1 145 ? 17.978  9.225   -0.324  1.00 14.89 ? 231  THR A N   1 
ATOM   1165 C CA  . THR A 1 145 ? 18.057  10.126  -1.464  1.00 15.52 ? 231  THR A CA  1 
ATOM   1166 C C   . THR A 1 145 ? 18.478  9.424   -2.755  1.00 16.02 ? 231  THR A C   1 
ATOM   1167 O O   . THR A 1 145 ? 18.087  9.844   -3.849  1.00 16.30 ? 231  THR A O   1 
ATOM   1168 C CB  . THR A 1 145 ? 19.034  11.269  -1.177  1.00 16.02 ? 231  THR A CB  1 
ATOM   1169 O OG1 . THR A 1 145 ? 20.305  10.720  -0.812  1.00 15.75 ? 231  THR A OG1 1 
ATOM   1170 C CG2 . THR A 1 145 ? 18.499  12.151  -0.034  1.00 16.73 ? 231  THR A CG2 1 
ATOM   1171 N N   . ASN A 1 146 ? 19.242  8.343   -2.643  1.00 16.22 ? 232  ASN A N   1 
ATOM   1172 C CA  . ASN A 1 146 ? 19.642  7.572   -3.825  1.00 17.44 ? 232  ASN A CA  1 
ATOM   1173 C C   . ASN A 1 146 ? 18.461  6.876   -4.539  1.00 17.38 ? 232  ASN A C   1 
ATOM   1174 O O   . ASN A 1 146 ? 18.538  6.592   -5.748  1.00 17.97 ? 232  ASN A O   1 
ATOM   1175 C CB  . ASN A 1 146 ? 20.776  6.599   -3.483  1.00 17.65 ? 232  ASN A CB  1 
ATOM   1176 C CG  . ASN A 1 146 ? 20.438  5.638   -2.337  1.00 18.59 ? 232  ASN A CG  1 
ATOM   1177 O OD1 . ASN A 1 146 ? 19.720  5.974   -1.391  1.00 17.94 ? 232  ASN A OD1 1 
ATOM   1178 N ND2 . ASN A 1 146 ? 20.996  4.432   -2.417  1.00 21.50 ? 232  ASN A ND2 1 
ATOM   1179 N N   . TYR A 1 147 ? 17.371  6.646   -3.804  1.00 16.68 ? 233  TYR A N   1 
ATOM   1180 C CA  . TYR A 1 147 ? 16.096  6.195   -4.383  1.00 17.19 ? 233  TYR A CA  1 
ATOM   1181 C C   . TYR A 1 147 ? 15.173  7.333   -4.806  1.00 18.01 ? 233  TYR A C   1 
ATOM   1182 O O   . TYR A 1 147 ? 14.686  7.357   -5.950  1.00 18.29 ? 233  TYR A O   1 
ATOM   1183 C CB  . TYR A 1 147 ? 15.354  5.295   -3.389  1.00 16.86 ? 233  TYR A CB  1 
ATOM   1184 C CG  . TYR A 1 147 ? 16.056  4.008   -3.148  1.00 17.11 ? 233  TYR A CG  1 
ATOM   1185 C CD1 . TYR A 1 147 ? 15.780  2.897   -3.928  1.00 18.38 ? 233  TYR A CD1 1 
ATOM   1186 C CD2 . TYR A 1 147 ? 17.030  3.894   -2.149  1.00 16.36 ? 233  TYR A CD2 1 
ATOM   1187 C CE1 . TYR A 1 147 ? 16.450  1.721   -3.741  1.00 19.12 ? 233  TYR A CE1 1 
ATOM   1188 C CE2 . TYR A 1 147 ? 17.706  2.704   -1.947  1.00 19.53 ? 233  TYR A CE2 1 
ATOM   1189 C CZ  . TYR A 1 147 ? 17.397  1.615   -2.750  1.00 20.12 ? 233  TYR A CZ  1 
ATOM   1190 O OH  . TYR A 1 147 ? 18.032  0.404   -2.579  1.00 22.24 ? 233  TYR A OH  1 
ATOM   1191 N N   . LEU A 1 148 ? 14.910  8.268   -3.895  1.00 18.51 ? 234  LEU A N   1 
ATOM   1192 C CA  . LEU A 1 148 ? 13.921  9.310   -4.141  1.00 19.00 ? 234  LEU A CA  1 
ATOM   1193 C C   . LEU A 1 148 ? 14.323  10.294  -5.235  1.00 20.73 ? 234  LEU A C   1 
ATOM   1194 O O   . LEU A 1 148 ? 13.440  10.905  -5.855  1.00 20.20 ? 234  LEU A O   1 
ATOM   1195 C CB  . LEU A 1 148 ? 13.587  10.063  -2.859  1.00 18.90 ? 234  LEU A CB  1 
ATOM   1196 C CG  . LEU A 1 148 ? 12.832  9.272   -1.784  1.00 19.50 ? 234  LEU A CG  1 
ATOM   1197 C CD1 . LEU A 1 148 ? 12.460  10.211  -0.623  1.00 21.77 ? 234  LEU A CD1 1 
ATOM   1198 C CD2 . LEU A 1 148 ? 11.574  8.636   -2.360  1.00 20.87 ? 234  LEU A CD2 1 
ATOM   1199 N N   . SER A 1 149 ? 15.626  10.444  -5.476  1.00 22.06 ? 235  SER A N   1 
ATOM   1200 C CA  . SER A 1 149 ? 16.107  11.366  -6.527  1.00 24.48 ? 235  SER A CA  1 
ATOM   1201 C C   . SER A 1 149 ? 15.682  10.894  -7.916  1.00 25.98 ? 235  SER A C   1 
ATOM   1202 O O   . SER A 1 149 ? 15.713  11.662  -8.872  1.00 26.59 ? 235  SER A O   1 
ATOM   1203 C CB  . SER A 1 149 ? 17.631  11.549  -6.467  1.00 24.46 ? 235  SER A CB  1 
ATOM   1204 O OG  . SER A 1 149 ? 18.308  10.324  -6.647  1.00 23.45 ? 235  SER A OG  1 
ATOM   1205 N N   . LYS A 1 150 ? 15.275  9.634   -8.021  1.00 27.30 ? 236  LYS A N   1 
ATOM   1206 C CA  . LYS A 1 150 ? 14.693  9.110   -9.258  1.00 29.00 ? 236  LYS A CA  1 
ATOM   1207 C C   . LYS A 1 150 ? 13.209  9.465   -9.434  1.00 29.36 ? 236  LYS A C   1 
ATOM   1208 O O   . LYS A 1 150 ? 12.622  9.129   -10.454 1.00 30.55 ? 236  LYS A O   1 
ATOM   1209 C CB  . LYS A 1 150 ? 14.893  7.595   -9.323  1.00 29.04 ? 236  LYS A CB  1 
ATOM   1210 C CG  . LYS A 1 150 ? 16.356  7.192   -9.355  1.00 31.10 ? 236  LYS A CG  1 
ATOM   1211 C CD  . LYS A 1 150 ? 16.514  5.690   -9.459  1.00 32.89 ? 236  LYS A CD  1 
ATOM   1212 C CE  . LYS A 1 150 ? 17.949  5.299   -9.791  1.00 34.40 ? 236  LYS A CE  1 
ATOM   1213 N NZ  . LYS A 1 150 ? 18.943  5.867   -8.838  1.00 35.44 ? 236  LYS A NZ  1 
ATOM   1214 N N   . CYS A 1 151 ? 12.615  10.135  -8.445  1.00 29.66 ? 237  CYS A N   1 
ATOM   1215 C CA  . CYS A 1 151 ? 11.233  10.594  -8.499  1.00 29.91 ? 237  CYS A CA  1 
ATOM   1216 C C   . CYS A 1 151 ? 11.206  12.105  -8.669  1.00 32.22 ? 237  CYS A C   1 
ATOM   1217 O O   . CYS A 1 151 ? 12.170  12.789  -8.323  1.00 33.18 ? 237  CYS A O   1 
ATOM   1218 C CB  . CYS A 1 151 ? 10.499  10.238  -7.205  1.00 28.75 ? 237  CYS A CB  1 
ATOM   1219 S SG  . CYS A 1 151 ? 10.409  8.464   -6.875  1.00 25.39 ? 237  CYS A SG  1 
ATOM   1220 N N   . GLN A 1 152 ? 10.088  12.636  -9.156  1.00 34.17 ? 238  GLN A N   1 
ATOM   1221 C CA  . GLN A 1 152 ? 9.989   14.080  -9.456  1.00 36.44 ? 238  GLN A CA  1 
ATOM   1222 C C   . GLN A 1 152 ? 9.978   15.020  -8.238  1.00 37.03 ? 238  GLN A C   1 
ATOM   1223 O O   . GLN A 1 152 ? 10.156  16.237  -8.394  1.00 38.11 ? 238  GLN A O   1 
ATOM   1224 C CB  . GLN A 1 152 ? 8.735   14.367  -10.297 1.00 37.36 ? 238  GLN A CB  1 
ATOM   1225 C CG  . GLN A 1 152 ? 7.393   14.180  -9.553  1.00 39.04 ? 238  GLN A CG  1 
ATOM   1226 C CD  . GLN A 1 152 ? 6.861   15.442  -8.846  1.00 42.05 ? 238  GLN A CD  1 
ATOM   1227 O OE1 . GLN A 1 152 ? 7.551   16.457  -8.725  1.00 44.74 ? 238  GLN A OE1 1 
ATOM   1228 N NE2 . GLN A 1 152 ? 5.619   15.371  -8.382  1.00 42.63 ? 238  GLN A NE2 1 
ATOM   1229 N N   . PHE A 1 153 ? 9.784   14.458  -7.045  1.00 36.48 ? 239  PHE A N   1 
ATOM   1230 C CA  . PHE A 1 153 ? 9.324   15.216  -5.882  1.00 35.92 ? 239  PHE A CA  1 
ATOM   1231 C C   . PHE A 1 153 ? 10.217  16.415  -5.584  1.00 37.07 ? 239  PHE A C   1 
ATOM   1232 O O   . PHE A 1 153 ? 9.735   17.422  -5.072  1.00 38.04 ? 239  PHE A O   1 
ATOM   1233 C CB  . PHE A 1 153 ? 9.225   14.319  -4.629  1.00 34.90 ? 239  PHE A CB  1 
ATOM   1234 C CG  . PHE A 1 153 ? 8.472   13.010  -4.838  1.00 31.36 ? 239  PHE A CG  1 
ATOM   1235 C CD1 . PHE A 1 153 ? 7.391   12.918  -5.707  1.00 28.20 ? 239  PHE A CD1 1 
ATOM   1236 C CD2 . PHE A 1 153 ? 8.841   11.873  -4.119  1.00 29.54 ? 239  PHE A CD2 1 
ATOM   1237 C CE1 . PHE A 1 153 ? 6.704   11.709  -5.877  1.00 27.55 ? 239  PHE A CE1 1 
ATOM   1238 C CE2 . PHE A 1 153 ? 8.158   10.666  -4.286  1.00 27.63 ? 239  PHE A CE2 1 
ATOM   1239 C CZ  . PHE A 1 153 ? 7.088   10.586  -5.150  1.00 26.70 ? 239  PHE A CZ  1 
HETATM 1240 C C1  . NAG B 2 .   ? -4.319  -13.294 0.930   1.00 13.18 ? 1    NAG B C1  1 
HETATM 1241 C C2  . NAG B 2 .   ? -4.065  -13.913 2.319   1.00 14.38 ? 1    NAG B C2  1 
HETATM 1242 C C3  . NAG B 2 .   ? -3.763  -15.408 2.203   1.00 15.48 ? 1    NAG B C3  1 
HETATM 1243 C C4  . NAG B 2 .   ? -4.807  -16.105 1.345   1.00 17.17 ? 1    NAG B C4  1 
HETATM 1244 C C5  . NAG B 2 .   ? -4.964  -15.385 0.005   1.00 15.83 ? 1    NAG B C5  1 
HETATM 1245 C C6  . NAG B 2 .   ? -6.064  -15.973 -0.887  1.00 16.36 ? 1    NAG B C6  1 
HETATM 1246 C C7  . NAG B 2 .   ? -3.151  -12.639 4.247   1.00 16.45 ? 1    NAG B C7  1 
HETATM 1247 C C8  . NAG B 2 .   ? -1.934  -11.942 4.806   1.00 14.80 ? 1    NAG B C8  1 
HETATM 1248 N N2  . NAG B 2 .   ? -3.007  -13.212 3.041   1.00 15.00 ? 1    NAG B N2  1 
HETATM 1249 O O3  . NAG B 2 .   ? -3.790  -15.943 3.509   1.00 14.71 ? 1    NAG B O3  1 
HETATM 1250 O O4  . NAG B 2 .   ? -4.340  -17.439 1.126   1.00 22.36 ? 1    NAG B O4  1 
HETATM 1251 O O5  . NAG B 2 .   ? -5.318  -14.035 0.249   1.00 14.36 ? 1    NAG B O5  1 
HETATM 1252 O O6  . NAG B 2 .   ? -7.334  -15.936 -0.263  1.00 19.35 ? 1    NAG B O6  1 
HETATM 1253 O O7  . NAG B 2 .   ? -4.206  -12.674 4.876   1.00 16.45 ? 1    NAG B O7  1 
HETATM 1254 C C1  . NAG B 2 .   ? -5.395  -18.403 1.333   1.00 24.45 ? 2    NAG B C1  1 
HETATM 1255 C C2  . NAG B 2 .   ? -4.941  -19.754 0.759   1.00 25.81 ? 2    NAG B C2  1 
HETATM 1256 C C3  . NAG B 2 .   ? -5.938  -20.866 1.070   1.00 29.74 ? 2    NAG B C3  1 
HETATM 1257 C C4  . NAG B 2 .   ? -6.299  -20.878 2.560   1.00 31.34 ? 2    NAG B C4  1 
HETATM 1258 C C5  . NAG B 2 .   ? -6.778  -19.467 2.933   1.00 30.85 ? 2    NAG B C5  1 
HETATM 1259 C C6  . NAG B 2 .   ? -7.256  -19.351 4.381   1.00 31.87 ? 2    NAG B C6  1 
HETATM 1260 C C7  . NAG B 2 .   ? -3.439  -19.489 -1.163  1.00 26.56 ? 2    NAG B C7  1 
HETATM 1261 C C8  . NAG B 2 .   ? -3.305  -19.421 -2.657  1.00 26.16 ? 2    NAG B C8  1 
HETATM 1262 N N2  . NAG B 2 .   ? -4.671  -19.677 -0.676  1.00 24.86 ? 2    NAG B N2  1 
HETATM 1263 O O3  . NAG B 2 .   ? -5.357  -22.081 0.675   1.00 29.85 ? 2    NAG B O3  1 
HETATM 1264 O O4  . NAG B 2 .   ? -7.284  -21.867 2.858   1.00 34.13 ? 2    NAG B O4  1 
HETATM 1265 O O5  . NAG B 2 .   ? -5.727  -18.539 2.705   1.00 26.47 ? 2    NAG B O5  1 
HETATM 1266 O O6  . NAG B 2 .   ? -6.222  -19.768 5.247   1.00 34.82 ? 2    NAG B O6  1 
HETATM 1267 O O7  . NAG B 2 .   ? -2.426  -19.350 -0.476  1.00 24.73 ? 2    NAG B O7  1 
HETATM 1268 C C1  . NAG C 3 .   ? -2.908  -1.587  19.123  1.00 29.60 ? 1240 NAG A C1  1 
HETATM 1269 C C2  . NAG C 3 .   ? -4.342  -1.986  19.394  1.00 31.40 ? 1240 NAG A C2  1 
HETATM 1270 C C3  . NAG C 3 .   ? -4.801  -1.537  20.781  1.00 33.81 ? 1240 NAG A C3  1 
HETATM 1271 C C4  . NAG C 3 .   ? -3.826  -2.043  21.837  1.00 35.01 ? 1240 NAG A C4  1 
HETATM 1272 C C5  . NAG C 3 .   ? -2.398  -1.636  21.487  1.00 35.50 ? 1240 NAG A C5  1 
HETATM 1273 C C6  . NAG C 3 .   ? -1.407  -2.232  22.485  1.00 35.61 ? 1240 NAG A C6  1 
HETATM 1274 C C7  . NAG C 3 .   ? -5.856  -2.143  17.508  1.00 31.76 ? 1240 NAG A C7  1 
HETATM 1275 C C8  . NAG C 3 .   ? -6.744  -1.408  16.540  1.00 31.29 ? 1240 NAG A C8  1 
HETATM 1276 N N2  . NAG C 3 .   ? -5.211  -1.399  18.400  1.00 31.39 ? 1240 NAG A N2  1 
HETATM 1277 O O3  . NAG C 3 .   ? -6.101  -2.043  21.019  1.00 33.79 ? 1240 NAG A O3  1 
HETATM 1278 O O4  . NAG C 3 .   ? -4.156  -1.534  23.114  1.00 37.57 ? 1240 NAG A O4  1 
HETATM 1279 O O5  . NAG C 3 .   ? -2.083  -2.082  20.178  1.00 31.74 ? 1240 NAG A O5  1 
HETATM 1280 O O6  . NAG C 3 .   ? -0.088  -2.002  22.040  1.00 37.76 ? 1240 NAG A O6  1 
HETATM 1281 O O7  . NAG C 3 .   ? -5.741  -3.372  17.469  1.00 31.99 ? 1240 NAG A O7  1 
HETATM 1282 C C1  . NAG D 3 .   ? 13.061  -2.360  -8.036  1.00 21.00 ? 1241 NAG A C1  1 
HETATM 1283 C C2  . NAG D 3 .   ? 13.300  -3.869  -8.258  1.00 23.85 ? 1241 NAG A C2  1 
HETATM 1284 C C3  . NAG D 3 .   ? 13.669  -4.573  -6.947  1.00 24.54 ? 1241 NAG A C3  1 
HETATM 1285 C C4  . NAG D 3 .   ? 14.775  -3.785  -6.246  1.00 24.65 ? 1241 NAG A C4  1 
HETATM 1286 C C5  . NAG D 3 .   ? 14.327  -2.343  -6.053  1.00 24.46 ? 1241 NAG A C5  1 
HETATM 1287 C C6  . NAG D 3 .   ? 15.347  -1.532  -5.257  1.00 26.13 ? 1241 NAG A C6  1 
HETATM 1288 C C7  . NAG D 3 .   ? 12.219  -5.037  -10.148 1.00 27.36 ? 1241 NAG A C7  1 
HETATM 1289 C C8  . NAG D 3 .   ? 10.948  -5.658  -10.691 1.00 23.21 ? 1241 NAG A C8  1 
HETATM 1290 N N2  . NAG D 3 .   ? 12.164  -4.521  -8.914  1.00 24.69 ? 1241 NAG A N2  1 
HETATM 1291 O O3  . NAG D 3 .   ? 14.062  -5.918  -7.159  1.00 24.62 ? 1241 NAG A O3  1 
HETATM 1292 O O4  . NAG D 3 .   ? 15.061  -4.353  -4.987  1.00 24.73 ? 1241 NAG A O4  1 
HETATM 1293 O O5  . NAG D 3 .   ? 14.133  -1.767  -7.327  1.00 22.70 ? 1241 NAG A O5  1 
HETATM 1294 O O6  . NAG D 3 .   ? 16.544  -1.491  -5.997  1.00 27.84 ? 1241 NAG A O6  1 
HETATM 1295 O O7  . NAG D 3 .   ? 13.252  -5.003  -10.846 1.00 28.46 ? 1241 NAG A O7  1 
HETATM 1296 C C1  . NAG E 3 .   ? 4.254   5.170   17.468  1.00 35.90 ? 1243 NAG A C1  1 
HETATM 1297 C C2  . NAG E 3 .   ? 5.512   4.307   17.433  1.00 39.02 ? 1243 NAG A C2  1 
HETATM 1298 C C3  . NAG E 3 .   ? 5.526   3.378   18.647  1.00 40.43 ? 1243 NAG A C3  1 
HETATM 1299 C C4  . NAG E 3 .   ? 5.208   4.104   19.962  1.00 41.31 ? 1243 NAG A C4  1 
HETATM 1300 C C5  . NAG E 3 .   ? 4.042   5.096   19.820  1.00 40.59 ? 1243 NAG A C5  1 
HETATM 1301 C C6  . NAG E 3 .   ? 3.851   5.985   21.056  1.00 41.66 ? 1243 NAG A C6  1 
HETATM 1302 C C7  . NAG E 3 .   ? 6.380   3.855   15.145  1.00 38.16 ? 1243 NAG A C7  1 
HETATM 1303 C C8  . NAG E 3 .   ? 6.342   2.928   13.966  1.00 36.63 ? 1243 NAG A C8  1 
HETATM 1304 N N2  . NAG E 3 .   ? 5.603   3.533   16.191  1.00 38.36 ? 1243 NAG A N2  1 
HETATM 1305 O O3  . NAG E 3 .   ? 6.809   2.807   18.733  1.00 41.19 ? 1243 NAG A O3  1 
HETATM 1306 O O4  . NAG E 3 .   ? 4.904   3.130   20.942  1.00 42.85 ? 1243 NAG A O4  1 
HETATM 1307 O O5  . NAG E 3 .   ? 4.241   5.914   18.674  1.00 38.64 ? 1243 NAG A O5  1 
HETATM 1308 O O6  . NAG E 3 .   ? 4.773   7.059   21.058  1.00 42.19 ? 1243 NAG A O6  1 
HETATM 1309 O O7  . NAG E 3 .   ? 7.107   4.845   15.088  1.00 37.17 ? 1243 NAG A O7  1 
HETATM 1310 O O   . HOH F 4 .   ? -5.562  -16.009 7.401   1.00 22.18 ? 2001 HOH A O   1 
HETATM 1311 O O   . HOH F 4 .   ? 8.579   8.783   13.366  1.00 35.42 ? 2002 HOH A O   1 
HETATM 1312 O O   . HOH F 4 .   ? -2.600  -17.779 6.864   1.00 26.53 ? 2003 HOH A O   1 
HETATM 1313 O O   . HOH F 4 .   ? -1.133  -23.034 -1.795  1.00 36.77 ? 2004 HOH A O   1 
HETATM 1314 O O   . HOH F 4 .   ? -9.880  18.130  -5.714  1.00 23.10 ? 2005 HOH A O   1 
HETATM 1315 O O   . HOH F 4 .   ? -1.664  18.025  -1.098  1.00 39.33 ? 2006 HOH A O   1 
HETATM 1316 O O   . HOH F 4 .   ? -2.871  17.899  -8.515  1.00 30.58 ? 2007 HOH A O   1 
HETATM 1317 O O   . HOH F 4 .   ? -1.258  12.248  -8.892  1.00 17.35 ? 2008 HOH A O   1 
HETATM 1318 O O   . HOH F 4 .   ? 1.825   12.238  -9.733  1.00 20.73 ? 2009 HOH A O   1 
HETATM 1319 O O   . HOH F 4 .   ? 4.962   12.673  -9.367  1.00 32.21 ? 2010 HOH A O   1 
HETATM 1320 O O   . HOH F 4 .   ? 7.754   7.978   -11.961 1.00 25.19 ? 2011 HOH A O   1 
HETATM 1321 O O   . HOH F 4 .   ? 15.175  -1.157  -10.605 1.00 30.40 ? 2012 HOH A O   1 
HETATM 1322 O O   . HOH F 4 .   ? 7.347   -6.987  -10.468 1.00 15.11 ? 2013 HOH A O   1 
HETATM 1323 O O   . HOH F 4 .   ? 10.779  -3.075  -13.733 1.00 15.61 ? 2014 HOH A O   1 
HETATM 1324 O O   . HOH F 4 .   ? 9.280   -0.779  -14.877 1.00 19.70 ? 2015 HOH A O   1 
HETATM 1325 O O   . HOH F 4 .   ? 10.686  -6.178  -5.437  1.00 25.14 ? 2016 HOH A O   1 
HETATM 1326 O O   . HOH F 4 .   ? 1.837   16.240  -2.777  1.00 36.79 ? 2017 HOH A O   1 
HETATM 1327 O O   . HOH F 4 .   ? 0.355   12.402  3.810   1.00 18.66 ? 2018 HOH A O   1 
HETATM 1328 O O   . HOH F 4 .   ? 1.807   16.899  5.488   1.00 26.62 ? 2019 HOH A O   1 
HETATM 1329 O O   . HOH F 4 .   ? 6.691   -5.277  1.624   1.00 23.50 ? 2020 HOH A O   1 
HETATM 1330 O O   . HOH F 4 .   ? 11.771  -5.278  -1.530  1.00 17.96 ? 2021 HOH A O   1 
HETATM 1331 O O   . HOH F 4 .   ? 6.439   -7.894  -7.744  1.00 23.91 ? 2022 HOH A O   1 
HETATM 1332 O O   . HOH F 4 .   ? 9.656   -14.769 -1.890  1.00 25.39 ? 2023 HOH A O   1 
HETATM 1333 O O   . HOH F 4 .   ? 4.376   -15.948 -6.382  1.00 24.17 ? 2024 HOH A O   1 
HETATM 1334 O O   . HOH F 4 .   ? 7.927   -10.309 -4.849  1.00 35.04 ? 2025 HOH A O   1 
HETATM 1335 O O   . HOH F 4 .   ? 4.611   -7.415  2.002   1.00 19.28 ? 2026 HOH A O   1 
HETATM 1336 O O   . HOH F 4 .   ? 0.641   -13.878 6.016   1.00 20.55 ? 2027 HOH A O   1 
HETATM 1337 O O   . HOH F 4 .   ? -6.758  -15.401 11.052  1.00 32.45 ? 2028 HOH A O   1 
HETATM 1338 O O   . HOH F 4 .   ? -10.948 -10.291 4.504   1.00 30.78 ? 2029 HOH A O   1 
HETATM 1339 O O   . HOH F 4 .   ? -2.777  10.240  -9.856  1.00 25.90 ? 2030 HOH A O   1 
HETATM 1340 O O   . HOH F 4 .   ? -7.676  -10.629 17.135  1.00 44.25 ? 2031 HOH A O   1 
HETATM 1341 O O   . HOH F 4 .   ? 1.273   10.332  -11.863 1.00 30.26 ? 2032 HOH A O   1 
HETATM 1342 O O   . HOH F 4 .   ? -1.368  -6.739  16.573  1.00 25.54 ? 2033 HOH A O   1 
HETATM 1343 O O   . HOH F 4 .   ? 2.243   -10.850 20.275  1.00 20.27 ? 2034 HOH A O   1 
HETATM 1344 O O   . HOH F 4 .   ? 13.548  -2.142  -13.975 1.00 29.11 ? 2035 HOH A O   1 
HETATM 1345 O O   . HOH F 4 .   ? 1.953   -10.702 11.851  1.00 18.40 ? 2036 HOH A O   1 
HETATM 1346 O O   . HOH F 4 .   ? 2.934   -7.144  12.794  1.00 9.52  ? 2037 HOH A O   1 
HETATM 1347 O O   . HOH F 4 .   ? -6.769  -8.472  15.099  1.00 34.60 ? 2038 HOH A O   1 
HETATM 1348 O O   . HOH F 4 .   ? -0.235  -5.391  14.555  1.00 9.55  ? 2039 HOH A O   1 
HETATM 1349 O O   . HOH F 4 .   ? -8.521  -4.942  14.001  1.00 13.97 ? 2040 HOH A O   1 
HETATM 1350 O O   . HOH F 4 .   ? -9.628  -2.334  13.376  1.00 15.82 ? 2041 HOH A O   1 
HETATM 1351 O O   . HOH F 4 .   ? -7.374  -8.423  11.973  1.00 16.67 ? 2042 HOH A O   1 
HETATM 1352 O O   . HOH F 4 .   ? -9.816  -8.650  7.900   1.00 27.93 ? 2043 HOH A O   1 
HETATM 1353 O O   . HOH F 4 .   ? -10.753 -6.580  14.176  1.00 24.87 ? 2044 HOH A O   1 
HETATM 1354 O O   . HOH F 4 .   ? -17.630 -0.850  10.107  1.00 20.40 ? 2045 HOH A O   1 
HETATM 1355 O O   . HOH F 4 .   ? -16.327 5.679   9.143   1.00 9.67  ? 2046 HOH A O   1 
HETATM 1356 O O   . HOH F 4 .   ? -16.439 9.469   8.461   1.00 11.54 ? 2047 HOH A O   1 
HETATM 1357 O O   . HOH F 4 .   ? -9.387  5.457   14.458  1.00 30.82 ? 2048 HOH A O   1 
HETATM 1358 O O   . HOH F 4 .   ? -14.152 0.101   12.398  1.00 16.21 ? 2049 HOH A O   1 
HETATM 1359 O O   . HOH F 4 .   ? -12.687 -8.772  8.163   1.00 31.60 ? 2050 HOH A O   1 
HETATM 1360 O O   . HOH F 4 .   ? -15.587 -2.294  13.491  1.00 35.67 ? 2051 HOH A O   1 
HETATM 1361 O O   . HOH F 4 .   ? 2.847   2.499   12.146  1.00 13.74 ? 2052 HOH A O   1 
HETATM 1362 O O   . HOH F 4 .   ? 3.834   4.739   12.248  1.00 35.90 ? 2053 HOH A O   1 
HETATM 1363 O O   . HOH F 4 .   ? 0.941   9.584   17.520  1.00 36.00 ? 2054 HOH A O   1 
HETATM 1364 O O   . HOH F 4 .   ? -2.965  8.928   10.510  1.00 37.60 ? 2055 HOH A O   1 
HETATM 1365 O O   . HOH F 4 .   ? -5.199  10.065  -10.457 1.00 31.71 ? 2056 HOH A O   1 
HETATM 1366 O O   . HOH F 4 .   ? -5.046  12.749  7.408   1.00 12.92 ? 2057 HOH A O   1 
HETATM 1367 O O   . HOH F 4 .   ? 0.269   13.627  14.099  1.00 29.45 ? 2058 HOH A O   1 
HETATM 1368 O O   . HOH F 4 .   ? -2.886  14.458  16.086  1.00 12.79 ? 2059 HOH A O   1 
HETATM 1369 O O   . HOH F 4 .   ? -6.164  12.043  10.887  1.00 10.06 ? 2060 HOH A O   1 
HETATM 1370 O O   . HOH F 4 .   ? -5.215  11.312  13.590  1.00 14.08 ? 2061 HOH A O   1 
HETATM 1371 O O   . HOH F 4 .   ? 0.454   14.810  11.738  1.00 23.99 ? 2062 HOH A O   1 
HETATM 1372 O O   . HOH F 4 .   ? -3.843  15.942  10.213  1.00 20.02 ? 2063 HOH A O   1 
HETATM 1373 O O   . HOH F 4 .   ? -8.426  9.465   -7.586  1.00 22.79 ? 2064 HOH A O   1 
HETATM 1374 O O   . HOH F 4 .   ? -12.077 3.193   -9.299  1.00 33.05 ? 2065 HOH A O   1 
HETATM 1375 O O   . HOH F 4 .   ? -7.079  8.482   -9.601  1.00 28.19 ? 2066 HOH A O   1 
HETATM 1376 O O   . HOH F 4 .   ? -22.016 1.105   -1.939  1.00 21.78 ? 2067 HOH A O   1 
HETATM 1377 O O   . HOH F 4 .   ? -0.838  16.306  4.803   1.00 24.21 ? 2068 HOH A O   1 
HETATM 1378 O O   . HOH F 4 .   ? -15.227 -9.697  -1.002  1.00 22.36 ? 2069 HOH A O   1 
HETATM 1379 O O   . HOH F 4 .   ? -1.589  -20.772 -14.591 1.00 25.62 ? 2070 HOH A O   1 
HETATM 1380 O O   . HOH F 4 .   ? -9.187  10.603  -0.078  1.00 14.21 ? 2071 HOH A O   1 
HETATM 1381 O O   . HOH F 4 .   ? -2.735  -5.808  20.455  1.00 37.36 ? 2072 HOH A O   1 
HETATM 1382 O O   . HOH F 4 .   ? -8.785  8.923   -4.810  1.00 12.38 ? 2073 HOH A O   1 
HETATM 1383 O O   . HOH F 4 .   ? 10.722  -4.359  16.438  1.00 12.13 ? 2074 HOH A O   1 
HETATM 1384 O O   . HOH F 4 .   ? -12.645 4.029   -6.388  1.00 23.65 ? 2075 HOH A O   1 
HETATM 1385 O O   . HOH F 4 .   ? -9.531  2.494   -9.870  1.00 18.51 ? 2076 HOH A O   1 
HETATM 1386 O O   . HOH F 4 .   ? -8.102  5.969   -10.065 1.00 28.37 ? 2077 HOH A O   1 
HETATM 1387 O O   . HOH F 4 .   ? -9.402  -11.394 0.559   1.00 23.30 ? 2078 HOH A O   1 
HETATM 1388 O O   . HOH F 4 .   ? -13.825 2.937   -4.483  1.00 21.36 ? 2079 HOH A O   1 
HETATM 1389 O O   . HOH F 4 .   ? -12.121 -1.503  4.160   1.00 15.15 ? 2080 HOH A O   1 
HETATM 1390 O O   . HOH F 4 .   ? -11.658 -5.048  -12.430 1.00 23.71 ? 2081 HOH A O   1 
HETATM 1391 O O   . HOH F 4 .   ? -17.941 -3.098  -4.879  1.00 25.49 ? 2082 HOH A O   1 
HETATM 1392 O O   . HOH F 4 .   ? -20.574 -0.345  -3.671  1.00 28.55 ? 2083 HOH A O   1 
HETATM 1393 O O   . HOH F 4 .   ? -19.511 1.698   -1.208  1.00 15.24 ? 2084 HOH A O   1 
HETATM 1394 O O   . HOH F 4 .   ? -17.320 0.825   -5.321  1.00 28.07 ? 2085 HOH A O   1 
HETATM 1395 O O   . HOH F 4 .   ? -18.180 3.028   -3.168  1.00 24.79 ? 2086 HOH A O   1 
HETATM 1396 O O   . HOH F 4 .   ? -12.538 -0.120  -10.590 1.00 23.21 ? 2087 HOH A O   1 
HETATM 1397 O O   . HOH F 4 .   ? -14.671 -9.020  -4.305  1.00 31.52 ? 2088 HOH A O   1 
HETATM 1398 O O   . HOH F 4 .   ? -14.710 -5.792  -9.764  1.00 20.45 ? 2089 HOH A O   1 
HETATM 1399 O O   . HOH F 4 .   ? -15.379 3.447   -0.686  1.00 9.05  ? 2090 HOH A O   1 
HETATM 1400 O O   . HOH F 4 .   ? -18.695 -2.528  5.952   1.00 9.94  ? 2091 HOH A O   1 
HETATM 1401 O O   . HOH F 4 .   ? -17.777 2.630   0.488   1.00 8.67  ? 2092 HOH A O   1 
HETATM 1402 O O   . HOH F 4 .   ? -15.642 -8.311  1.508   1.00 19.93 ? 2093 HOH A O   1 
HETATM 1403 O O   . HOH F 4 .   ? -19.158 -7.586  0.445   1.00 21.59 ? 2094 HOH A O   1 
HETATM 1404 O O   . HOH F 4 .   ? -0.791  8.556   -18.715 1.00 20.17 ? 2095 HOH A O   1 
HETATM 1405 O O   . HOH F 4 .   ? -17.102 -5.673  -3.432  1.00 27.87 ? 2096 HOH A O   1 
HETATM 1406 O O   . HOH F 4 .   ? -13.941 -6.623  -5.008  1.00 13.99 ? 2097 HOH A O   1 
HETATM 1407 O O   . HOH F 4 .   ? -8.045  -4.623  1.170   1.00 9.41  ? 2098 HOH A O   1 
HETATM 1408 O O   . HOH F 4 .   ? 12.184  -9.608  -16.016 1.00 24.52 ? 2099 HOH A O   1 
HETATM 1409 O O   . HOH F 4 .   ? -9.096  -8.496  5.138   1.00 13.47 ? 2100 HOH A O   1 
HETATM 1410 O O   . HOH F 4 .   ? -6.515  -8.307  3.541   1.00 20.41 ? 2101 HOH A O   1 
HETATM 1411 O O   . HOH F 4 .   ? 6.322   -10.446 -7.058  1.00 37.20 ? 2102 HOH A O   1 
HETATM 1412 O O   . HOH F 4 .   ? 0.256   -19.908 -13.855 1.00 24.43 ? 2103 HOH A O   1 
HETATM 1413 O O   . HOH F 4 .   ? -3.977  -19.260 -15.372 1.00 24.54 ? 2104 HOH A O   1 
HETATM 1414 O O   . HOH F 4 .   ? 7.035   -6.162  7.485   1.00 18.32 ? 2105 HOH A O   1 
HETATM 1415 O O   . HOH F 4 .   ? 4.261   -8.404  10.777  1.00 11.44 ? 2106 HOH A O   1 
HETATM 1416 O O   . HOH F 4 .   ? 0.741   -0.039  9.662   1.00 5.85  ? 2107 HOH A O   1 
HETATM 1417 O O   . HOH F 4 .   ? 8.415   -4.268  8.262   1.00 11.15 ? 2108 HOH A O   1 
HETATM 1418 O O   . HOH F 4 .   ? -3.396  1.871   17.807  1.00 24.94 ? 2109 HOH A O   1 
HETATM 1419 O O   . HOH F 4 .   ? -3.066  -4.926  17.786  1.00 31.43 ? 2110 HOH A O   1 
HETATM 1420 O O   . HOH F 4 .   ? -4.963  8.343   15.158  1.00 23.36 ? 2111 HOH A O   1 
HETATM 1421 O O   . HOH F 4 .   ? 5.015   -3.043  20.718  1.00 26.35 ? 2112 HOH A O   1 
HETATM 1422 O O   . HOH F 4 .   ? 15.153  4.632   9.614   1.00 35.31 ? 2113 HOH A O   1 
HETATM 1423 O O   . HOH F 4 .   ? 4.919   -6.783  19.094  1.00 24.56 ? 2114 HOH A O   1 
HETATM 1424 O O   . HOH F 4 .   ? 0.005   -7.583  18.713  1.00 22.56 ? 2115 HOH A O   1 
HETATM 1425 O O   . HOH F 4 .   ? 4.528   -8.150  15.241  1.00 12.85 ? 2116 HOH A O   1 
HETATM 1426 O O   . HOH F 4 .   ? 3.815   0.166   13.402  1.00 12.45 ? 2117 HOH A O   1 
HETATM 1427 O O   . HOH F 4 .   ? 14.961  12.993  -1.061  1.00 27.04 ? 2118 HOH A O   1 
HETATM 1428 O O   . HOH F 4 .   ? 6.923   -1.677  19.863  1.00 26.05 ? 2119 HOH A O   1 
HETATM 1429 O O   . HOH F 4 .   ? 9.746   3.058   15.447  1.00 17.84 ? 2120 HOH A O   1 
HETATM 1430 O O   . HOH F 4 .   ? 10.661  -4.943  9.404   1.00 11.18 ? 2121 HOH A O   1 
HETATM 1431 O O   . HOH F 4 .   ? 6.276   -5.683  14.941  1.00 7.93  ? 2122 HOH A O   1 
HETATM 1432 O O   . HOH F 4 .   ? 7.772   -4.117  16.791  1.00 6.33  ? 2123 HOH A O   1 
HETATM 1433 O O   . HOH F 4 .   ? 14.784  14.383  -4.780  1.00 36.51 ? 2124 HOH A O   1 
HETATM 1434 O O   . HOH F 4 .   ? 11.730  13.192  -2.555  1.00 31.67 ? 2125 HOH A O   1 
HETATM 1435 O O   . HOH F 4 .   ? -3.141  -8.542  3.281   1.00 23.38 ? 2126 HOH A O   1 
HETATM 1436 O O   . HOH F 4 .   ? 4.331   -7.888  4.845   1.00 14.92 ? 2127 HOH A O   1 
HETATM 1437 O O   . HOH F 4 .   ? -8.250  -9.109  -0.396  1.00 12.64 ? 2128 HOH A O   1 
HETATM 1438 O O   . HOH F 4 .   ? -6.991  -7.133  1.221   1.00 10.08 ? 2129 HOH A O   1 
HETATM 1439 O O   . HOH F 4 .   ? -6.187  -11.179 3.305   1.00 22.70 ? 2130 HOH A O   1 
HETATM 1440 O O   . HOH F 4 .   ? -4.445  -13.245 -15.200 1.00 22.01 ? 2131 HOH A O   1 
HETATM 1441 O O   . HOH F 4 .   ? -1.757  -15.475 -14.405 1.00 15.13 ? 2132 HOH A O   1 
HETATM 1442 O O   . HOH F 4 .   ? -13.073 -13.521 -5.961  1.00 16.43 ? 2133 HOH A O   1 
HETATM 1443 O O   . HOH F 4 .   ? -13.536 -15.999 -7.958  1.00 47.01 ? 2134 HOH A O   1 
HETATM 1444 O O   . HOH F 4 .   ? -8.331  -13.743 1.225   1.00 25.99 ? 2135 HOH A O   1 
HETATM 1445 O O   . HOH F 4 .   ? -6.700  -11.453 -8.065  1.00 13.96 ? 2136 HOH A O   1 
HETATM 1446 O O   . HOH F 4 .   ? -12.540 -7.345  -10.658 1.00 14.65 ? 2137 HOH A O   1 
HETATM 1447 O O   . HOH F 4 .   ? -12.500 -10.901 -4.542  1.00 11.81 ? 2138 HOH A O   1 
HETATM 1448 O O   . HOH F 4 .   ? -6.705  -6.404  -13.551 1.00 21.44 ? 2139 HOH A O   1 
HETATM 1449 O O   . HOH F 4 .   ? -9.864  -0.228  -10.180 1.00 10.67 ? 2140 HOH A O   1 
HETATM 1450 O O   . HOH F 4 .   ? -16.264 -3.029  -6.629  1.00 35.19 ? 2141 HOH A O   1 
HETATM 1451 O O   . HOH F 4 .   ? -15.324 -5.551  -7.120  1.00 21.97 ? 2142 HOH A O   1 
HETATM 1452 O O   . HOH F 4 .   ? -15.148 -0.497  -6.468  1.00 34.30 ? 2143 HOH A O   1 
HETATM 1453 O O   . HOH F 4 .   ? -6.165  -10.175 -13.450 1.00 36.68 ? 2144 HOH A O   1 
HETATM 1454 O O   . HOH F 4 .   ? -4.589  -8.122  -13.469 1.00 34.72 ? 2145 HOH A O   1 
HETATM 1455 O O   . HOH F 4 .   ? -0.970  -5.920  -16.840 1.00 23.97 ? 2146 HOH A O   1 
HETATM 1456 O O   . HOH F 4 .   ? -1.816  6.895   -15.928 1.00 38.38 ? 2147 HOH A O   1 
HETATM 1457 O O   . HOH F 4 .   ? 2.269   7.458   -12.552 1.00 31.57 ? 2148 HOH A O   1 
HETATM 1458 O O   . HOH F 4 .   ? 0.577   6.722   -15.179 1.00 26.39 ? 2149 HOH A O   1 
HETATM 1459 O O   . HOH F 4 .   ? -1.334  8.761   -12.027 1.00 17.12 ? 2150 HOH A O   1 
HETATM 1460 O O   . HOH F 4 .   ? -0.494  2.326   -21.059 1.00 30.90 ? 2151 HOH A O   1 
HETATM 1461 O O   . HOH F 4 .   ? 2.828   -1.025  -20.248 1.00 18.55 ? 2152 HOH A O   1 
HETATM 1462 O O   . HOH F 4 .   ? 3.826   -2.490  -18.509 1.00 28.84 ? 2153 HOH A O   1 
HETATM 1463 O O   . HOH F 4 .   ? 3.994   3.884   -15.136 1.00 16.28 ? 2154 HOH A O   1 
HETATM 1464 O O   . HOH F 4 .   ? 6.938   -2.069  -15.718 1.00 15.92 ? 2155 HOH A O   1 
HETATM 1465 O O   . HOH F 4 .   ? 9.472   -9.402  -16.818 1.00 29.25 ? 2156 HOH A O   1 
HETATM 1466 O O   . HOH F 4 .   ? 10.443  -5.104  -15.175 1.00 27.35 ? 2157 HOH A O   1 
HETATM 1467 O O   . HOH F 4 .   ? -3.811  -9.272  -15.229 1.00 28.21 ? 2158 HOH A O   1 
HETATM 1468 O O   . HOH F 4 .   ? 4.341   -12.336 -7.791  1.00 22.33 ? 2159 HOH A O   1 
HETATM 1469 O O   . HOH F 4 .   ? 5.841   -12.813 -11.100 1.00 22.91 ? 2160 HOH A O   1 
HETATM 1470 O O   . HOH F 4 .   ? -7.801  -20.099 -12.120 1.00 31.09 ? 2161 HOH A O   1 
HETATM 1471 O O   . HOH F 4 .   ? 1.100   -20.242 -10.795 1.00 21.85 ? 2162 HOH A O   1 
HETATM 1472 O O   . HOH F 4 .   ? -5.409  -21.760 -9.099  1.00 33.43 ? 2163 HOH A O   1 
HETATM 1473 O O   . HOH F 4 .   ? -3.954  -16.676 -14.128 1.00 28.66 ? 2164 HOH A O   1 
HETATM 1474 O O   . HOH F 4 .   ? 0.606   -17.138 -13.258 1.00 15.84 ? 2165 HOH A O   1 
HETATM 1475 O O   . HOH F 4 .   ? -1.331  -14.051 -7.019  1.00 8.65  ? 2166 HOH A O   1 
HETATM 1476 O O   . HOH F 4 .   ? 2.299   -14.223 -6.888  1.00 10.28 ? 2167 HOH A O   1 
HETATM 1477 O O   . HOH F 4 .   ? 1.025   -14.697 2.700   1.00 16.46 ? 2168 HOH A O   1 
HETATM 1478 O O   . HOH F 4 .   ? 3.914   -6.256  -1.209  1.00 17.68 ? 2169 HOH A O   1 
HETATM 1479 O O   . HOH F 4 .   ? 6.202   -1.455  0.819   1.00 13.09 ? 2170 HOH A O   1 
HETATM 1480 O O   . HOH F 4 .   ? 2.895   7.665   10.336  1.00 27.36 ? 2171 HOH A O   1 
HETATM 1481 O O   . HOH F 4 .   ? 7.547   8.473   9.151   1.00 28.35 ? 2172 HOH A O   1 
HETATM 1482 O O   . HOH F 4 .   ? 7.055   10.335  5.518   1.00 12.71 ? 2173 HOH A O   1 
HETATM 1483 O O   . HOH F 4 .   ? 13.331  4.537   11.448  1.00 23.77 ? 2174 HOH A O   1 
HETATM 1484 O O   . HOH F 4 .   ? 13.409  6.767   5.488   1.00 24.15 ? 2175 HOH A O   1 
HETATM 1485 O O   . HOH F 4 .   ? 3.440   5.397   9.809   1.00 37.76 ? 2176 HOH A O   1 
HETATM 1486 O O   . HOH F 4 .   ? 11.632  -2.419  10.397  1.00 12.01 ? 2177 HOH A O   1 
HETATM 1487 O O   . HOH F 4 .   ? 9.057   -3.362  5.580   1.00 11.26 ? 2178 HOH A O   1 
HETATM 1488 O O   . HOH F 4 .   ? 14.122  3.279   7.723   1.00 19.07 ? 2179 HOH A O   1 
HETATM 1489 O O   . HOH F 4 .   ? 14.148  4.628   4.039   1.00 16.61 ? 2180 HOH A O   1 
HETATM 1490 O O   . HOH F 4 .   ? 17.738  -1.692  3.520   1.00 24.64 ? 2181 HOH A O   1 
HETATM 1491 O O   . HOH F 4 .   ? 21.184  2.010   -0.656  1.00 28.92 ? 2182 HOH A O   1 
HETATM 1492 O O   . HOH F 4 .   ? 19.314  4.692   1.021   1.00 14.92 ? 2183 HOH A O   1 
HETATM 1493 O O   . HOH F 4 .   ? 15.222  10.964  0.918   1.00 32.29 ? 2184 HOH A O   1 
HETATM 1494 O O   . HOH F 4 .   ? 12.364  13.489  -5.154  1.00 26.91 ? 2185 HOH A O   1 
HETATM 1495 O O   . HOH F 4 .   ? 16.477  12.998  -3.130  1.00 31.06 ? 2186 HOH A O   1 
HETATM 1496 O O   . HOH F 4 .   ? 7.899   10.532  -10.423 1.00 33.59 ? 2187 HOH A O   1 
HETATM 1497 O O   . HOH F 4 .   ? 6.172   18.526  -8.996  1.00 38.64 ? 2188 HOH A O   1 
HETATM 1498 O O   . HOH F 4 .   ? -6.978  -5.167  16.245  1.00 27.70 ? 2189 HOH A O   1 
HETATM 1499 O O   . HOH F 4 .   ? 16.666  -0.091  -8.258  1.00 35.79 ? 2190 HOH A O   1 
HETATM 1500 O O   . HOH F 4 .   ? 13.092  -5.723  -3.679  1.00 28.10 ? 2191 HOH A O   1 
HETATM 1501 O O   . HOH F 4 .   ? -1.841  -15.626 5.401   1.00 31.46 ? 2192 HOH A O   1 
HETATM 1502 O O   . HOH F 4 .   ? -8.592  -18.172 -1.209  1.00 30.29 ? 2193 HOH A O   1 
HETATM 1503 O O   . HOH F 4 .   ? -6.166  -15.806 4.820   1.00 20.78 ? 2194 HOH A O   1 
HETATM 1504 O O   . HOH F 4 .   ? -4.146  -13.531 7.228   1.00 13.69 ? 2195 HOH A O   1 
HETATM 1505 O O   . HOH F 4 .   ? 8.610   5.709   13.392  1.00 27.03 ? 2196 HOH A O   1 
HETATM 1506 O O   . HOH F 4 .   ? -1.230  -18.775 1.830   1.00 23.94 ? 2197 HOH A O   1 
HETATM 1507 O O   . HOH F 4 .   ? -0.080  -20.207 -1.886  1.00 24.67 ? 2198 HOH A O   1 
# 
